data_7A9V
#
_entry.id   7A9V
#
_cell.length_a   99.199
_cell.length_b   111.155
_cell.length_c   159.684
_cell.angle_alpha   90.000
_cell.angle_beta   90.000
_cell.angle_gamma   90.000
#
_symmetry.space_group_name_H-M   'P 21 21 21'
#
loop_
_entity.id
_entity.type
_entity.pdbx_description
1 polymer "cAMP-specific 3',5'-cyclic phosphodiesterase 4D"
2 non-polymer 'ZINC ION'
3 non-polymer 'MAGNESIUM ION'
4 non-polymer 1,2-ETHANEDIOL
5 non-polymer '4-(2-HYDROXYETHYL)-1-PIPERAZINE ETHANESULFONIC ACID'
6 non-polymer 1-cycloheptyl-3-[4-methoxy-3-(2-phenylethoxy)phenyl]-4,4-dimethyl-4,5-dihydro-1H-pyrazol-5-one
7 non-polymer DI(HYDROXYETHYL)ETHER
8 water water
#
_entity_poly.entity_id   1
_entity_poly.type   'polypeptide(L)'
_entity_poly.pdbx_seq_one_letter_code
;GSHMIPRFGVKTEQEDVLAKELEDVNKWGLHVFRIAELSGNRPLTVIMHTIFQERDLLKTFKIPVDTLITYLMTLEDHYH
ADVAYHNNIHAADVVQSTHVLLSTPALEAVFTDLEILAAIFASAIHDVDHPGVSNQFLINTNSELALMYNDSSVLENHHL
AVGFKLLQEENCDIFQNLTKKQRQSLRKMVIDIVLATDMSKHMNLLADLKTMVETKKVTSSGVLLLDNYSDRIQVLQNMV
HCADLSNPTKPLQLYRQWTDRIMEEFFRQGDRERERGMEISPMCDKHNASVEKSQVGFIDYIVHPLWETWADLVHPDAQD
ILDTLEDNREWYQSTIPQSPSPAPDDPEEGRQGQTEKFQFELTL
;
_entity_poly.pdbx_strand_id   A,B,C,D
#
loop_
_chem_comp.id
_chem_comp.type
_chem_comp.name
_chem_comp.formula
EDO non-polymer 1,2-ETHANEDIOL 'C2 H6 O2'
EPE non-polymer '4-(2-HYDROXYETHYL)-1-PIPERAZINE ETHANESULFONIC ACID' 'C8 H18 N2 O4 S'
MG non-polymer 'MAGNESIUM ION' 'Mg 2'
PEG non-polymer DI(HYDROXYETHYL)ETHER 'C4 H10 O3'
R5Z non-polymer 1-cycloheptyl-3-[4-methoxy-3-(2-phenylethoxy)phenyl]-4,4-dimethyl-4,5-dihydro-1H-pyrazol-5-one 'C27 H34 N2 O3'
ZN non-polymer 'ZINC ION' 'Zn 2'
#
# COMPACT_ATOMS: atom_id res chain seq x y z
N GLY A 9 -41.35 12.37 -10.37
CA GLY A 9 -41.62 11.77 -8.99
C GLY A 9 -41.72 10.25 -8.96
N VAL A 10 -42.20 9.64 -10.04
CA VAL A 10 -42.32 8.15 -10.20
C VAL A 10 -41.38 7.69 -11.32
N LYS A 11 -41.16 6.37 -11.40
CA LYS A 11 -40.12 5.72 -12.22
C LYS A 11 -40.36 5.87 -13.72
N THR A 12 -39.28 5.76 -14.49
CA THR A 12 -39.26 5.66 -15.98
C THR A 12 -39.79 4.30 -16.37
N GLU A 13 -40.10 4.07 -17.66
CA GLU A 13 -40.62 2.75 -18.11
C GLU A 13 -39.53 1.69 -17.91
N GLN A 14 -38.25 2.05 -18.05
CA GLN A 14 -37.14 1.09 -17.83
C GLN A 14 -37.09 0.68 -16.35
N GLU A 15 -37.07 1.65 -15.44
CA GLU A 15 -37.12 1.44 -13.96
C GLU A 15 -38.30 0.53 -13.58
N ASP A 16 -39.43 0.59 -14.29
CA ASP A 16 -40.65 -0.18 -13.94
C ASP A 16 -40.43 -1.64 -14.34
N VAL A 17 -39.87 -1.90 -15.54
CA VAL A 17 -39.55 -3.28 -16.01
C VAL A 17 -38.51 -3.92 -15.07
N LEU A 18 -37.55 -3.12 -14.59
CA LEU A 18 -36.52 -3.57 -13.62
C LEU A 18 -37.20 -3.99 -12.31
N ALA A 19 -38.12 -3.19 -11.80
CA ALA A 19 -38.83 -3.44 -10.52
C ALA A 19 -39.68 -4.71 -10.67
N LYS A 20 -40.28 -4.94 -11.82
CA LYS A 20 -41.08 -6.17 -12.08
C LYS A 20 -40.14 -7.39 -12.06
N GLU A 21 -38.95 -7.28 -12.64
CA GLU A 21 -37.94 -8.40 -12.61
C GLU A 21 -37.49 -8.65 -11.16
N LEU A 22 -37.41 -7.61 -10.34
CA LEU A 22 -36.88 -7.69 -8.95
C LEU A 22 -37.93 -8.33 -8.02
N GLU A 23 -39.15 -8.54 -8.49
CA GLU A 23 -40.21 -9.28 -7.74
C GLU A 23 -39.82 -10.76 -7.61
N ASP A 24 -38.90 -11.27 -8.43
CA ASP A 24 -38.38 -12.67 -8.34
C ASP A 24 -37.18 -12.75 -7.37
N VAL A 25 -36.91 -11.71 -6.60
CA VAL A 25 -35.63 -11.59 -5.80
C VAL A 25 -35.56 -12.71 -4.76
N ASN A 26 -36.70 -13.29 -4.34
CA ASN A 26 -36.76 -14.34 -3.30
C ASN A 26 -36.77 -15.72 -3.96
N LYS A 27 -36.55 -15.80 -5.27
CA LYS A 27 -36.65 -17.07 -6.03
C LYS A 27 -35.31 -17.48 -6.63
N TRP A 28 -34.99 -18.76 -6.53
CA TRP A 28 -33.91 -19.42 -7.28
C TRP A 28 -34.17 -19.24 -8.78
N GLY A 29 -33.24 -18.70 -9.53
CA GLY A 29 -33.41 -18.54 -10.99
C GLY A 29 -33.86 -17.14 -11.39
N LEU A 30 -33.67 -16.14 -10.53
CA LEU A 30 -33.78 -14.71 -10.89
C LEU A 30 -33.10 -14.48 -12.25
N HIS A 31 -33.70 -13.63 -13.09
CA HIS A 31 -33.16 -13.24 -14.43
C HIS A 31 -32.07 -12.18 -14.21
N VAL A 32 -30.93 -12.60 -13.69
CA VAL A 32 -29.92 -11.65 -13.17
C VAL A 32 -29.24 -10.95 -14.35
N PHE A 33 -29.11 -11.62 -15.50
CA PHE A 33 -28.54 -11.00 -16.71
C PHE A 33 -29.48 -9.90 -17.21
N ARG A 34 -30.79 -10.14 -17.16
CA ARG A 34 -31.80 -9.15 -17.60
C ARG A 34 -31.73 -7.96 -16.63
N ILE A 35 -31.63 -8.22 -15.33
CA ILE A 35 -31.47 -7.14 -14.32
C ILE A 35 -30.19 -6.35 -14.59
N ALA A 36 -29.11 -6.99 -15.00
CA ALA A 36 -27.85 -6.28 -15.35
C ALA A 36 -28.12 -5.30 -16.52
N GLU A 37 -28.79 -5.76 -17.58
CA GLU A 37 -29.07 -4.89 -18.77
C GLU A 37 -29.96 -3.73 -18.34
N LEU A 38 -31.07 -4.02 -17.66
CA LEU A 38 -32.14 -3.05 -17.32
C LEU A 38 -31.65 -2.00 -16.32
N SER A 39 -30.72 -2.37 -15.43
CA SER A 39 -30.18 -1.47 -14.39
C SER A 39 -29.02 -0.62 -14.93
N GLY A 40 -28.67 -0.72 -16.22
CA GLY A 40 -27.47 -0.03 -16.75
C GLY A 40 -26.19 -0.58 -16.15
N ASN A 41 -26.06 -1.89 -16.07
CA ASN A 41 -24.91 -2.63 -15.46
C ASN A 41 -24.80 -2.27 -13.96
N ARG A 42 -25.92 -2.26 -13.25
CA ARG A 42 -25.94 -2.03 -11.78
C ARG A 42 -26.69 -3.15 -11.09
N PRO A 43 -26.49 -4.43 -11.49
CA PRO A 43 -27.19 -5.53 -10.84
C PRO A 43 -26.86 -5.60 -9.34
N LEU A 44 -25.60 -5.41 -8.95
CA LEU A 44 -25.18 -5.58 -7.53
C LEU A 44 -25.84 -4.49 -6.70
N THR A 45 -25.81 -3.24 -7.17
CA THR A 45 -26.41 -2.09 -6.47
C THR A 45 -27.91 -2.33 -6.30
N VAL A 46 -28.65 -2.63 -7.37
CA VAL A 46 -30.12 -2.70 -7.27
C VAL A 46 -30.54 -3.93 -6.45
N ILE A 47 -29.87 -5.07 -6.63
CA ILE A 47 -30.23 -6.32 -5.90
C ILE A 47 -29.87 -6.13 -4.42
N MET A 48 -28.71 -5.57 -4.10
CA MET A 48 -28.34 -5.32 -2.67
C MET A 48 -29.36 -4.37 -2.03
N HIS A 49 -29.73 -3.28 -2.72
CA HIS A 49 -30.72 -2.30 -2.20
C HIS A 49 -32.04 -3.02 -1.93
N THR A 50 -32.55 -3.79 -2.91
CA THR A 50 -33.82 -4.53 -2.76
C THR A 50 -33.74 -5.44 -1.52
N ILE A 51 -32.64 -6.18 -1.35
CA ILE A 51 -32.53 -7.16 -0.25
C ILE A 51 -32.45 -6.41 1.08
N PHE A 52 -31.67 -5.34 1.16
CA PHE A 52 -31.56 -4.50 2.38
C PHE A 52 -32.94 -3.98 2.80
N GLN A 53 -33.75 -3.46 1.87
CA GLN A 53 -35.14 -2.99 2.12
C GLN A 53 -35.99 -4.18 2.59
N GLU A 54 -36.04 -5.25 1.81
CA GLU A 54 -36.86 -6.46 2.12
C GLU A 54 -36.55 -6.96 3.54
N ARG A 55 -35.28 -6.99 3.94
CA ARG A 55 -34.88 -7.57 5.27
C ARG A 55 -34.81 -6.47 6.33
N ASP A 56 -35.19 -5.23 5.99
CA ASP A 56 -35.26 -4.07 6.92
C ASP A 56 -33.88 -3.75 7.53
N LEU A 57 -32.79 -3.95 6.79
CA LEU A 57 -31.42 -3.82 7.35
C LEU A 57 -31.02 -2.34 7.51
N LEU A 58 -31.59 -1.43 6.71
CA LEU A 58 -31.33 0.03 6.85
C LEU A 58 -31.81 0.50 8.23
N LYS A 59 -33.04 0.16 8.59
CA LYS A 59 -33.64 0.52 9.90
C LYS A 59 -32.86 -0.18 11.03
N THR A 60 -32.66 -1.49 10.92
CA THR A 60 -32.03 -2.28 12.01
C THR A 60 -30.63 -1.73 12.32
N PHE A 61 -29.83 -1.37 11.31
CA PHE A 61 -28.40 -0.98 11.49
C PHE A 61 -28.22 0.53 11.29
N LYS A 62 -29.32 1.28 11.13
CA LYS A 62 -29.33 2.76 11.00
C LYS A 62 -28.36 3.17 9.89
N ILE A 63 -28.52 2.54 8.73
CA ILE A 63 -27.71 2.81 7.51
C ILE A 63 -28.41 3.91 6.73
N PRO A 64 -27.80 5.12 6.60
CA PRO A 64 -28.40 6.16 5.76
C PRO A 64 -28.49 5.59 4.32
N VAL A 65 -29.62 5.78 3.65
CA VAL A 65 -29.91 5.17 2.33
C VAL A 65 -28.92 5.74 1.29
N ASP A 66 -28.58 7.03 1.34
CA ASP A 66 -27.62 7.69 0.42
C ASP A 66 -26.22 7.06 0.61
N THR A 67 -25.83 6.77 1.85
CA THR A 67 -24.54 6.12 2.19
C THR A 67 -24.55 4.70 1.60
N LEU A 68 -25.66 3.96 1.74
CA LEU A 68 -25.78 2.59 1.22
C LEU A 68 -25.60 2.62 -0.30
N ILE A 69 -26.29 3.50 -0.99
CA ILE A 69 -26.25 3.57 -2.48
C ILE A 69 -24.85 4.00 -2.91
N THR A 70 -24.24 4.95 -2.22
CA THR A 70 -22.89 5.43 -2.57
C THR A 70 -21.90 4.28 -2.44
N TYR A 71 -21.94 3.55 -1.31
CA TYR A 71 -21.05 2.40 -1.10
C TYR A 71 -21.33 1.33 -2.17
N LEU A 72 -22.59 0.98 -2.41
CA LEU A 72 -22.91 -0.13 -3.36
C LEU A 72 -22.38 0.24 -4.75
N MET A 73 -22.56 1.47 -5.18
CA MET A 73 -22.08 1.91 -6.51
C MET A 73 -20.55 1.88 -6.54
N THR A 74 -19.91 2.32 -5.45
CA THR A 74 -18.44 2.28 -5.33
C THR A 74 -17.94 0.83 -5.41
N LEU A 75 -18.56 -0.07 -4.65
CA LEU A 75 -18.20 -1.52 -4.65
C LEU A 75 -18.40 -2.09 -6.06
N GLU A 76 -19.55 -1.81 -6.66
CA GLU A 76 -19.84 -2.33 -8.03
C GLU A 76 -18.78 -1.82 -9.01
N ASP A 77 -18.34 -0.56 -8.88
CA ASP A 77 -17.35 0.07 -9.78
C ASP A 77 -15.98 -0.61 -9.63
N HIS A 78 -15.70 -1.32 -8.53
CA HIS A 78 -14.39 -1.99 -8.31
C HIS A 78 -14.44 -3.45 -8.75
N TYR A 79 -15.57 -3.91 -9.28
CA TYR A 79 -15.64 -5.15 -10.09
C TYR A 79 -15.29 -4.74 -11.54
N HIS A 80 -14.55 -5.59 -12.25
CA HIS A 80 -13.97 -5.29 -13.60
C HIS A 80 -15.00 -5.67 -14.67
N ALA A 81 -15.43 -4.68 -15.45
CA ALA A 81 -16.38 -4.81 -16.56
C ALA A 81 -15.79 -5.69 -17.68
N ASP A 82 -14.48 -5.73 -17.83
CA ASP A 82 -13.80 -6.52 -18.90
C ASP A 82 -13.55 -7.97 -18.47
N VAL A 83 -13.92 -8.37 -17.26
CA VAL A 83 -13.77 -9.78 -16.79
C VAL A 83 -15.09 -10.48 -17.03
N ALA A 84 -15.09 -11.61 -17.76
CA ALA A 84 -16.34 -12.21 -18.28
C ALA A 84 -17.15 -12.88 -17.17
N TYR A 85 -16.50 -13.47 -16.17
CA TYR A 85 -17.21 -14.20 -15.08
C TYR A 85 -17.14 -13.43 -13.76
N HIS A 86 -15.94 -13.20 -13.22
CA HIS A 86 -15.72 -12.66 -11.85
C HIS A 86 -15.97 -11.14 -11.86
N ASN A 87 -17.24 -10.77 -12.08
CA ASN A 87 -17.65 -9.35 -12.24
C ASN A 87 -18.84 -9.11 -11.30
N ASN A 88 -19.42 -7.93 -11.42
CA ASN A 88 -20.54 -7.44 -10.59
C ASN A 88 -21.75 -8.33 -10.80
N ILE A 89 -21.91 -8.95 -11.96
CA ILE A 89 -23.11 -9.81 -12.20
C ILE A 89 -22.98 -11.06 -11.33
N HIS A 90 -21.77 -11.64 -11.28
CA HIS A 90 -21.50 -12.82 -10.41
C HIS A 90 -21.72 -12.43 -8.94
N ALA A 91 -21.22 -11.25 -8.53
CA ALA A 91 -21.41 -10.76 -7.15
C ALA A 91 -22.91 -10.68 -6.86
N ALA A 92 -23.66 -10.05 -7.77
CA ALA A 92 -25.11 -9.90 -7.61
C ALA A 92 -25.76 -11.26 -7.47
N ASP A 93 -25.32 -12.22 -8.27
CA ASP A 93 -25.90 -13.59 -8.30
C ASP A 93 -25.65 -14.27 -6.95
N VAL A 94 -24.43 -14.19 -6.44
CA VAL A 94 -24.06 -14.86 -5.16
C VAL A 94 -24.84 -14.21 -4.02
N VAL A 95 -24.97 -12.89 -4.03
CA VAL A 95 -25.78 -12.12 -3.06
C VAL A 95 -27.21 -12.66 -3.07
N GLN A 96 -27.84 -12.72 -4.25
CA GLN A 96 -29.27 -13.08 -4.34
C GLN A 96 -29.41 -14.55 -3.93
N SER A 97 -28.44 -15.39 -4.31
CA SER A 97 -28.46 -16.84 -4.02
C SER A 97 -28.29 -17.04 -2.51
N THR A 98 -27.38 -16.31 -1.88
CA THR A 98 -27.24 -16.34 -0.40
C THR A 98 -28.55 -15.93 0.24
N HIS A 99 -29.17 -14.86 -0.27
CA HIS A 99 -30.46 -14.33 0.23
C HIS A 99 -31.53 -15.43 0.20
N VAL A 100 -31.61 -16.20 -0.89
CA VAL A 100 -32.61 -17.30 -0.97
C VAL A 100 -32.26 -18.39 0.04
N LEU A 101 -30.99 -18.80 0.11
CA LEU A 101 -30.55 -19.87 1.05
C LEU A 101 -30.84 -19.46 2.50
N LEU A 102 -30.69 -18.18 2.84
CA LEU A 102 -30.92 -17.66 4.22
C LEU A 102 -32.40 -17.81 4.59
N SER A 103 -33.31 -17.76 3.61
CA SER A 103 -34.78 -17.81 3.79
C SER A 103 -35.26 -19.26 3.84
N THR A 104 -34.39 -20.26 3.74
CA THR A 104 -34.80 -21.70 3.75
C THR A 104 -35.54 -22.00 5.06
N PRO A 105 -36.68 -22.72 4.99
CA PRO A 105 -37.46 -23.06 6.20
C PRO A 105 -36.66 -23.68 7.35
N ALA A 106 -35.71 -24.57 7.06
CA ALA A 106 -34.90 -25.26 8.09
C ALA A 106 -34.01 -24.26 8.84
N LEU A 107 -33.91 -23.00 8.39
CA LEU A 107 -33.05 -22.00 9.06
C LEU A 107 -33.89 -20.83 9.62
N GLU A 108 -35.22 -20.95 9.62
CA GLU A 108 -36.14 -19.87 10.10
C GLU A 108 -35.77 -19.52 11.55
N ALA A 109 -35.51 -18.22 11.79
CA ALA A 109 -35.21 -17.62 13.11
C ALA A 109 -33.91 -18.17 13.72
N VAL A 110 -33.07 -18.85 12.93
CA VAL A 110 -31.76 -19.39 13.43
C VAL A 110 -30.75 -18.24 13.55
N PHE A 111 -30.61 -17.40 12.54
CA PHE A 111 -29.48 -16.43 12.45
C PHE A 111 -29.94 -15.04 12.90
N THR A 112 -29.07 -14.32 13.61
CA THR A 112 -29.33 -12.92 14.02
C THR A 112 -29.26 -11.99 12.80
N ASP A 113 -29.77 -10.77 12.95
CA ASP A 113 -29.67 -9.69 11.93
C ASP A 113 -28.20 -9.46 11.55
N LEU A 114 -27.28 -9.47 12.52
CA LEU A 114 -25.85 -9.22 12.29
C LEU A 114 -25.28 -10.37 11.46
N GLU A 115 -25.64 -11.61 11.76
CA GLU A 115 -25.16 -12.77 10.97
C GLU A 115 -25.68 -12.70 9.53
N ILE A 116 -26.94 -12.29 9.34
CA ILE A 116 -27.59 -12.14 8.01
C ILE A 116 -26.83 -11.04 7.24
N LEU A 117 -26.55 -9.92 7.91
CA LEU A 117 -25.81 -8.77 7.34
C LEU A 117 -24.44 -9.24 6.90
N ALA A 118 -23.72 -9.99 7.76
CA ALA A 118 -22.40 -10.54 7.46
C ALA A 118 -22.46 -11.40 6.17
N ALA A 119 -23.40 -12.34 6.08
CA ALA A 119 -23.44 -13.29 4.95
C ALA A 119 -23.70 -12.52 3.65
N ILE A 120 -24.58 -11.52 3.68
CA ILE A 120 -24.98 -10.74 2.47
C ILE A 120 -23.82 -9.79 2.08
N PHE A 121 -23.26 -9.08 3.04
CA PHE A 121 -22.12 -8.15 2.80
C PHE A 121 -20.96 -8.98 2.26
N ALA A 122 -20.66 -10.11 2.90
CA ALA A 122 -19.60 -11.03 2.44
C ALA A 122 -19.84 -11.43 0.98
N SER A 123 -21.05 -11.85 0.64
CA SER A 123 -21.42 -12.24 -0.75
C SER A 123 -21.12 -11.09 -1.70
N ALA A 124 -21.48 -9.86 -1.31
CA ALA A 124 -21.38 -8.68 -2.19
C ALA A 124 -19.91 -8.37 -2.50
N ILE A 125 -19.02 -8.53 -1.52
CA ILE A 125 -17.59 -8.11 -1.67
C ILE A 125 -16.72 -9.29 -2.10
N HIS A 126 -17.27 -10.51 -2.14
CA HIS A 126 -16.44 -11.74 -2.07
C HIS A 126 -15.46 -11.87 -3.25
N ASP A 127 -15.73 -11.23 -4.39
CA ASP A 127 -14.79 -11.29 -5.56
C ASP A 127 -14.41 -9.89 -6.02
N VAL A 128 -14.51 -8.84 -5.19
CA VAL A 128 -14.32 -7.46 -5.71
C VAL A 128 -12.89 -7.31 -6.20
N ASP A 129 -12.71 -6.59 -7.32
CA ASP A 129 -11.39 -6.27 -7.94
C ASP A 129 -10.70 -7.57 -8.41
N HIS A 130 -11.48 -8.58 -8.79
CA HIS A 130 -10.95 -9.85 -9.38
C HIS A 130 -10.36 -9.52 -10.75
N PRO A 131 -9.07 -9.84 -10.98
CA PRO A 131 -8.42 -9.54 -12.26
C PRO A 131 -8.70 -10.57 -13.37
N GLY A 132 -9.46 -11.63 -13.08
CA GLY A 132 -9.86 -12.62 -14.09
C GLY A 132 -8.80 -13.68 -14.34
N VAL A 133 -7.84 -13.82 -13.42
CA VAL A 133 -6.82 -14.91 -13.41
C VAL A 133 -6.79 -15.49 -12.00
N SER A 134 -6.28 -16.71 -11.86
CA SER A 134 -6.30 -17.51 -10.61
C SER A 134 -5.16 -17.09 -9.66
N ASN A 135 -5.28 -17.52 -8.40
CA ASN A 135 -4.21 -17.41 -7.39
C ASN A 135 -2.91 -17.96 -7.97
N GLN A 136 -2.97 -19.12 -8.64
CA GLN A 136 -1.73 -19.78 -9.12
C GLN A 136 -1.06 -18.89 -10.14
N PHE A 137 -1.84 -18.25 -11.02
CA PHE A 137 -1.29 -17.35 -12.07
C PHE A 137 -0.61 -16.18 -11.37
N LEU A 138 -1.25 -15.59 -10.35
CA LEU A 138 -0.68 -14.40 -9.65
C LEU A 138 0.59 -14.82 -8.93
N ILE A 139 0.64 -16.06 -8.44
CA ILE A 139 1.84 -16.56 -7.70
C ILE A 139 2.97 -16.77 -8.70
N ASN A 140 2.68 -17.42 -9.84
CA ASN A 140 3.72 -17.83 -10.82
C ASN A 140 4.32 -16.61 -11.53
N THR A 141 3.56 -15.53 -11.68
CA THR A 141 4.02 -14.28 -12.36
C THR A 141 4.73 -13.37 -11.36
N ASN A 142 4.78 -13.75 -10.08
CA ASN A 142 5.42 -12.91 -9.04
C ASN A 142 4.70 -11.57 -8.93
N SER A 143 3.37 -11.55 -9.02
CA SER A 143 2.56 -10.32 -8.95
C SER A 143 2.75 -9.67 -7.58
N GLU A 144 2.58 -8.35 -7.51
CA GLU A 144 2.52 -7.59 -6.25
C GLU A 144 1.48 -8.20 -5.28
N LEU A 145 0.30 -8.59 -5.76
CA LEU A 145 -0.76 -9.15 -4.88
C LEU A 145 -0.24 -10.39 -4.18
N ALA A 146 0.38 -11.31 -4.94
CA ALA A 146 0.96 -12.54 -4.35
C ALA A 146 2.05 -12.18 -3.31
N LEU A 147 2.86 -11.16 -3.58
CA LEU A 147 3.95 -10.72 -2.66
C LEU A 147 3.33 -10.18 -1.35
N MET A 148 2.27 -9.40 -1.49
CA MET A 148 1.56 -8.74 -0.35
C MET A 148 0.96 -9.80 0.57
N TYR A 149 0.40 -10.88 0.00
CA TYR A 149 -0.38 -11.88 0.76
C TYR A 149 0.41 -13.17 0.95
N ASN A 150 1.70 -13.14 0.69
CA ASN A 150 2.60 -14.31 0.91
C ASN A 150 1.99 -15.57 0.28
N ASP A 151 1.49 -15.43 -0.94
CA ASP A 151 1.01 -16.54 -1.80
C ASP A 151 -0.16 -17.29 -1.15
N SER A 152 -0.83 -16.72 -0.16
CA SER A 152 -1.86 -17.44 0.65
C SER A 152 -3.20 -16.79 0.46
N SER A 153 -4.16 -17.50 -0.13
CA SER A 153 -5.52 -17.00 -0.46
C SER A 153 -5.39 -15.58 -0.99
N VAL A 154 -4.56 -15.40 -2.02
CA VAL A 154 -4.14 -14.06 -2.52
C VAL A 154 -5.38 -13.27 -2.91
N LEU A 155 -6.21 -13.80 -3.79
CA LEU A 155 -7.39 -13.05 -4.27
C LEU A 155 -8.36 -12.83 -3.12
N GLU A 156 -8.58 -13.83 -2.28
CA GLU A 156 -9.63 -13.76 -1.23
C GLU A 156 -9.23 -12.70 -0.19
N ASN A 157 -7.95 -12.66 0.19
CA ASN A 157 -7.39 -11.59 1.06
C ASN A 157 -7.64 -10.23 0.39
N HIS A 158 -7.39 -10.13 -0.90
CA HIS A 158 -7.51 -8.85 -1.64
C HIS A 158 -8.98 -8.40 -1.69
N HIS A 159 -9.90 -9.31 -2.03
CA HIS A 159 -11.35 -9.02 -2.05
C HIS A 159 -11.77 -8.38 -0.72
N LEU A 160 -11.38 -9.00 0.39
CA LEU A 160 -11.73 -8.51 1.74
C LEU A 160 -11.16 -7.11 1.93
N ALA A 161 -9.88 -6.92 1.65
CA ALA A 161 -9.16 -5.67 1.95
C ALA A 161 -9.83 -4.55 1.16
N VAL A 162 -10.19 -4.80 -0.10
CA VAL A 162 -10.87 -3.78 -0.95
C VAL A 162 -12.28 -3.53 -0.43
N GLY A 163 -13.05 -4.58 -0.17
CA GLY A 163 -14.41 -4.43 0.35
C GLY A 163 -14.45 -3.51 1.58
N PHE A 164 -13.54 -3.70 2.52
CA PHE A 164 -13.47 -2.89 3.75
C PHE A 164 -12.89 -1.49 3.46
N LYS A 165 -11.82 -1.39 2.66
CA LYS A 165 -11.15 -0.11 2.31
C LYS A 165 -12.16 0.84 1.67
N LEU A 166 -13.07 0.34 0.85
CA LEU A 166 -14.05 1.21 0.14
C LEU A 166 -15.02 1.88 1.13
N LEU A 167 -15.17 1.37 2.35
CA LEU A 167 -16.00 2.04 3.38
C LEU A 167 -15.45 3.45 3.70
N GLN A 168 -14.16 3.69 3.48
CA GLN A 168 -13.47 4.95 3.83
C GLN A 168 -13.62 6.02 2.73
N GLU A 169 -14.26 5.71 1.61
CA GLU A 169 -14.49 6.74 0.55
C GLU A 169 -15.63 7.66 1.00
N GLU A 170 -15.83 8.78 0.31
CA GLU A 170 -16.77 9.84 0.71
C GLU A 170 -18.18 9.25 0.78
N ASN A 171 -18.81 9.38 1.97
CA ASN A 171 -20.18 8.95 2.29
C ASN A 171 -20.39 7.45 1.94
N CYS A 172 -19.45 6.60 2.31
CA CYS A 172 -19.45 5.14 2.00
C CYS A 172 -19.48 4.27 3.26
N ASP A 173 -19.39 4.83 4.48
CA ASP A 173 -19.27 4.00 5.71
C ASP A 173 -20.68 3.56 6.13
N ILE A 174 -21.16 2.45 5.55
CA ILE A 174 -22.52 1.94 5.82
C ILE A 174 -22.61 1.40 7.26
N PHE A 175 -21.48 1.15 7.92
CA PHE A 175 -21.44 0.65 9.32
C PHE A 175 -21.16 1.78 10.33
N GLN A 176 -21.41 3.04 9.96
CA GLN A 176 -21.02 4.21 10.80
C GLN A 176 -21.79 4.20 12.13
N ASN A 177 -22.97 3.59 12.19
CA ASN A 177 -23.88 3.64 13.37
C ASN A 177 -23.86 2.35 14.18
N LEU A 178 -23.08 1.35 13.77
CA LEU A 178 -22.90 0.12 14.54
C LEU A 178 -21.95 0.39 15.70
N THR A 179 -22.18 -0.21 16.85
CA THR A 179 -21.24 -0.14 17.99
C THR A 179 -19.96 -0.85 17.59
N LYS A 180 -18.88 -0.58 18.31
CA LYS A 180 -17.58 -1.29 18.14
C LYS A 180 -17.81 -2.80 18.23
N LYS A 181 -18.63 -3.26 19.15
CA LYS A 181 -18.90 -4.70 19.40
C LYS A 181 -19.55 -5.31 18.15
N GLN A 182 -20.55 -4.64 17.60
CA GLN A 182 -21.23 -5.07 16.33
C GLN A 182 -20.19 -5.13 15.21
N ARG A 183 -19.39 -4.08 15.06
CA ARG A 183 -18.40 -3.96 13.98
C ARG A 183 -17.35 -5.06 14.09
N GLN A 184 -16.86 -5.34 15.28
CA GLN A 184 -15.83 -6.40 15.48
C GLN A 184 -16.40 -7.77 15.12
N SER A 185 -17.63 -8.06 15.53
CA SER A 185 -18.31 -9.35 15.26
C SER A 185 -18.62 -9.48 13.76
N LEU A 186 -19.20 -8.44 13.15
CA LEU A 186 -19.52 -8.39 11.69
C LEU A 186 -18.23 -8.65 10.89
N ARG A 187 -17.18 -7.93 11.24
CA ARG A 187 -15.88 -8.03 10.51
C ARG A 187 -15.33 -9.45 10.61
N LYS A 188 -15.32 -10.03 11.79
CA LYS A 188 -14.74 -11.40 11.96
C LYS A 188 -15.57 -12.37 11.08
N MET A 189 -16.89 -12.27 11.09
CA MET A 189 -17.75 -13.18 10.32
C MET A 189 -17.51 -12.98 8.80
N VAL A 190 -17.44 -11.74 8.35
CA VAL A 190 -17.23 -11.43 6.90
C VAL A 190 -15.89 -12.02 6.45
N ILE A 191 -14.85 -11.80 7.23
CA ILE A 191 -13.51 -12.34 6.93
C ILE A 191 -13.60 -13.88 6.88
N ASP A 192 -14.17 -14.51 7.89
CA ASP A 192 -14.29 -16.01 7.95
C ASP A 192 -15.06 -16.51 6.72
N ILE A 193 -16.10 -15.82 6.28
CA ILE A 193 -16.93 -16.25 5.12
C ILE A 193 -16.10 -16.11 3.83
N VAL A 194 -15.51 -14.95 3.56
CA VAL A 194 -14.81 -14.72 2.25
C VAL A 194 -13.58 -15.61 2.14
N LEU A 195 -12.80 -15.78 3.21
CA LEU A 195 -11.60 -16.66 3.17
C LEU A 195 -12.02 -18.11 2.86
N ALA A 196 -13.23 -18.51 3.24
CA ALA A 196 -13.77 -19.86 2.97
C ALA A 196 -14.19 -20.01 1.50
N THR A 197 -14.22 -18.95 0.69
CA THR A 197 -14.59 -19.05 -0.75
C THR A 197 -13.40 -19.55 -1.58
N ASP A 198 -12.21 -19.56 -1.01
CA ASP A 198 -10.99 -20.11 -1.65
C ASP A 198 -11.23 -21.62 -1.84
N MET A 199 -11.19 -22.10 -3.08
CA MET A 199 -11.46 -23.53 -3.41
C MET A 199 -10.47 -24.44 -2.67
N SER A 200 -9.29 -23.96 -2.28
CA SER A 200 -8.31 -24.76 -1.51
C SER A 200 -8.93 -25.17 -0.17
N LYS A 201 -10.00 -24.52 0.28
CA LYS A 201 -10.62 -24.79 1.60
C LYS A 201 -11.83 -25.70 1.43
N HIS A 202 -12.21 -26.04 0.20
CA HIS A 202 -13.47 -26.76 -0.13
C HIS A 202 -13.58 -28.10 0.63
N MET A 203 -12.55 -28.93 0.56
CA MET A 203 -12.57 -30.32 1.12
C MET A 203 -12.75 -30.23 2.64
N ASN A 204 -12.05 -29.34 3.34
CA ASN A 204 -12.19 -29.18 4.81
C ASN A 204 -13.60 -28.65 5.14
N LEU A 205 -14.10 -27.68 4.38
CA LEU A 205 -15.46 -27.12 4.63
C LEU A 205 -16.50 -28.24 4.49
N LEU A 206 -16.38 -29.05 3.43
CA LEU A 206 -17.34 -30.14 3.10
C LEU A 206 -17.25 -31.22 4.18
N ALA A 207 -16.06 -31.60 4.62
CA ALA A 207 -15.87 -32.58 5.73
C ALA A 207 -16.61 -32.07 6.96
N ASP A 208 -16.44 -30.80 7.34
CA ASP A 208 -17.10 -30.19 8.54
C ASP A 208 -18.61 -30.14 8.36
N LEU A 209 -19.10 -29.80 7.16
CA LEU A 209 -20.56 -29.78 6.87
C LEU A 209 -21.12 -31.22 7.05
N LYS A 210 -20.42 -32.25 6.54
CA LYS A 210 -20.82 -33.67 6.66
C LYS A 210 -20.90 -34.07 8.13
N THR A 211 -19.87 -33.75 8.91
CA THR A 211 -19.80 -34.00 10.37
C THR A 211 -21.03 -33.36 11.03
N MET A 212 -21.42 -32.16 10.61
CA MET A 212 -22.59 -31.45 11.18
C MET A 212 -23.87 -32.20 10.81
N VAL A 213 -23.99 -32.69 9.58
CA VAL A 213 -25.18 -33.47 9.12
C VAL A 213 -25.29 -34.77 9.93
N GLU A 214 -24.16 -35.46 10.17
CA GLU A 214 -24.10 -36.72 10.96
C GLU A 214 -24.53 -36.47 12.41
N THR A 215 -24.20 -35.32 13.02
CA THR A 215 -24.51 -34.98 14.45
C THR A 215 -25.64 -33.95 14.52
N LYS A 216 -26.43 -33.83 13.46
CA LYS A 216 -27.48 -32.79 13.27
C LYS A 216 -28.48 -32.86 14.41
N LYS A 217 -28.79 -31.73 15.04
CA LYS A 217 -29.86 -31.58 16.07
C LYS A 217 -30.86 -30.52 15.62
N VAL A 218 -32.15 -30.75 15.88
CA VAL A 218 -33.27 -29.84 15.49
C VAL A 218 -33.98 -29.40 16.77
N THR A 219 -34.44 -28.15 16.80
CA THR A 219 -35.29 -27.57 17.89
C THR A 219 -36.68 -28.23 17.80
N SER A 220 -37.54 -27.94 18.80
CA SER A 220 -38.95 -28.39 18.86
C SER A 220 -39.75 -27.83 17.67
N SER A 221 -39.35 -26.68 17.12
CA SER A 221 -40.03 -26.01 15.97
C SER A 221 -39.48 -26.53 14.63
N GLY A 222 -38.55 -27.50 14.64
CA GLY A 222 -38.10 -28.21 13.43
C GLY A 222 -36.96 -27.51 12.70
N VAL A 223 -36.35 -26.48 13.30
CA VAL A 223 -35.20 -25.74 12.67
C VAL A 223 -33.87 -26.24 13.25
N LEU A 224 -32.78 -26.07 12.52
CA LEU A 224 -31.41 -26.47 12.95
C LEU A 224 -31.06 -25.82 14.29
N LEU A 225 -30.40 -26.58 15.17
CA LEU A 225 -29.80 -26.12 16.44
C LEU A 225 -28.32 -25.81 16.18
N LEU A 226 -27.92 -24.55 16.34
CA LEU A 226 -26.50 -24.11 16.24
C LEU A 226 -26.18 -23.25 17.47
N ASP A 227 -25.48 -23.80 18.46
CA ASP A 227 -25.41 -23.16 19.82
C ASP A 227 -23.98 -22.68 20.13
N ASN A 228 -23.06 -22.67 19.16
CA ASN A 228 -21.68 -22.11 19.31
C ASN A 228 -21.27 -21.43 18.00
N TYR A 229 -20.32 -20.48 18.09
CA TYR A 229 -19.85 -19.67 16.95
C TYR A 229 -19.36 -20.61 15.84
N SER A 230 -18.55 -21.59 16.22
CA SER A 230 -17.89 -22.52 15.28
C SER A 230 -18.93 -23.17 14.35
N ASP A 231 -20.08 -23.58 14.87
CA ASP A 231 -21.13 -24.28 14.09
C ASP A 231 -21.88 -23.25 13.23
N ARG A 232 -22.19 -22.10 13.81
CA ARG A 232 -22.95 -21.01 13.15
C ARG A 232 -22.14 -20.49 11.94
N ILE A 233 -20.86 -20.20 12.12
CA ILE A 233 -20.00 -19.63 11.04
C ILE A 233 -19.78 -20.71 9.99
N GLN A 234 -19.60 -21.96 10.39
CA GLN A 234 -19.42 -23.10 9.45
C GLN A 234 -20.61 -23.14 8.49
N VAL A 235 -21.83 -22.98 9.00
CA VAL A 235 -23.06 -23.02 8.16
C VAL A 235 -23.08 -21.81 7.23
N LEU A 236 -22.72 -20.62 7.72
CA LEU A 236 -22.71 -19.40 6.88
C LEU A 236 -21.62 -19.55 5.82
N GLN A 237 -20.47 -20.10 6.18
CA GLN A 237 -19.35 -20.30 5.24
C GLN A 237 -19.82 -21.24 4.12
N ASN A 238 -20.44 -22.37 4.48
CA ASN A 238 -20.88 -23.38 3.47
C ASN A 238 -22.03 -22.78 2.64
N MET A 239 -22.87 -21.98 3.27
CA MET A 239 -24.00 -21.32 2.57
C MET A 239 -23.45 -20.42 1.44
N VAL A 240 -22.52 -19.52 1.75
CA VAL A 240 -21.96 -18.58 0.74
C VAL A 240 -21.12 -19.37 -0.28
N HIS A 241 -20.44 -20.41 0.17
CA HIS A 241 -19.71 -21.36 -0.72
C HIS A 241 -20.70 -22.04 -1.70
N CYS A 242 -21.84 -22.53 -1.23
CA CYS A 242 -22.93 -23.08 -2.07
C CYS A 242 -23.43 -22.02 -3.05
N ALA A 243 -23.63 -20.78 -2.59
CA ALA A 243 -24.09 -19.68 -3.46
C ALA A 243 -23.04 -19.45 -4.55
N ASP A 244 -21.77 -19.53 -4.19
CA ASP A 244 -20.63 -19.30 -5.12
C ASP A 244 -20.59 -20.44 -6.15
N LEU A 245 -20.97 -21.65 -5.73
CA LEU A 245 -20.96 -22.84 -6.62
C LEU A 245 -22.40 -23.19 -7.01
N SER A 246 -23.26 -22.20 -7.23
CA SER A 246 -24.70 -22.45 -7.52
C SER A 246 -25.07 -22.41 -8.99
N ASN A 247 -24.15 -22.04 -9.87
CA ASN A 247 -24.46 -21.94 -11.32
C ASN A 247 -25.08 -23.24 -11.84
N PRO A 248 -24.47 -24.42 -11.63
CA PRO A 248 -25.01 -25.67 -12.12
C PRO A 248 -26.37 -26.06 -11.56
N THR A 249 -26.81 -25.41 -10.51
CA THR A 249 -28.12 -25.68 -9.86
C THR A 249 -29.20 -24.74 -10.40
N LYS A 250 -28.85 -23.82 -11.29
CA LYS A 250 -29.83 -22.86 -11.83
C LYS A 250 -30.49 -23.46 -13.07
N PRO A 251 -31.66 -22.94 -13.48
CA PRO A 251 -32.23 -23.30 -14.78
C PRO A 251 -31.16 -23.20 -15.87
N LEU A 252 -31.22 -24.12 -16.83
CA LEU A 252 -30.14 -24.39 -17.80
C LEU A 252 -29.80 -23.13 -18.60
N GLN A 253 -30.77 -22.29 -18.98
CA GLN A 253 -30.50 -21.04 -19.73
C GLN A 253 -29.52 -20.13 -18.93
N LEU A 254 -29.60 -20.12 -17.61
CA LEU A 254 -28.67 -19.33 -16.75
C LEU A 254 -27.33 -20.04 -16.62
N TYR A 255 -27.36 -21.33 -16.28
CA TYR A 255 -26.14 -22.19 -16.14
C TYR A 255 -25.26 -22.01 -17.36
N ARG A 256 -25.86 -22.04 -18.57
CA ARG A 256 -25.08 -22.04 -19.83
C ARG A 256 -24.46 -20.67 -20.05
N GLN A 257 -25.12 -19.60 -19.62
CA GLN A 257 -24.52 -18.24 -19.72
C GLN A 257 -23.30 -18.15 -18.80
N TRP A 258 -23.38 -18.73 -17.60
CA TRP A 258 -22.26 -18.75 -16.63
C TRP A 258 -21.11 -19.58 -17.17
N THR A 259 -21.42 -20.72 -17.78
CA THR A 259 -20.40 -21.61 -18.38
C THR A 259 -19.70 -20.86 -19.51
N ASP A 260 -20.42 -20.19 -20.40
CA ASP A 260 -19.83 -19.38 -21.49
C ASP A 260 -18.86 -18.37 -20.88
N ARG A 261 -19.26 -17.74 -19.77
CA ARG A 261 -18.47 -16.66 -19.15
C ARG A 261 -17.22 -17.26 -18.48
N ILE A 262 -17.34 -18.34 -17.71
CA ILE A 262 -16.15 -18.88 -17.01
C ILE A 262 -15.17 -19.40 -18.07
N MET A 263 -15.68 -19.97 -19.16
CA MET A 263 -14.80 -20.55 -20.20
C MET A 263 -14.12 -19.41 -20.95
N GLU A 264 -14.79 -18.30 -21.25
CA GLU A 264 -14.13 -17.11 -21.83
C GLU A 264 -12.99 -16.66 -20.90
N GLU A 265 -13.23 -16.64 -19.58
CA GLU A 265 -12.23 -16.09 -18.63
C GLU A 265 -11.07 -17.07 -18.54
N PHE A 266 -11.33 -18.37 -18.43
CA PHE A 266 -10.28 -19.44 -18.35
C PHE A 266 -9.45 -19.44 -19.63
N PHE A 267 -10.09 -19.35 -20.81
CA PHE A 267 -9.38 -19.39 -22.12
C PHE A 267 -8.47 -18.16 -22.22
N ARG A 268 -8.95 -16.99 -21.77
CA ARG A 268 -8.13 -15.75 -21.72
C ARG A 268 -6.92 -16.00 -20.82
N GLN A 269 -7.08 -16.64 -19.66
CA GLN A 269 -5.92 -16.93 -18.76
C GLN A 269 -4.97 -17.87 -19.51
N GLY A 270 -5.51 -18.91 -20.16
CA GLY A 270 -4.70 -19.87 -20.94
C GLY A 270 -3.94 -19.18 -22.05
N ASP A 271 -4.56 -18.21 -22.75
CA ASP A 271 -3.88 -17.42 -23.82
C ASP A 271 -2.72 -16.64 -23.22
N ARG A 272 -2.92 -16.02 -22.05
CA ARG A 272 -1.86 -15.24 -21.37
C ARG A 272 -0.73 -16.20 -20.95
N GLU A 273 -1.07 -17.37 -20.43
CA GLU A 273 -0.08 -18.42 -20.02
C GLU A 273 0.70 -18.88 -21.26
N ARG A 274 0.04 -19.19 -22.37
CA ARG A 274 0.70 -19.70 -23.62
C ARG A 274 1.65 -18.63 -24.18
N GLU A 275 1.20 -17.38 -24.34
CA GLU A 275 2.04 -16.26 -24.83
C GLU A 275 3.27 -16.07 -23.93
N ARG A 276 3.24 -16.42 -22.64
CA ARG A 276 4.37 -16.23 -21.69
C ARG A 276 5.22 -17.50 -21.58
N GLY A 277 4.85 -18.57 -22.28
CA GLY A 277 5.54 -19.88 -22.20
C GLY A 277 5.29 -20.61 -20.89
N MET A 278 4.23 -20.27 -20.15
CA MET A 278 3.86 -20.93 -18.87
C MET A 278 3.06 -22.20 -19.20
N GLU A 279 3.10 -23.18 -18.30
CA GLU A 279 2.16 -24.33 -18.31
C GLU A 279 0.74 -23.75 -18.33
N ILE A 280 -0.12 -24.25 -19.22
CA ILE A 280 -1.55 -23.83 -19.31
C ILE A 280 -2.32 -24.55 -18.21
N SER A 281 -3.11 -23.81 -17.44
CA SER A 281 -3.84 -24.31 -16.26
C SER A 281 -4.98 -25.23 -16.73
N PRO A 282 -5.45 -26.17 -15.86
CA PRO A 282 -6.59 -27.01 -16.20
C PRO A 282 -7.78 -26.22 -16.77
N MET A 283 -8.34 -26.70 -17.88
CA MET A 283 -9.58 -26.18 -18.52
C MET A 283 -9.33 -24.81 -19.16
N CYS A 284 -8.08 -24.33 -19.22
CA CYS A 284 -7.76 -22.98 -19.75
C CYS A 284 -7.22 -23.05 -21.19
N ASP A 285 -7.04 -24.26 -21.74
CA ASP A 285 -6.51 -24.46 -23.11
C ASP A 285 -7.68 -24.55 -24.10
N LYS A 286 -7.97 -23.47 -24.83
CA LYS A 286 -9.07 -23.42 -25.83
C LYS A 286 -8.81 -24.40 -26.99
N HIS A 287 -7.57 -24.87 -27.18
CA HIS A 287 -7.19 -25.83 -28.26
C HIS A 287 -7.33 -27.27 -27.76
N ASN A 288 -7.56 -27.47 -26.47
CA ASN A 288 -7.58 -28.81 -25.84
C ASN A 288 -8.62 -28.82 -24.71
N ALA A 289 -9.85 -28.40 -25.01
CA ALA A 289 -10.95 -28.21 -24.04
C ALA A 289 -12.10 -29.16 -24.33
N SER A 290 -12.69 -29.69 -23.26
CA SER A 290 -13.93 -30.48 -23.26
C SER A 290 -14.86 -29.82 -22.25
N VAL A 291 -15.49 -28.71 -22.66
CA VAL A 291 -16.43 -27.91 -21.83
C VAL A 291 -17.41 -28.88 -21.16
N GLU A 292 -18.04 -29.78 -21.95
CA GLU A 292 -19.10 -30.70 -21.46
C GLU A 292 -18.51 -31.64 -20.41
N LYS A 293 -17.37 -32.27 -20.73
CA LYS A 293 -16.74 -33.27 -19.83
C LYS A 293 -16.29 -32.53 -18.55
N SER A 294 -15.80 -31.29 -18.68
CA SER A 294 -15.33 -30.48 -17.52
C SER A 294 -16.52 -30.19 -16.59
N GLN A 295 -17.68 -29.83 -17.16
CA GLN A 295 -18.88 -29.50 -16.35
C GLN A 295 -19.32 -30.76 -15.61
N VAL A 296 -19.37 -31.91 -16.29
CA VAL A 296 -19.80 -33.19 -15.64
C VAL A 296 -18.80 -33.50 -14.51
N GLY A 297 -17.51 -33.36 -14.77
CA GLY A 297 -16.47 -33.56 -13.73
C GLY A 297 -16.63 -32.61 -12.56
N PHE A 298 -16.87 -31.33 -12.82
CA PHE A 298 -17.06 -30.30 -11.77
C PHE A 298 -18.27 -30.68 -10.91
N ILE A 299 -19.37 -31.06 -11.56
CA ILE A 299 -20.61 -31.43 -10.84
C ILE A 299 -20.32 -32.67 -10.00
N ASP A 300 -19.72 -33.70 -10.58
CA ASP A 300 -19.52 -35.02 -9.92
C ASP A 300 -18.58 -34.90 -8.74
N TYR A 301 -17.47 -34.16 -8.86
CA TYR A 301 -16.40 -34.16 -7.82
C TYR A 301 -16.58 -33.00 -6.82
N ILE A 302 -17.23 -31.90 -7.22
CA ILE A 302 -17.27 -30.66 -6.39
C ILE A 302 -18.72 -30.30 -6.05
N VAL A 303 -19.51 -29.98 -7.06
CA VAL A 303 -20.80 -29.26 -6.84
C VAL A 303 -21.82 -30.21 -6.23
N HIS A 304 -21.99 -31.42 -6.77
CA HIS A 304 -23.01 -32.39 -6.30
C HIS A 304 -22.68 -32.86 -4.88
N PRO A 305 -21.45 -33.25 -4.52
CA PRO A 305 -21.19 -33.64 -3.14
C PRO A 305 -21.50 -32.49 -2.15
N LEU A 306 -21.25 -31.24 -2.55
CA LEU A 306 -21.51 -30.07 -1.67
C LEU A 306 -23.02 -29.91 -1.53
N TRP A 307 -23.73 -29.77 -2.63
CA TRP A 307 -25.19 -29.50 -2.61
C TRP A 307 -25.96 -30.68 -2.02
N GLU A 308 -25.51 -31.91 -2.23
CA GLU A 308 -26.13 -33.12 -1.63
C GLU A 308 -26.02 -33.01 -0.11
N THR A 309 -24.85 -32.62 0.39
CA THR A 309 -24.63 -32.47 1.85
C THR A 309 -25.46 -31.30 2.36
N TRP A 310 -25.51 -30.18 1.64
CA TRP A 310 -26.36 -29.02 2.04
C TRP A 310 -27.83 -29.49 2.10
N ALA A 311 -28.30 -30.21 1.07
CA ALA A 311 -29.71 -30.68 0.97
C ALA A 311 -30.07 -31.53 2.19
N ASP A 312 -29.13 -32.38 2.64
CA ASP A 312 -29.29 -33.21 3.87
C ASP A 312 -29.44 -32.31 5.09
N LEU A 313 -28.61 -31.26 5.22
CA LEU A 313 -28.66 -30.35 6.38
C LEU A 313 -30.05 -29.70 6.48
N VAL A 314 -30.65 -29.30 5.38
CA VAL A 314 -31.91 -28.51 5.38
C VAL A 314 -33.06 -29.34 4.82
N HIS A 315 -32.93 -30.67 4.82
CA HIS A 315 -33.90 -31.63 4.22
C HIS A 315 -35.31 -31.29 4.67
N PRO A 316 -36.32 -31.21 3.77
CA PRO A 316 -36.15 -31.39 2.33
C PRO A 316 -36.09 -30.10 1.48
N ASP A 317 -35.72 -28.96 2.09
CA ASP A 317 -35.92 -27.61 1.51
C ASP A 317 -35.21 -27.47 0.14
N ALA A 318 -34.09 -28.16 -0.06
CA ALA A 318 -33.23 -27.97 -1.26
C ALA A 318 -33.49 -29.04 -2.34
N GLN A 319 -34.54 -29.86 -2.20
CA GLN A 319 -34.79 -30.99 -3.12
C GLN A 319 -34.91 -30.49 -4.57
N ASP A 320 -35.61 -29.40 -4.85
CA ASP A 320 -35.81 -28.92 -6.26
C ASP A 320 -34.48 -28.37 -6.83
N ILE A 321 -33.62 -27.82 -5.96
CA ILE A 321 -32.27 -27.31 -6.35
C ILE A 321 -31.43 -28.54 -6.75
N LEU A 322 -31.40 -29.57 -5.91
CA LEU A 322 -30.65 -30.81 -6.19
C LEU A 322 -31.18 -31.46 -7.47
N ASP A 323 -32.51 -31.49 -7.68
CA ASP A 323 -33.13 -32.07 -8.91
C ASP A 323 -32.64 -31.30 -10.14
N THR A 324 -32.64 -29.97 -10.10
CA THR A 324 -32.18 -29.14 -11.23
C THR A 324 -30.71 -29.47 -11.52
N LEU A 325 -29.90 -29.66 -10.47
CA LEU A 325 -28.44 -29.96 -10.60
C LEU A 325 -28.26 -31.30 -11.34
N GLU A 326 -28.99 -32.32 -10.92
CA GLU A 326 -28.93 -33.69 -11.53
C GLU A 326 -29.44 -33.62 -12.98
N ASP A 327 -30.47 -32.84 -13.28
CA ASP A 327 -30.98 -32.70 -14.67
C ASP A 327 -29.93 -32.01 -15.51
N ASN A 328 -29.27 -30.97 -14.99
CA ASN A 328 -28.23 -30.19 -15.72
C ASN A 328 -27.04 -31.12 -15.99
N ARG A 329 -26.66 -31.92 -15.01
CA ARG A 329 -25.53 -32.89 -15.14
C ARG A 329 -25.85 -33.87 -16.29
N GLU A 330 -27.08 -34.40 -16.36
CA GLU A 330 -27.49 -35.39 -17.40
C GLU A 330 -27.48 -34.68 -18.74
N TRP A 331 -27.96 -33.45 -18.80
CA TRP A 331 -27.97 -32.67 -20.06
C TRP A 331 -26.53 -32.54 -20.58
N TYR A 332 -25.54 -32.18 -19.75
CA TYR A 332 -24.14 -31.99 -20.20
C TYR A 332 -23.57 -33.36 -20.62
N GLN A 333 -23.82 -34.43 -19.85
CA GLN A 333 -23.37 -35.82 -20.17
C GLN A 333 -23.85 -36.20 -21.58
N SER A 334 -25.10 -35.89 -21.91
CA SER A 334 -25.76 -36.26 -23.19
C SER A 334 -25.18 -35.46 -24.36
N THR A 335 -24.35 -34.45 -24.14
CA THR A 335 -23.76 -33.61 -25.22
C THR A 335 -22.26 -33.86 -25.36
N ILE A 336 -21.70 -34.82 -24.62
CA ILE A 336 -20.27 -35.21 -24.72
C ILE A 336 -20.07 -35.95 -26.04
N PRO A 337 -19.27 -35.39 -27.01
CA PRO A 337 -19.02 -36.07 -28.29
C PRO A 337 -17.92 -37.13 -28.16
N GLU B 15 36.95 -5.31 19.07
CA GLU B 15 36.97 -6.25 17.89
C GLU B 15 37.50 -7.63 18.34
N ASP B 16 38.53 -7.65 19.20
CA ASP B 16 39.19 -8.89 19.65
C ASP B 16 38.26 -9.61 20.64
N VAL B 17 37.69 -8.86 21.59
CA VAL B 17 36.74 -9.39 22.62
C VAL B 17 35.48 -9.88 21.90
N LEU B 18 35.04 -9.20 20.83
CA LEU B 18 33.86 -9.60 20.02
C LEU B 18 34.15 -10.96 19.37
N ALA B 19 35.33 -11.11 18.76
CA ALA B 19 35.72 -12.34 18.04
C ALA B 19 35.79 -13.51 19.03
N LYS B 20 36.26 -13.25 20.26
CA LYS B 20 36.31 -14.29 21.32
C LYS B 20 34.88 -14.73 21.67
N GLU B 21 33.95 -13.78 21.80
CA GLU B 21 32.53 -14.10 22.16
C GLU B 21 31.90 -14.89 21.01
N LEU B 22 32.29 -14.63 19.75
CA LEU B 22 31.66 -15.26 18.57
C LEU B 22 32.14 -16.71 18.40
N GLU B 23 33.14 -17.14 19.17
CA GLU B 23 33.61 -18.55 19.17
C GLU B 23 32.54 -19.44 19.82
N ASP B 24 31.63 -18.87 20.61
CA ASP B 24 30.50 -19.61 21.26
C ASP B 24 29.29 -19.68 20.32
N VAL B 25 29.44 -19.32 19.05
CA VAL B 25 28.29 -19.16 18.12
C VAL B 25 27.55 -20.49 17.93
N ASN B 26 28.23 -21.63 18.15
CA ASN B 26 27.63 -22.98 17.94
C ASN B 26 27.08 -23.51 19.27
N LYS B 27 27.03 -22.69 20.31
CA LYS B 27 26.63 -23.11 21.67
C LYS B 27 25.33 -22.43 22.10
N TRP B 28 24.46 -23.21 22.71
CA TRP B 28 23.31 -22.71 23.50
C TRP B 28 23.84 -21.82 24.63
N GLY B 29 23.36 -20.59 24.74
CA GLY B 29 23.74 -19.70 25.85
C GLY B 29 24.78 -18.69 25.43
N LEU B 30 24.92 -18.45 24.11
CA LEU B 30 25.73 -17.34 23.58
C LEU B 30 25.42 -16.06 24.38
N HIS B 31 26.43 -15.25 24.68
CA HIS B 31 26.30 -13.95 25.41
C HIS B 31 25.82 -12.90 24.40
N VAL B 32 24.57 -13.01 23.99
CA VAL B 32 24.06 -12.25 22.80
C VAL B 32 23.94 -10.76 23.19
N PHE B 33 23.65 -10.47 24.46
CA PHE B 33 23.57 -9.07 24.95
C PHE B 33 24.97 -8.46 24.87
N ARG B 34 26.01 -9.23 25.24
CA ARG B 34 27.41 -8.74 25.20
C ARG B 34 27.79 -8.48 23.74
N ILE B 35 27.42 -9.39 22.84
CA ILE B 35 27.68 -9.22 21.38
C ILE B 35 26.96 -7.97 20.87
N ALA B 36 25.75 -7.68 21.35
CA ALA B 36 25.01 -6.44 20.97
C ALA B 36 25.82 -5.19 21.35
N GLU B 37 26.33 -5.14 22.59
CA GLU B 37 27.12 -3.97 23.07
C GLU B 37 28.39 -3.84 22.21
N LEU B 38 29.15 -4.93 22.07
CA LEU B 38 30.50 -4.95 21.45
C LEU B 38 30.42 -4.65 19.95
N SER B 39 29.32 -5.02 19.28
CA SER B 39 29.14 -4.83 17.82
C SER B 39 28.59 -3.43 17.49
N GLY B 40 28.41 -2.56 18.49
CA GLY B 40 27.73 -1.26 18.30
C GLY B 40 26.28 -1.43 17.88
N ASN B 41 25.54 -2.31 18.58
CA ASN B 41 24.12 -2.67 18.33
C ASN B 41 23.97 -3.27 16.93
N ARG B 42 24.88 -4.17 16.56
CA ARG B 42 24.78 -4.91 15.27
C ARG B 42 24.84 -6.41 15.52
N PRO B 43 24.14 -6.94 16.55
CA PRO B 43 24.19 -8.36 16.82
C PRO B 43 23.66 -9.18 15.63
N LEU B 44 22.58 -8.74 15.00
CA LEU B 44 21.95 -9.53 13.92
C LEU B 44 22.93 -9.62 12.73
N THR B 45 23.53 -8.47 12.36
CA THR B 45 24.49 -8.39 11.23
C THR B 45 25.70 -9.29 11.51
N VAL B 46 26.35 -9.15 12.66
CA VAL B 46 27.63 -9.88 12.91
C VAL B 46 27.32 -11.38 13.09
N ILE B 47 26.24 -11.75 13.77
CA ILE B 47 25.92 -13.19 14.01
C ILE B 47 25.50 -13.82 12.68
N MET B 48 24.69 -13.15 11.87
CA MET B 48 24.31 -13.70 10.54
C MET B 48 25.58 -13.87 9.67
N HIS B 49 26.46 -12.87 9.63
CA HIS B 49 27.72 -12.93 8.84
C HIS B 49 28.54 -14.14 9.29
N THR B 50 28.76 -14.28 10.61
CA THR B 50 29.54 -15.41 11.20
C THR B 50 28.92 -16.75 10.75
N ILE B 51 27.60 -16.88 10.83
CA ILE B 51 26.92 -18.18 10.54
C ILE B 51 27.02 -18.45 9.02
N PHE B 52 26.80 -17.45 8.19
CA PHE B 52 26.91 -17.59 6.70
C PHE B 52 28.32 -18.08 6.32
N GLN B 53 29.37 -17.50 6.92
CA GLN B 53 30.79 -17.91 6.70
C GLN B 53 30.96 -19.35 7.20
N GLU B 54 30.63 -19.61 8.46
CA GLU B 54 30.75 -20.95 9.09
C GLU B 54 30.11 -22.04 8.20
N ARG B 55 28.94 -21.78 7.61
CA ARG B 55 28.18 -22.81 6.84
C ARG B 55 28.49 -22.69 5.35
N ASP B 56 29.42 -21.78 4.96
CA ASP B 56 29.92 -21.59 3.56
C ASP B 56 28.76 -21.20 2.63
N LEU B 57 27.78 -20.43 3.11
CA LEU B 57 26.56 -20.13 2.31
C LEU B 57 26.86 -19.07 1.24
N LEU B 58 27.86 -18.20 1.45
CA LEU B 58 28.24 -17.18 0.44
C LEU B 58 28.74 -17.90 -0.82
N LYS B 59 29.65 -18.87 -0.65
CA LYS B 59 30.19 -19.66 -1.77
C LYS B 59 29.07 -20.51 -2.39
N THR B 60 28.30 -21.25 -1.59
CA THR B 60 27.26 -22.18 -2.12
C THR B 60 26.26 -21.43 -2.99
N PHE B 61 25.82 -20.23 -2.59
CA PHE B 61 24.73 -19.50 -3.26
C PHE B 61 25.26 -18.26 -3.99
N LYS B 62 26.58 -18.12 -4.08
CA LYS B 62 27.27 -17.05 -4.84
C LYS B 62 26.71 -15.70 -4.39
N ILE B 63 26.70 -15.49 -3.07
CA ILE B 63 26.23 -14.23 -2.44
C ILE B 63 27.44 -13.31 -2.32
N PRO B 64 27.46 -12.16 -3.04
CA PRO B 64 28.53 -11.17 -2.83
C PRO B 64 28.51 -10.74 -1.35
N VAL B 65 29.67 -10.66 -0.72
CA VAL B 65 29.80 -10.37 0.74
C VAL B 65 29.27 -8.96 1.02
N ASP B 66 29.53 -7.98 0.15
CA ASP B 66 29.05 -6.56 0.28
C ASP B 66 27.51 -6.57 0.22
N THR B 67 26.90 -7.34 -0.67
CA THR B 67 25.41 -7.47 -0.78
C THR B 67 24.85 -8.06 0.52
N LEU B 68 25.50 -9.10 1.06
CA LEU B 68 25.04 -9.75 2.31
C LEU B 68 25.08 -8.73 3.45
N ILE B 69 26.18 -8.01 3.61
CA ILE B 69 26.34 -7.05 4.74
C ILE B 69 25.34 -5.90 4.53
N THR B 70 25.14 -5.42 3.31
CA THR B 70 24.20 -4.30 3.04
C THR B 70 22.79 -4.76 3.42
N TYR B 71 22.36 -5.95 2.99
CA TYR B 71 21.03 -6.50 3.35
C TYR B 71 20.94 -6.65 4.88
N LEU B 72 21.93 -7.26 5.52
CA LEU B 72 21.84 -7.54 6.96
C LEU B 72 21.69 -6.21 7.72
N MET B 73 22.47 -5.20 7.35
CA MET B 73 22.40 -3.89 8.04
C MET B 73 21.03 -3.26 7.79
N THR B 74 20.52 -3.34 6.56
CA THR B 74 19.19 -2.83 6.19
C THR B 74 18.11 -3.53 7.03
N LEU B 75 18.17 -4.86 7.12
CA LEU B 75 17.21 -5.66 7.91
C LEU B 75 17.30 -5.27 9.39
N GLU B 76 18.51 -5.22 9.93
CA GLU B 76 18.71 -4.85 11.35
C GLU B 76 18.12 -3.45 11.61
N ASP B 77 18.28 -2.51 10.67
CA ASP B 77 17.80 -1.11 10.80
C ASP B 77 16.26 -1.06 10.83
N HIS B 78 15.55 -2.07 10.34
CA HIS B 78 14.08 -2.11 10.31
C HIS B 78 13.53 -2.87 11.52
N TYR B 79 14.38 -3.31 12.44
CA TYR B 79 14.00 -3.67 13.83
C TYR B 79 14.02 -2.35 14.62
N HIS B 80 13.07 -2.16 15.54
CA HIS B 80 12.87 -0.90 16.31
C HIS B 80 13.73 -0.94 17.57
N ALA B 81 14.64 0.02 17.66
CA ALA B 81 15.57 0.23 18.79
C ALA B 81 14.81 0.56 20.08
N ASP B 82 13.62 1.16 19.98
CA ASP B 82 12.81 1.59 21.16
C ASP B 82 11.99 0.43 21.73
N VAL B 83 11.93 -0.73 21.07
CA VAL B 83 11.11 -1.88 21.51
C VAL B 83 11.99 -2.80 22.36
N ALA B 84 11.59 -3.09 23.60
CA ALA B 84 12.48 -3.70 24.62
C ALA B 84 12.72 -5.18 24.31
N TYR B 85 11.76 -5.89 23.70
CA TYR B 85 11.89 -7.35 23.44
C TYR B 85 12.03 -7.60 21.94
N HIS B 86 11.02 -7.25 21.12
CA HIS B 86 10.94 -7.62 19.69
C HIS B 86 11.85 -6.70 18.87
N ASN B 87 13.15 -6.82 19.10
CA ASN B 87 14.18 -5.97 18.46
C ASN B 87 15.24 -6.86 17.79
N ASN B 88 16.29 -6.23 17.30
CA ASN B 88 17.41 -6.88 16.57
C ASN B 88 18.12 -7.92 17.47
N ILE B 89 18.11 -7.70 18.79
CA ILE B 89 18.79 -8.66 19.72
C ILE B 89 17.99 -9.95 19.72
N HIS B 90 16.65 -9.87 19.80
CA HIS B 90 15.77 -11.06 19.73
C HIS B 90 15.96 -11.75 18.38
N ALA B 91 16.01 -10.99 17.27
CA ALA B 91 16.21 -11.57 15.94
C ALA B 91 17.55 -12.33 15.94
N ALA B 92 18.61 -11.70 16.44
CA ALA B 92 19.95 -12.30 16.48
C ALA B 92 19.87 -13.60 17.29
N ASP B 93 19.16 -13.57 18.43
CA ASP B 93 19.03 -14.72 19.35
C ASP B 93 18.32 -15.88 18.62
N VAL B 94 17.23 -15.60 17.92
CA VAL B 94 16.44 -16.68 17.25
C VAL B 94 17.29 -17.26 16.12
N VAL B 95 17.99 -16.42 15.39
CA VAL B 95 18.94 -16.85 14.31
C VAL B 95 19.98 -17.81 14.92
N GLN B 96 20.64 -17.41 16.00
CA GLN B 96 21.75 -18.19 16.57
C GLN B 96 21.17 -19.50 17.13
N SER B 97 19.98 -19.42 17.74
CA SER B 97 19.31 -20.58 18.35
C SER B 97 18.90 -21.56 17.24
N THR B 98 18.34 -21.05 16.14
CA THR B 98 18.03 -21.89 14.96
C THR B 98 19.31 -22.56 14.47
N HIS B 99 20.40 -21.81 14.37
CA HIS B 99 21.72 -22.30 13.92
C HIS B 99 22.17 -23.48 14.78
N VAL B 100 22.01 -23.39 16.11
CA VAL B 100 22.40 -24.51 17.01
C VAL B 100 21.48 -25.70 16.75
N LEU B 101 20.17 -25.49 16.67
CA LEU B 101 19.19 -26.57 16.49
C LEU B 101 19.45 -27.29 15.15
N LEU B 102 19.83 -26.55 14.10
CA LEU B 102 20.11 -27.12 12.75
C LEU B 102 21.34 -28.05 12.81
N SER B 103 22.28 -27.79 13.72
CA SER B 103 23.56 -28.52 13.87
C SER B 103 23.36 -29.78 14.71
N THR B 104 22.15 -30.04 15.19
CA THR B 104 21.88 -31.18 16.09
C THR B 104 22.23 -32.48 15.37
N PRO B 105 22.94 -33.42 16.05
CA PRO B 105 23.31 -34.70 15.46
C PRO B 105 22.16 -35.48 14.80
N ALA B 106 20.97 -35.49 15.39
CA ALA B 106 19.80 -36.23 14.85
C ALA B 106 19.37 -35.67 13.49
N LEU B 107 19.90 -34.51 13.07
CA LEU B 107 19.48 -33.90 11.78
C LEU B 107 20.66 -33.81 10.81
N GLU B 108 21.80 -34.45 11.10
CA GLU B 108 23.00 -34.37 10.24
C GLU B 108 22.67 -34.84 8.82
N ALA B 109 22.96 -33.99 7.83
CA ALA B 109 22.80 -34.24 6.37
C ALA B 109 21.33 -34.44 5.98
N VAL B 110 20.37 -34.12 6.87
CA VAL B 110 18.91 -34.22 6.58
C VAL B 110 18.49 -33.08 5.65
N PHE B 111 18.90 -31.84 5.92
CA PHE B 111 18.38 -30.64 5.21
C PHE B 111 19.37 -30.20 4.14
N THR B 112 18.87 -29.81 2.97
CA THR B 112 19.68 -29.23 1.88
C THR B 112 20.19 -27.86 2.28
N ASP B 113 21.17 -27.35 1.55
CA ASP B 113 21.73 -25.99 1.74
C ASP B 113 20.60 -24.94 1.61
N LEU B 114 19.68 -25.12 0.67
CA LEU B 114 18.55 -24.21 0.40
C LEU B 114 17.62 -24.21 1.60
N GLU B 115 17.33 -25.38 2.19
CA GLU B 115 16.47 -25.48 3.38
C GLU B 115 17.16 -24.79 4.58
N ILE B 116 18.47 -24.94 4.72
CA ILE B 116 19.26 -24.33 5.82
C ILE B 116 19.19 -22.81 5.66
N LEU B 117 19.37 -22.34 4.43
CA LEU B 117 19.33 -20.91 4.07
C LEU B 117 17.95 -20.35 4.43
N ALA B 118 16.88 -21.07 4.06
CA ALA B 118 15.48 -20.71 4.37
C ALA B 118 15.31 -20.53 5.89
N ALA B 119 15.72 -21.51 6.69
CA ALA B 119 15.46 -21.51 8.14
C ALA B 119 16.16 -20.32 8.80
N ILE B 120 17.38 -20.04 8.36
CA ILE B 120 18.23 -18.97 8.98
C ILE B 120 17.70 -17.60 8.52
N PHE B 121 17.43 -17.44 7.22
CA PHE B 121 16.86 -16.19 6.67
C PHE B 121 15.51 -15.93 7.36
N ALA B 122 14.65 -16.95 7.45
CA ALA B 122 13.35 -16.85 8.12
C ALA B 122 13.52 -16.35 9.55
N SER B 123 14.45 -16.93 10.29
CA SER B 123 14.74 -16.53 11.70
C SER B 123 15.10 -15.05 11.73
N ALA B 124 15.93 -14.60 10.79
CA ALA B 124 16.48 -13.23 10.79
C ALA B 124 15.35 -12.21 10.56
N ILE B 125 14.39 -12.53 9.70
CA ILE B 125 13.32 -11.57 9.28
C ILE B 125 12.08 -11.74 10.16
N HIS B 126 12.00 -12.76 11.01
CA HIS B 126 10.71 -13.28 11.52
C HIS B 126 9.92 -12.24 12.34
N ASP B 127 10.57 -11.24 12.92
CA ASP B 127 9.88 -10.16 13.68
C ASP B 127 10.24 -8.77 13.14
N VAL B 128 10.70 -8.63 11.90
CA VAL B 128 11.24 -7.32 11.45
C VAL B 128 10.08 -6.30 11.46
N ASP B 129 10.38 -5.07 11.89
CA ASP B 129 9.44 -3.91 11.95
C ASP B 129 8.32 -4.21 12.95
N HIS B 130 8.63 -4.95 14.02
CA HIS B 130 7.66 -5.23 15.12
C HIS B 130 7.45 -3.92 15.87
N PRO B 131 6.19 -3.46 16.01
CA PRO B 131 5.91 -2.20 16.70
C PRO B 131 5.86 -2.29 18.23
N GLY B 132 5.99 -3.48 18.79
CA GLY B 132 6.01 -3.68 20.24
C GLY B 132 4.63 -3.77 20.85
N VAL B 133 3.63 -4.05 20.03
CA VAL B 133 2.22 -4.30 20.44
C VAL B 133 1.75 -5.54 19.69
N SER B 134 0.72 -6.18 20.22
CA SER B 134 0.17 -7.46 19.73
C SER B 134 -0.72 -7.26 18.50
N ASN B 135 -1.00 -8.38 17.86
CA ASN B 135 -1.94 -8.44 16.71
C ASN B 135 -3.28 -7.91 17.17
N GLN B 136 -3.73 -8.29 18.36
CA GLN B 136 -5.06 -7.86 18.88
C GLN B 136 -5.11 -6.34 19.03
N PHE B 137 -4.04 -5.72 19.51
CA PHE B 137 -3.98 -4.26 19.65
C PHE B 137 -4.12 -3.61 18.27
N LEU B 138 -3.41 -4.13 17.27
CA LEU B 138 -3.47 -3.57 15.90
C LEU B 138 -4.87 -3.78 15.34
N ILE B 139 -5.54 -4.85 15.73
CA ILE B 139 -6.92 -5.15 15.24
C ILE B 139 -7.92 -4.19 15.89
N ASN B 140 -7.83 -4.04 17.20
CA ASN B 140 -8.78 -3.21 18.00
C ASN B 140 -8.72 -1.74 17.57
N THR B 141 -7.57 -1.24 17.20
CA THR B 141 -7.41 0.17 16.82
C THR B 141 -7.69 0.38 15.33
N ASN B 142 -8.05 -0.66 14.58
CA ASN B 142 -8.28 -0.60 13.11
C ASN B 142 -7.05 -0.04 12.40
N SER B 143 -5.85 -0.49 12.79
CA SER B 143 -4.57 -0.07 12.16
C SER B 143 -4.63 -0.43 10.67
N GLU B 144 -3.87 0.27 9.85
CA GLU B 144 -3.76 -0.04 8.39
C GLU B 144 -3.29 -1.49 8.19
N LEU B 145 -2.34 -1.95 9.00
CA LEU B 145 -1.79 -3.33 8.89
C LEU B 145 -2.92 -4.34 9.07
N ALA B 146 -3.75 -4.17 10.09
CA ALA B 146 -4.87 -5.12 10.36
C ALA B 146 -5.86 -5.08 9.18
N LEU B 147 -6.10 -3.91 8.60
CA LEU B 147 -7.04 -3.75 7.45
C LEU B 147 -6.47 -4.48 6.22
N MET B 148 -5.17 -4.34 5.99
CA MET B 148 -4.46 -4.96 4.86
C MET B 148 -4.54 -6.50 4.98
N TYR B 149 -4.40 -7.05 6.19
CA TYR B 149 -4.17 -8.50 6.38
C TYR B 149 -5.43 -9.14 6.97
N ASN B 150 -6.55 -8.44 6.92
CA ASN B 150 -7.86 -9.01 7.33
C ASN B 150 -7.73 -9.62 8.73
N ASP B 151 -7.02 -8.93 9.63
CA ASP B 151 -6.95 -9.28 11.08
C ASP B 151 -6.30 -10.66 11.28
N SER B 152 -5.61 -11.21 10.27
CA SER B 152 -5.12 -12.62 10.27
C SER B 152 -3.62 -12.61 10.20
N SER B 153 -2.96 -13.10 11.26
CA SER B 153 -1.49 -13.12 11.35
C SER B 153 -0.95 -11.77 10.88
N VAL B 154 -1.45 -10.69 11.47
CA VAL B 154 -1.19 -9.32 10.95
C VAL B 154 0.31 -9.06 11.00
N LEU B 155 0.93 -9.21 12.16
CA LEU B 155 2.37 -8.90 12.29
C LEU B 155 3.19 -9.88 11.45
N GLU B 156 2.81 -11.16 11.45
CA GLU B 156 3.64 -12.21 10.78
C GLU B 156 3.62 -12.00 9.26
N ASN B 157 2.45 -11.66 8.69
CA ASN B 157 2.32 -11.27 7.26
C ASN B 157 3.24 -10.08 7.00
N HIS B 158 3.23 -9.10 7.90
CA HIS B 158 4.03 -7.86 7.73
C HIS B 158 5.53 -8.16 7.81
N HIS B 159 5.99 -8.94 8.79
CA HIS B 159 7.41 -9.34 8.93
C HIS B 159 7.91 -9.92 7.58
N LEU B 160 7.13 -10.84 7.02
CA LEU B 160 7.48 -11.46 5.72
C LEU B 160 7.57 -10.40 4.64
N ALA B 161 6.55 -9.56 4.51
CA ALA B 161 6.44 -8.57 3.41
C ALA B 161 7.64 -7.64 3.49
N VAL B 162 8.02 -7.21 4.69
CA VAL B 162 9.18 -6.30 4.87
C VAL B 162 10.47 -7.06 4.59
N GLY B 163 10.65 -8.26 5.15
CA GLY B 163 11.86 -9.07 4.91
C GLY B 163 12.15 -9.22 3.43
N PHE B 164 11.13 -9.53 2.62
CA PHE B 164 11.27 -9.72 1.16
C PHE B 164 11.45 -8.37 0.46
N LYS B 165 10.67 -7.35 0.84
CA LYS B 165 10.72 -6.00 0.21
C LYS B 165 12.13 -5.44 0.35
N LEU B 166 12.80 -5.66 1.48
CA LEU B 166 14.14 -5.07 1.73
C LEU B 166 15.18 -5.68 0.77
N LEU B 167 14.92 -6.83 0.15
CA LEU B 167 15.83 -7.39 -0.89
C LEU B 167 15.95 -6.41 -2.08
N GLN B 168 14.94 -5.59 -2.33
CA GLN B 168 14.86 -4.69 -3.51
C GLN B 168 15.57 -3.35 -3.23
N GLU B 169 16.12 -3.13 -2.03
CA GLU B 169 16.90 -1.89 -1.75
C GLU B 169 18.26 -2.03 -2.43
N GLU B 170 19.02 -0.93 -2.50
CA GLU B 170 20.27 -0.85 -3.28
C GLU B 170 21.27 -1.89 -2.75
N ASN B 171 21.71 -2.79 -3.64
CA ASN B 171 22.75 -3.84 -3.38
C ASN B 171 22.33 -4.71 -2.18
N CYS B 172 21.06 -5.13 -2.15
CA CYS B 172 20.46 -5.90 -1.01
C CYS B 172 19.97 -7.29 -1.47
N ASP B 173 19.98 -7.62 -2.77
CA ASP B 173 19.36 -8.88 -3.27
C ASP B 173 20.36 -10.01 -3.07
N ILE B 174 20.35 -10.62 -1.89
CA ILE B 174 21.33 -11.69 -1.54
C ILE B 174 21.02 -12.97 -2.32
N PHE B 175 19.84 -13.08 -2.93
CA PHE B 175 19.40 -14.24 -3.74
C PHE B 175 19.52 -13.96 -5.24
N GLN B 176 20.37 -13.00 -5.64
CA GLN B 176 20.46 -12.53 -7.06
C GLN B 176 20.96 -13.69 -7.94
N ASN B 177 21.75 -14.63 -7.40
CA ASN B 177 22.43 -15.69 -8.20
C ASN B 177 21.73 -17.04 -8.05
N LEU B 178 20.61 -17.12 -7.32
CA LEU B 178 19.79 -18.35 -7.24
C LEU B 178 18.96 -18.48 -8.51
N THR B 179 18.80 -19.70 -9.00
CA THR B 179 17.89 -20.00 -10.14
C THR B 179 16.45 -19.65 -9.72
N LYS B 180 15.57 -19.47 -10.70
CA LYS B 180 14.11 -19.32 -10.49
C LYS B 180 13.60 -20.47 -9.60
N LYS B 181 14.05 -21.70 -9.83
CA LYS B 181 13.56 -22.90 -9.10
C LYS B 181 13.94 -22.76 -7.62
N GLN B 182 15.19 -22.38 -7.36
CA GLN B 182 15.70 -22.16 -5.99
C GLN B 182 14.88 -21.05 -5.33
N ARG B 183 14.63 -19.93 -6.03
CA ARG B 183 13.95 -18.75 -5.47
C ARG B 183 12.52 -19.10 -5.15
N GLN B 184 11.81 -19.84 -6.00
CA GLN B 184 10.40 -20.24 -5.73
C GLN B 184 10.34 -21.12 -4.47
N SER B 185 11.25 -22.09 -4.36
CA SER B 185 11.30 -23.05 -3.24
C SER B 185 11.67 -22.31 -1.94
N LEU B 186 12.73 -21.49 -1.95
CA LEU B 186 13.21 -20.72 -0.77
C LEU B 186 12.07 -19.82 -0.27
N ARG B 187 11.42 -19.11 -1.19
CA ARG B 187 10.32 -18.18 -0.84
C ARG B 187 9.18 -18.95 -0.15
N LYS B 188 8.76 -20.08 -0.73
CA LYS B 188 7.64 -20.83 -0.14
C LYS B 188 8.04 -21.29 1.28
N MET B 189 9.27 -21.74 1.47
CA MET B 189 9.73 -22.26 2.79
C MET B 189 9.75 -21.11 3.80
N VAL B 190 10.29 -19.97 3.40
CA VAL B 190 10.44 -18.81 4.33
C VAL B 190 9.05 -18.36 4.78
N ILE B 191 8.12 -18.25 3.83
CA ILE B 191 6.71 -17.90 4.14
C ILE B 191 6.14 -18.91 5.14
N ASP B 192 6.25 -20.21 4.84
CA ASP B 192 5.70 -21.30 5.69
C ASP B 192 6.31 -21.20 7.10
N ILE B 193 7.60 -20.89 7.22
CA ILE B 193 8.27 -20.83 8.55
C ILE B 193 7.77 -19.60 9.32
N VAL B 194 7.81 -18.40 8.74
CA VAL B 194 7.48 -17.16 9.51
C VAL B 194 5.99 -17.15 9.91
N LEU B 195 5.08 -17.58 9.03
CA LEU B 195 3.64 -17.66 9.33
C LEU B 195 3.42 -18.59 10.52
N ALA B 196 4.26 -19.60 10.70
CA ALA B 196 4.16 -20.58 11.80
C ALA B 196 4.64 -19.97 13.13
N THR B 197 5.25 -18.78 13.13
CA THR B 197 5.69 -18.11 14.40
C THR B 197 4.50 -17.45 15.10
N ASP B 198 3.37 -17.31 14.43
CA ASP B 198 2.11 -16.78 15.03
C ASP B 198 1.66 -17.79 16.09
N MET B 199 1.54 -17.37 17.35
CA MET B 199 1.12 -18.24 18.48
C MET B 199 -0.25 -18.86 18.22
N SER B 200 -1.09 -18.27 17.38
CA SER B 200 -2.42 -18.85 17.06
C SER B 200 -2.22 -20.19 16.35
N LYS B 201 -1.03 -20.46 15.81
CA LYS B 201 -0.75 -21.71 15.04
C LYS B 201 -0.07 -22.76 15.94
N HIS B 202 0.26 -22.40 17.18
CA HIS B 202 1.07 -23.23 18.12
C HIS B 202 0.50 -24.64 18.30
N MET B 203 -0.79 -24.74 18.64
CA MET B 203 -1.45 -26.00 19.02
C MET B 203 -1.42 -26.97 17.82
N ASN B 204 -1.72 -26.48 16.62
CA ASN B 204 -1.71 -27.34 15.40
C ASN B 204 -0.29 -27.77 15.08
N LEU B 205 0.69 -26.87 15.21
CA LEU B 205 2.12 -27.21 14.97
C LEU B 205 2.54 -28.34 15.92
N LEU B 206 2.19 -28.20 17.20
CA LEU B 206 2.58 -29.14 18.28
C LEU B 206 1.90 -30.50 18.03
N ALA B 207 0.62 -30.51 17.68
CA ALA B 207 -0.11 -31.76 17.34
C ALA B 207 0.63 -32.50 16.21
N ASP B 208 1.01 -31.79 15.14
CA ASP B 208 1.72 -32.37 13.98
C ASP B 208 3.12 -32.86 14.39
N LEU B 209 3.84 -32.10 15.23
CA LEU B 209 5.17 -32.53 15.71
C LEU B 209 5.03 -33.83 16.51
N LYS B 210 4.00 -33.94 17.37
CA LYS B 210 3.73 -35.14 18.21
C LYS B 210 3.49 -36.34 17.30
N THR B 211 2.61 -36.18 16.31
CA THR B 211 2.27 -37.21 15.30
C THR B 211 3.56 -37.68 14.64
N MET B 212 4.47 -36.76 14.32
CA MET B 212 5.77 -37.11 13.67
C MET B 212 6.63 -37.93 14.64
N VAL B 213 6.67 -37.57 15.92
CA VAL B 213 7.46 -38.31 16.95
C VAL B 213 6.91 -39.73 17.09
N GLU B 214 5.57 -39.87 17.11
CA GLU B 214 4.87 -41.19 17.22
C GLU B 214 5.18 -42.08 16.00
N THR B 215 5.32 -41.53 14.79
CA THR B 215 5.57 -42.28 13.53
C THR B 215 7.03 -42.10 13.08
N LYS B 216 7.91 -41.69 13.99
CA LYS B 216 9.31 -41.26 13.67
C LYS B 216 10.06 -42.40 12.96
N LYS B 217 10.69 -42.09 11.83
CA LYS B 217 11.52 -43.03 11.03
C LYS B 217 12.93 -42.48 10.88
N VAL B 218 13.94 -43.37 10.86
CA VAL B 218 15.38 -42.98 10.69
C VAL B 218 15.91 -43.64 9.41
N THR B 219 16.86 -42.99 8.75
CA THR B 219 17.60 -43.54 7.57
C THR B 219 18.54 -44.66 8.05
N SER B 220 19.26 -45.29 7.12
CA SER B 220 20.32 -46.29 7.42
C SER B 220 21.46 -45.65 8.23
N SER B 221 21.69 -44.33 8.07
CA SER B 221 22.74 -43.56 8.79
C SER B 221 22.24 -43.05 10.16
N GLY B 222 20.99 -43.35 10.53
CA GLY B 222 20.45 -43.13 11.89
C GLY B 222 19.87 -41.73 12.11
N VAL B 223 19.78 -40.90 11.08
CA VAL B 223 19.22 -39.50 11.17
C VAL B 223 17.77 -39.50 10.69
N LEU B 224 17.00 -38.48 11.07
CA LEU B 224 15.54 -38.36 10.74
C LEU B 224 15.31 -38.55 9.23
N LEU B 225 14.30 -39.34 8.88
CA LEU B 225 13.84 -39.59 7.50
C LEU B 225 12.62 -38.68 7.29
N LEU B 226 12.75 -37.72 6.38
CA LEU B 226 11.69 -36.78 5.96
C LEU B 226 11.67 -36.80 4.42
N ASP B 227 10.74 -37.52 3.80
CA ASP B 227 10.77 -37.82 2.34
C ASP B 227 9.67 -37.07 1.58
N ASN B 228 8.96 -36.13 2.22
CA ASN B 228 7.95 -35.24 1.57
C ASN B 228 8.09 -33.83 2.16
N TYR B 229 7.69 -32.82 1.38
CA TYR B 229 7.79 -31.40 1.74
C TYR B 229 7.06 -31.15 3.07
N SER B 230 5.86 -31.69 3.19
CA SER B 230 4.97 -31.50 4.36
C SER B 230 5.72 -31.84 5.66
N ASP B 231 6.48 -32.93 5.70
CA ASP B 231 7.21 -33.38 6.92
C ASP B 231 8.44 -32.51 7.12
N ARG B 232 9.15 -32.19 6.04
CA ARG B 232 10.40 -31.39 6.07
C ARG B 232 10.06 -29.97 6.61
N ILE B 233 9.03 -29.33 6.07
CA ILE B 233 8.68 -27.94 6.45
C ILE B 233 8.12 -27.93 7.87
N GLN B 234 7.34 -28.95 8.25
CA GLN B 234 6.79 -29.09 9.63
C GLN B 234 7.96 -29.03 10.62
N VAL B 235 9.06 -29.73 10.33
CA VAL B 235 10.23 -29.78 11.25
C VAL B 235 10.92 -28.41 11.28
N LEU B 236 11.05 -27.76 10.12
CA LEU B 236 11.70 -26.44 10.10
C LEU B 236 10.77 -25.43 10.79
N GLN B 237 9.46 -25.56 10.61
CA GLN B 237 8.51 -24.64 11.26
C GLN B 237 8.65 -24.77 12.78
N ASN B 238 8.61 -25.99 13.30
CA ASN B 238 8.71 -26.23 14.76
C ASN B 238 10.10 -25.86 15.27
N MET B 239 11.14 -26.03 14.45
CA MET B 239 12.51 -25.68 14.88
C MET B 239 12.62 -24.17 15.12
N VAL B 240 12.16 -23.34 14.18
CA VAL B 240 12.21 -21.86 14.33
C VAL B 240 11.22 -21.42 15.43
N HIS B 241 10.10 -22.10 15.56
CA HIS B 241 9.12 -21.89 16.67
C HIS B 241 9.81 -22.14 18.02
N CYS B 242 10.54 -23.26 18.17
CA CYS B 242 11.34 -23.57 19.38
C CYS B 242 12.37 -22.47 19.62
N ALA B 243 13.09 -22.04 18.57
CA ALA B 243 14.11 -20.97 18.70
C ALA B 243 13.41 -19.69 19.21
N ASP B 244 12.21 -19.42 18.71
CA ASP B 244 11.43 -18.23 19.10
C ASP B 244 11.00 -18.34 20.58
N LEU B 245 10.72 -19.56 21.02
CA LEU B 245 10.26 -19.82 22.42
C LEU B 245 11.41 -20.45 23.23
N SER B 246 12.66 -20.03 22.98
CA SER B 246 13.86 -20.65 23.58
C SER B 246 14.31 -19.92 24.84
N ASN B 247 13.78 -18.72 25.12
CA ASN B 247 14.27 -17.88 26.27
C ASN B 247 14.29 -18.70 27.56
N PRO B 248 13.21 -19.38 27.96
CA PRO B 248 13.17 -20.07 29.24
C PRO B 248 14.10 -21.30 29.30
N THR B 249 14.66 -21.72 28.16
CA THR B 249 15.61 -22.85 28.05
C THR B 249 17.06 -22.37 28.12
N LYS B 250 17.29 -21.06 28.21
CA LYS B 250 18.67 -20.52 28.25
C LYS B 250 19.15 -20.47 29.70
N PRO B 251 20.47 -20.37 29.94
CA PRO B 251 20.99 -20.07 31.28
C PRO B 251 20.19 -18.91 31.92
N LEU B 252 19.84 -19.09 33.19
CA LEU B 252 18.97 -18.22 33.99
C LEU B 252 19.29 -16.74 33.85
N GLN B 253 20.59 -16.38 33.79
CA GLN B 253 20.99 -14.96 33.65
C GLN B 253 20.43 -14.37 32.36
N LEU B 254 20.40 -15.16 31.27
CA LEU B 254 19.90 -14.70 29.96
C LEU B 254 18.36 -14.65 30.02
N TYR B 255 17.73 -15.72 30.49
CA TYR B 255 16.26 -15.85 30.62
C TYR B 255 15.72 -14.62 31.36
N ARG B 256 16.36 -14.21 32.46
CA ARG B 256 15.85 -13.11 33.32
C ARG B 256 15.94 -11.77 32.58
N GLN B 257 16.96 -11.59 31.74
CA GLN B 257 17.05 -10.37 30.90
C GLN B 257 15.89 -10.33 29.91
N TRP B 258 15.57 -11.47 29.29
CA TRP B 258 14.46 -11.60 28.32
C TRP B 258 13.12 -11.33 29.01
N THR B 259 12.94 -11.86 30.22
CA THR B 259 11.70 -11.67 31.00
C THR B 259 11.55 -10.17 31.32
N ASP B 260 12.60 -9.51 31.80
CA ASP B 260 12.56 -8.05 32.06
C ASP B 260 12.13 -7.32 30.78
N ARG B 261 12.65 -7.73 29.64
CA ARG B 261 12.40 -7.05 28.34
C ARG B 261 10.94 -7.29 27.89
N ILE B 262 10.44 -8.52 27.94
CA ILE B 262 9.06 -8.79 27.47
C ILE B 262 8.11 -8.04 28.40
N MET B 263 8.42 -7.97 29.69
CA MET B 263 7.49 -7.36 30.67
C MET B 263 7.51 -5.83 30.48
N GLU B 264 8.66 -5.23 30.20
CA GLU B 264 8.73 -3.80 29.82
C GLU B 264 7.83 -3.56 28.60
N GLU B 265 7.88 -4.44 27.60
CA GLU B 265 7.15 -4.23 26.33
C GLU B 265 5.65 -4.40 26.61
N PHE B 266 5.26 -5.45 27.34
CA PHE B 266 3.85 -5.72 27.71
C PHE B 266 3.27 -4.54 28.53
N PHE B 267 4.01 -4.05 29.52
CA PHE B 267 3.55 -2.97 30.42
C PHE B 267 3.36 -1.69 29.59
N ARG B 268 4.25 -1.40 28.65
CA ARG B 268 4.10 -0.28 27.71
C ARG B 268 2.80 -0.46 26.91
N GLN B 269 2.49 -1.65 26.41
CA GLN B 269 1.22 -1.90 25.68
C GLN B 269 0.05 -1.63 26.63
N GLY B 270 0.13 -2.11 27.87
CA GLY B 270 -0.92 -1.90 28.88
C GLY B 270 -1.12 -0.43 29.20
N ASP B 271 -0.05 0.35 29.25
CA ASP B 271 -0.14 1.82 29.48
C ASP B 271 -0.87 2.47 28.30
N ARG B 272 -0.55 2.06 27.07
CA ARG B 272 -1.22 2.60 25.86
C ARG B 272 -2.70 2.22 25.89
N GLU B 273 -3.02 0.99 26.25
CA GLU B 273 -4.42 0.50 26.34
C GLU B 273 -5.18 1.29 27.42
N ARG B 274 -4.60 1.49 28.61
CA ARG B 274 -5.24 2.22 29.74
C ARG B 274 -5.53 3.67 29.33
N GLU B 275 -4.54 4.38 28.77
CA GLU B 275 -4.72 5.79 28.36
C GLU B 275 -5.83 5.91 27.29
N ARG B 276 -6.10 4.85 26.51
CA ARG B 276 -7.11 4.88 25.42
C ARG B 276 -8.45 4.32 25.89
N GLY B 277 -8.56 3.89 27.16
CA GLY B 277 -9.79 3.30 27.73
C GLY B 277 -10.09 1.93 27.17
N MET B 278 -9.09 1.23 26.63
CA MET B 278 -9.22 -0.13 26.06
C MET B 278 -9.09 -1.11 27.22
N GLU B 279 -9.67 -2.30 27.07
CA GLU B 279 -9.39 -3.45 27.95
C GLU B 279 -7.86 -3.67 27.94
N ILE B 280 -7.25 -3.81 29.12
CA ILE B 280 -5.79 -4.09 29.23
C ILE B 280 -5.59 -5.59 28.97
N SER B 281 -4.65 -5.94 28.09
CA SER B 281 -4.42 -7.32 27.63
C SER B 281 -3.81 -8.11 28.80
N PRO B 282 -3.95 -9.45 28.82
CA PRO B 282 -3.32 -10.27 29.86
C PRO B 282 -1.82 -9.94 30.01
N MET B 283 -1.38 -9.81 31.26
CA MET B 283 0.05 -9.66 31.65
C MET B 283 0.54 -8.25 31.30
N CYS B 284 -0.32 -7.35 30.81
CA CYS B 284 0.11 -5.99 30.37
C CYS B 284 -0.21 -4.92 31.42
N ASP B 285 -0.87 -5.28 32.52
CA ASP B 285 -1.25 -4.31 33.59
C ASP B 285 -0.14 -4.29 34.66
N LYS B 286 0.73 -3.28 34.64
CA LYS B 286 1.84 -3.12 35.62
C LYS B 286 1.30 -2.95 37.06
N HIS B 287 0.02 -2.57 37.22
CA HIS B 287 -0.61 -2.36 38.55
C HIS B 287 -1.24 -3.66 39.05
N ASN B 288 -1.32 -4.69 38.20
CA ASN B 288 -2.06 -5.94 38.50
C ASN B 288 -1.39 -7.10 37.77
N ALA B 289 -0.09 -7.31 38.02
CA ALA B 289 0.79 -8.27 37.29
C ALA B 289 1.30 -9.37 38.21
N SER B 290 1.48 -10.58 37.65
CA SER B 290 2.13 -11.75 38.28
C SER B 290 3.21 -12.28 37.35
N VAL B 291 4.29 -11.51 37.18
CA VAL B 291 5.39 -11.83 36.22
C VAL B 291 5.83 -13.28 36.43
N GLU B 292 6.11 -13.67 37.68
CA GLU B 292 6.65 -14.99 38.06
C GLU B 292 5.60 -16.06 37.73
N LYS B 293 4.36 -15.85 38.16
CA LYS B 293 3.26 -16.83 37.92
C LYS B 293 3.07 -16.98 36.40
N SER B 294 3.20 -15.88 35.66
CA SER B 294 3.00 -15.88 34.19
C SER B 294 4.11 -16.70 33.53
N GLN B 295 5.36 -16.57 33.98
CA GLN B 295 6.49 -17.36 33.42
C GLN B 295 6.22 -18.86 33.66
N VAL B 296 5.83 -19.23 34.88
CA VAL B 296 5.56 -20.66 35.22
C VAL B 296 4.41 -21.14 34.33
N GLY B 297 3.36 -20.34 34.18
CA GLY B 297 2.21 -20.69 33.30
C GLY B 297 2.66 -20.84 31.84
N PHE B 298 3.50 -19.93 31.34
CA PHE B 298 4.00 -19.99 29.95
C PHE B 298 4.79 -21.28 29.76
N ILE B 299 5.67 -21.59 30.70
CA ILE B 299 6.50 -22.83 30.64
C ILE B 299 5.57 -24.04 30.64
N ASP B 300 4.61 -24.08 31.57
CA ASP B 300 3.77 -25.29 31.82
C ASP B 300 2.85 -25.55 30.64
N TYR B 301 2.24 -24.52 30.05
CA TYR B 301 1.18 -24.70 29.01
C TYR B 301 1.76 -24.65 27.60
N ILE B 302 2.88 -23.95 27.39
CA ILE B 302 3.39 -23.66 26.02
C ILE B 302 4.80 -24.23 25.85
N VAL B 303 5.76 -23.74 26.61
CA VAL B 303 7.19 -23.92 26.29
C VAL B 303 7.60 -25.38 26.57
N HIS B 304 7.23 -25.92 27.73
CA HIS B 304 7.64 -27.30 28.13
C HIS B 304 6.97 -28.34 27.21
N PRO B 305 5.66 -28.29 26.90
CA PRO B 305 5.09 -29.25 25.96
C PRO B 305 5.79 -29.23 24.59
N LEU B 306 6.20 -28.04 24.14
CA LEU B 306 6.85 -27.88 22.83
C LEU B 306 8.26 -28.49 22.90
N TRP B 307 9.06 -28.05 23.85
CA TRP B 307 10.47 -28.50 23.98
C TRP B 307 10.56 -29.98 24.32
N GLU B 308 9.62 -30.50 25.10
CA GLU B 308 9.56 -31.94 25.46
C GLU B 308 9.36 -32.73 24.16
N THR B 309 8.45 -32.26 23.30
CA THR B 309 8.17 -32.96 22.03
C THR B 309 9.39 -32.82 21.11
N TRP B 310 10.00 -31.63 21.03
CA TRP B 310 11.21 -31.45 20.21
C TRP B 310 12.32 -32.39 20.73
N ALA B 311 12.54 -32.46 22.03
CA ALA B 311 13.61 -33.28 22.66
C ALA B 311 13.42 -34.76 22.25
N ASP B 312 12.17 -35.24 22.18
CA ASP B 312 11.81 -36.59 21.71
C ASP B 312 12.22 -36.76 20.25
N LEU B 313 11.94 -35.78 19.41
CA LEU B 313 12.25 -35.86 17.95
C LEU B 313 13.77 -36.03 17.76
N VAL B 314 14.59 -35.33 18.54
CA VAL B 314 16.07 -35.30 18.32
C VAL B 314 16.78 -35.98 19.48
N HIS B 315 16.08 -36.86 20.21
CA HIS B 315 16.60 -37.56 21.41
C HIS B 315 17.96 -38.18 21.10
N PRO B 316 18.99 -38.02 21.97
CA PRO B 316 18.94 -37.21 23.19
C PRO B 316 19.57 -35.81 23.11
N ASP B 317 19.66 -35.25 21.89
CA ASP B 317 20.49 -34.06 21.58
C ASP B 317 20.06 -32.85 22.45
N ALA B 318 18.79 -32.75 22.84
CA ALA B 318 18.22 -31.55 23.52
C ALA B 318 18.10 -31.78 25.03
N GLN B 319 18.68 -32.84 25.59
CA GLN B 319 18.40 -33.21 27.01
C GLN B 319 18.85 -32.08 27.94
N ASP B 320 20.00 -31.46 27.70
CA ASP B 320 20.54 -30.39 28.59
C ASP B 320 19.67 -29.13 28.49
N ILE B 321 19.10 -28.87 27.31
CA ILE B 321 18.15 -27.75 27.07
C ILE B 321 16.89 -27.99 27.91
N LEU B 322 16.30 -29.18 27.83
CA LEU B 322 15.08 -29.53 28.62
C LEU B 322 15.40 -29.44 30.12
N ASP B 323 16.59 -29.89 30.55
CA ASP B 323 16.99 -29.84 31.99
C ASP B 323 17.04 -28.38 32.44
N THR B 324 17.67 -27.50 31.65
CA THR B 324 17.78 -26.07 31.98
C THR B 324 16.37 -25.47 32.10
N LEU B 325 15.44 -25.89 31.23
CA LEU B 325 14.04 -25.39 31.22
C LEU B 325 13.36 -25.74 32.55
N GLU B 326 13.49 -26.99 32.99
CA GLU B 326 12.90 -27.49 34.27
C GLU B 326 13.55 -26.77 35.46
N ASP B 327 14.86 -26.52 35.42
CA ASP B 327 15.54 -25.78 36.51
C ASP B 327 15.01 -24.34 36.56
N ASN B 328 14.85 -23.70 35.39
CA ASN B 328 14.42 -22.29 35.28
C ASN B 328 12.97 -22.19 35.78
N ARG B 329 12.12 -23.15 35.41
CA ARG B 329 10.73 -23.25 35.88
C ARG B 329 10.70 -23.27 37.41
N GLU B 330 11.54 -24.09 38.05
CA GLU B 330 11.56 -24.22 39.54
C GLU B 330 12.03 -22.91 40.15
N TRP B 331 13.04 -22.29 39.56
CA TRP B 331 13.54 -20.99 40.07
C TRP B 331 12.41 -19.95 40.07
N TYR B 332 11.63 -19.84 38.98
CA TYR B 332 10.53 -18.85 38.89
C TYR B 332 9.42 -19.23 39.88
N GLN B 333 9.07 -20.51 40.01
CA GLN B 333 8.05 -21.03 40.98
C GLN B 333 8.42 -20.54 42.39
N SER B 334 9.70 -20.62 42.75
CA SER B 334 10.20 -20.28 44.10
C SER B 334 10.14 -18.76 44.36
N THR B 335 9.86 -17.93 43.36
CA THR B 335 9.80 -16.45 43.52
C THR B 335 8.35 -15.94 43.41
N ILE B 336 7.36 -16.82 43.25
CA ILE B 336 5.92 -16.45 43.18
C ILE B 336 5.46 -16.07 44.58
N PRO B 337 4.90 -14.86 44.81
CA PRO B 337 4.28 -14.56 46.11
C PRO B 337 3.14 -15.53 46.46
N GLN B 338 2.84 -15.72 47.75
CA GLN B 338 1.64 -16.49 48.21
C GLN B 338 0.37 -15.68 47.94
N GLU C 13 -3.68 -12.90 -45.79
CA GLU C 13 -3.89 -13.43 -44.42
C GLU C 13 -3.61 -12.34 -43.38
N GLN C 14 -4.01 -12.59 -42.13
CA GLN C 14 -4.09 -11.59 -41.03
C GLN C 14 -2.69 -11.03 -40.75
N GLU C 15 -1.74 -11.92 -40.42
CA GLU C 15 -0.33 -11.58 -40.08
C GLU C 15 0.27 -10.66 -41.15
N ASP C 16 -0.05 -10.90 -42.43
CA ASP C 16 0.58 -10.19 -43.57
C ASP C 16 0.02 -8.76 -43.62
N VAL C 17 -1.30 -8.60 -43.47
CA VAL C 17 -1.96 -7.25 -43.46
C VAL C 17 -1.45 -6.45 -42.26
N LEU C 18 -1.22 -7.11 -41.12
CA LEU C 18 -0.69 -6.46 -39.88
C LEU C 18 0.72 -5.94 -40.18
N ALA C 19 1.56 -6.77 -40.79
CA ALA C 19 2.98 -6.42 -41.07
C ALA C 19 3.03 -5.26 -42.06
N LYS C 20 2.10 -5.21 -43.01
CA LYS C 20 2.02 -4.10 -44.00
C LYS C 20 1.66 -2.81 -43.26
N GLU C 21 0.71 -2.87 -42.33
CA GLU C 21 0.30 -1.68 -41.53
C GLU C 21 1.45 -1.20 -40.64
N LEU C 22 2.30 -2.12 -40.15
CA LEU C 22 3.40 -1.76 -39.19
C LEU C 22 4.57 -1.09 -39.95
N GLU C 23 4.56 -1.15 -41.28
CA GLU C 23 5.59 -0.48 -42.11
C GLU C 23 5.37 1.04 -42.09
N ASP C 24 4.19 1.51 -41.66
CA ASP C 24 3.89 2.97 -41.54
C ASP C 24 4.34 3.50 -40.16
N VAL C 25 5.08 2.70 -39.39
CA VAL C 25 5.40 2.99 -37.96
C VAL C 25 6.19 4.29 -37.85
N ASN C 26 6.88 4.74 -38.91
CA ASN C 26 7.74 5.95 -38.88
C ASN C 26 6.95 7.16 -39.38
N LYS C 27 5.66 7.00 -39.61
CA LYS C 27 4.82 8.06 -40.24
C LYS C 27 3.74 8.53 -39.25
N TRP C 28 3.53 9.84 -39.21
CA TRP C 28 2.35 10.48 -38.60
C TRP C 28 1.11 9.92 -39.30
N GLY C 29 0.16 9.36 -38.58
CA GLY C 29 -1.06 8.84 -39.22
C GLY C 29 -1.07 7.35 -39.39
N LEU C 30 -0.21 6.63 -38.68
CA LEU C 30 -0.30 5.15 -38.55
C LEU C 30 -1.76 4.75 -38.29
N HIS C 31 -2.24 3.66 -38.91
CA HIS C 31 -3.62 3.13 -38.73
C HIS C 31 -3.68 2.33 -37.41
N VAL C 32 -3.62 3.02 -36.30
CA VAL C 32 -3.38 2.38 -34.97
C VAL C 32 -4.60 1.57 -34.55
N PHE C 33 -5.79 2.00 -34.93
CA PHE C 33 -7.04 1.25 -34.64
C PHE C 33 -7.04 -0.04 -35.45
N ARG C 34 -6.56 0.00 -36.70
CA ARG C 34 -6.50 -1.21 -37.56
C ARG C 34 -5.49 -2.18 -36.95
N ILE C 35 -4.34 -1.67 -36.50
CA ILE C 35 -3.32 -2.49 -35.81
C ILE C 35 -3.92 -3.11 -34.53
N ALA C 36 -4.76 -2.38 -33.79
CA ALA C 36 -5.42 -2.93 -32.58
C ALA C 36 -6.29 -4.13 -32.96
N GLU C 37 -7.13 -4.02 -34.00
CA GLU C 37 -8.01 -5.14 -34.45
C GLU C 37 -7.15 -6.34 -34.87
N LEU C 38 -6.17 -6.11 -35.73
CA LEU C 38 -5.38 -7.18 -36.40
C LEU C 38 -4.46 -7.89 -35.41
N SER C 39 -4.00 -7.21 -34.36
CA SER C 39 -3.08 -7.79 -33.34
C SER C 39 -3.86 -8.51 -32.23
N GLY C 40 -5.20 -8.59 -32.32
CA GLY C 40 -6.03 -9.16 -31.24
C GLY C 40 -5.97 -8.31 -29.97
N ASN C 41 -6.11 -6.99 -30.13
CA ASN C 41 -6.02 -5.97 -29.05
C ASN C 41 -4.63 -5.99 -28.41
N ARG C 42 -3.58 -6.06 -29.21
CA ARG C 42 -2.17 -5.97 -28.73
C ARG C 42 -1.43 -4.87 -29.46
N PRO C 43 -2.04 -3.70 -29.68
CA PRO C 43 -1.37 -2.61 -30.39
C PRO C 43 -0.11 -2.15 -29.64
N LEU C 44 -0.15 -2.04 -28.32
CA LEU C 44 1.00 -1.51 -27.53
C LEU C 44 2.16 -2.51 -27.67
N THR C 45 1.90 -3.79 -27.52
CA THR C 45 2.93 -4.85 -27.60
C THR C 45 3.57 -4.83 -29.00
N VAL C 46 2.78 -4.90 -30.07
CA VAL C 46 3.35 -5.04 -31.44
C VAL C 46 4.05 -3.73 -31.84
N ILE C 47 3.50 -2.57 -31.48
CA ILE C 47 4.10 -1.27 -31.87
C ILE C 47 5.37 -1.05 -31.07
N MET C 48 5.35 -1.32 -29.78
CA MET C 48 6.55 -1.13 -28.94
C MET C 48 7.67 -2.03 -29.45
N HIS C 49 7.37 -3.29 -29.73
CA HIS C 49 8.37 -4.27 -30.22
C HIS C 49 8.93 -3.79 -31.55
N THR C 50 8.06 -3.34 -32.46
CA THR C 50 8.47 -2.83 -33.79
C THR C 50 9.41 -1.64 -33.64
N ILE C 51 9.08 -0.70 -32.76
CA ILE C 51 9.92 0.52 -32.53
C ILE C 51 11.25 0.13 -31.89
N PHE C 52 11.24 -0.78 -30.91
CA PHE C 52 12.48 -1.28 -30.27
C PHE C 52 13.41 -1.90 -31.35
N GLN C 53 12.89 -2.70 -32.27
CA GLN C 53 13.65 -3.30 -33.40
C GLN C 53 14.15 -2.17 -34.31
N GLU C 54 13.26 -1.31 -34.80
CA GLU C 54 13.60 -0.17 -35.68
C GLU C 54 14.75 0.66 -35.09
N ARG C 55 14.74 0.94 -33.79
CA ARG C 55 15.77 1.81 -33.14
C ARG C 55 16.93 0.97 -32.57
N ASP C 56 16.91 -0.35 -32.78
CA ASP C 56 17.98 -1.30 -32.37
C ASP C 56 18.14 -1.31 -30.84
N LEU C 57 17.07 -1.14 -30.06
CA LEU C 57 17.18 -0.96 -28.59
C LEU C 57 17.41 -2.31 -27.90
N LEU C 58 16.98 -3.43 -28.48
CA LEU C 58 17.21 -4.78 -27.89
C LEU C 58 18.72 -5.03 -27.86
N LYS C 59 19.40 -4.79 -29.00
CA LYS C 59 20.88 -4.95 -29.10
C LYS C 59 21.58 -3.93 -28.19
N THR C 60 21.24 -2.65 -28.28
CA THR C 60 21.95 -1.56 -27.54
C THR C 60 21.89 -1.84 -26.03
N PHE C 61 20.74 -2.27 -25.50
CA PHE C 61 20.52 -2.39 -24.03
C PHE C 61 20.45 -3.87 -23.63
N LYS C 62 20.76 -4.79 -24.54
CA LYS C 62 20.90 -6.25 -24.27
C LYS C 62 19.59 -6.73 -23.60
N ILE C 63 18.45 -6.39 -24.23
CA ILE C 63 17.10 -6.76 -23.74
C ILE C 63 16.73 -8.09 -24.37
N PRO C 64 16.60 -9.18 -23.57
CA PRO C 64 16.16 -10.46 -24.10
C PRO C 64 14.77 -10.25 -24.73
N VAL C 65 14.54 -10.79 -25.92
CA VAL C 65 13.28 -10.54 -26.70
C VAL C 65 12.09 -11.15 -25.93
N ASP C 66 12.25 -12.31 -25.28
CA ASP C 66 11.19 -12.98 -24.48
C ASP C 66 10.82 -12.08 -23.29
N THR C 67 11.81 -11.46 -22.64
CA THR C 67 11.60 -10.52 -21.51
C THR C 67 10.82 -9.29 -22.01
N LEU C 68 11.19 -8.75 -23.16
CA LEU C 68 10.53 -7.56 -23.73
C LEU C 68 9.06 -7.90 -24.00
N ILE C 69 8.78 -9.02 -24.65
CA ILE C 69 7.39 -9.42 -25.00
C ILE C 69 6.62 -9.68 -23.70
N THR C 70 7.21 -10.32 -22.69
CA THR C 70 6.51 -10.64 -21.42
C THR C 70 6.14 -9.33 -20.73
N TYR C 71 7.08 -8.39 -20.62
CA TYR C 71 6.82 -7.06 -20.02
C TYR C 71 5.74 -6.35 -20.83
N LEU C 72 5.88 -6.27 -22.16
CA LEU C 72 4.91 -5.49 -22.96
C LEU C 72 3.52 -6.06 -22.78
N MET C 73 3.37 -7.37 -22.81
CA MET C 73 2.04 -7.99 -22.65
C MET C 73 1.50 -7.69 -21.24
N THR C 74 2.36 -7.76 -20.22
CA THR C 74 1.99 -7.45 -18.82
C THR C 74 1.53 -5.99 -18.72
N LEU C 75 2.29 -5.07 -19.31
CA LEU C 75 1.96 -3.62 -19.30
C LEU C 75 0.63 -3.41 -20.02
N GLU C 76 0.49 -3.99 -21.21
CA GLU C 76 -0.75 -3.83 -22.00
C GLU C 76 -1.95 -4.37 -21.19
N ASP C 77 -1.78 -5.47 -20.45
CA ASP C 77 -2.84 -6.10 -19.61
C ASP C 77 -3.26 -5.17 -18.45
N HIS C 78 -2.43 -4.22 -18.05
CA HIS C 78 -2.75 -3.28 -16.93
C HIS C 78 -3.33 -1.96 -17.47
N TYR C 79 -3.54 -1.86 -18.78
CA TYR C 79 -4.43 -0.85 -19.38
C TYR C 79 -5.83 -1.47 -19.37
N HIS C 80 -6.88 -0.69 -19.12
CA HIS C 80 -8.26 -1.19 -18.93
C HIS C 80 -8.96 -1.23 -20.29
N ALA C 81 -9.37 -2.42 -20.72
CA ALA C 81 -10.14 -2.67 -21.96
C ALA C 81 -11.51 -1.98 -21.92
N ASP C 82 -12.08 -1.75 -20.75
CA ASP C 82 -13.42 -1.11 -20.58
C ASP C 82 -13.34 0.43 -20.61
N VAL C 83 -12.15 1.01 -20.66
CA VAL C 83 -11.96 2.48 -20.70
C VAL C 83 -11.83 2.88 -22.17
N ALA C 84 -12.67 3.80 -22.66
CA ALA C 84 -12.83 4.06 -24.10
C ALA C 84 -11.62 4.82 -24.67
N TYR C 85 -10.99 5.70 -23.89
CA TYR C 85 -9.87 6.53 -24.38
C TYR C 85 -8.56 6.10 -23.74
N HIS C 86 -8.43 6.18 -22.40
CA HIS C 86 -7.15 5.96 -21.68
C HIS C 86 -6.85 4.47 -21.57
N ASN C 87 -6.59 3.85 -22.73
CA ASN C 87 -6.38 2.39 -22.85
C ASN C 87 -5.07 2.15 -23.61
N ASN C 88 -4.83 0.90 -23.92
CA ASN C 88 -3.61 0.40 -24.59
C ASN C 88 -3.48 1.03 -25.98
N ILE C 89 -4.59 1.37 -26.62
CA ILE C 89 -4.53 1.96 -28.00
C ILE C 89 -3.95 3.37 -27.87
N HIS C 90 -4.40 4.13 -26.87
CA HIS C 90 -3.85 5.49 -26.60
C HIS C 90 -2.36 5.37 -26.26
N ALA C 91 -1.98 4.42 -25.41
CA ALA C 91 -0.57 4.21 -25.05
C ALA C 91 0.22 3.94 -26.33
N ALA C 92 -0.27 3.02 -27.17
CA ALA C 92 0.41 2.65 -28.44
C ALA C 92 0.59 3.92 -29.29
N ASP C 93 -0.45 4.75 -29.36
CA ASP C 93 -0.49 5.98 -30.18
C ASP C 93 0.57 6.96 -29.66
N VAL C 94 0.63 7.18 -28.35
CA VAL C 94 1.57 8.19 -27.79
C VAL C 94 3.00 7.70 -28.01
N VAL C 95 3.23 6.39 -27.82
CA VAL C 95 4.53 5.75 -28.11
C VAL C 95 4.94 6.03 -29.57
N GLN C 96 4.06 5.72 -30.51
CA GLN C 96 4.40 5.81 -31.95
C GLN C 96 4.61 7.28 -32.29
N SER C 97 3.79 8.16 -31.71
CA SER C 97 3.85 9.63 -31.96
C SER C 97 5.17 10.18 -31.40
N THR C 98 5.55 9.77 -30.19
CA THR C 98 6.85 10.15 -29.62
C THR C 98 7.98 9.67 -30.55
N HIS C 99 7.88 8.43 -31.03
CA HIS C 99 8.87 7.81 -31.95
C HIS C 99 9.03 8.70 -33.20
N VAL C 100 7.93 9.19 -33.77
CA VAL C 100 8.03 10.06 -34.98
C VAL C 100 8.68 11.40 -34.60
N LEU C 101 8.26 12.02 -33.49
CA LEU C 101 8.80 13.33 -33.06
C LEU C 101 10.31 13.22 -32.78
N LEU C 102 10.77 12.08 -32.24
CA LEU C 102 12.20 11.85 -31.92
C LEU C 102 13.03 11.84 -33.23
N SER C 103 12.44 11.43 -34.35
CA SER C 103 13.09 11.31 -35.67
C SER C 103 13.12 12.65 -36.40
N THR C 104 12.58 13.73 -35.83
CA THR C 104 12.53 15.05 -36.51
C THR C 104 13.96 15.51 -36.85
N PRO C 105 14.19 16.02 -38.09
CA PRO C 105 15.51 16.48 -38.51
C PRO C 105 16.20 17.48 -37.56
N ALA C 106 15.46 18.42 -36.98
CA ALA C 106 16.02 19.43 -36.06
C ALA C 106 16.59 18.78 -34.79
N LEU C 107 16.33 17.49 -34.54
CA LEU C 107 16.84 16.82 -33.31
C LEU C 107 17.82 15.70 -33.64
N GLU C 108 18.26 15.59 -34.90
CA GLU C 108 19.14 14.49 -35.36
C GLU C 108 20.42 14.46 -34.51
N ALA C 109 20.71 13.31 -33.91
CA ALA C 109 21.90 12.99 -33.10
C ALA C 109 21.97 13.84 -31.82
N VAL C 110 20.90 14.54 -31.45
CA VAL C 110 20.85 15.36 -30.20
C VAL C 110 20.73 14.45 -28.96
N PHE C 111 19.86 13.43 -28.96
CA PHE C 111 19.53 12.64 -27.74
C PHE C 111 20.33 11.33 -27.74
N THR C 112 20.81 10.92 -26.57
CA THR C 112 21.49 9.60 -26.39
C THR C 112 20.47 8.47 -26.50
N ASP C 113 20.97 7.25 -26.67
CA ASP C 113 20.13 6.01 -26.73
C ASP C 113 19.31 5.89 -25.42
N LEU C 114 19.90 6.24 -24.27
CA LEU C 114 19.23 6.15 -22.95
C LEU C 114 18.11 7.17 -22.89
N GLU C 115 18.32 8.39 -23.38
CA GLU C 115 17.25 9.42 -23.43
C GLU C 115 16.11 8.97 -24.35
N ILE C 116 16.43 8.34 -25.48
CA ILE C 116 15.43 7.83 -26.47
C ILE C 116 14.60 6.75 -25.76
N LEU C 117 15.29 5.84 -25.07
CA LEU C 117 14.66 4.73 -24.33
C LEU C 117 13.72 5.30 -23.27
N ALA C 118 14.16 6.31 -22.53
CA ALA C 118 13.36 7.01 -21.50
C ALA C 118 12.07 7.55 -22.11
N ALA C 119 12.16 8.29 -23.21
CA ALA C 119 11.00 8.98 -23.80
C ALA C 119 9.97 7.93 -24.26
N ILE C 120 10.43 6.82 -24.84
CA ILE C 120 9.54 5.79 -25.42
C ILE C 120 8.94 4.96 -24.26
N PHE C 121 9.76 4.54 -23.31
CA PHE C 121 9.29 3.79 -22.12
C PHE C 121 8.28 4.65 -21.38
N ALA C 122 8.59 5.92 -21.16
CA ALA C 122 7.68 6.88 -20.49
C ALA C 122 6.34 6.92 -21.24
N SER C 123 6.37 7.06 -22.56
CA SER C 123 5.15 7.11 -23.39
C SER C 123 4.34 5.84 -23.16
N ALA C 124 4.99 4.68 -23.09
CA ALA C 124 4.31 3.38 -23.02
C ALA C 124 3.56 3.25 -21.68
N ILE C 125 4.14 3.76 -20.60
CA ILE C 125 3.60 3.55 -19.23
C ILE C 125 2.73 4.74 -18.81
N HIS C 126 2.70 5.82 -19.60
CA HIS C 126 2.30 7.16 -19.09
C HIS C 126 0.87 7.19 -18.56
N ASP C 127 -0.02 6.29 -19.00
CA ASP C 127 -1.42 6.24 -18.51
C ASP C 127 -1.77 4.83 -17.98
N VAL C 128 -0.81 4.00 -17.61
CA VAL C 128 -1.12 2.57 -17.29
C VAL C 128 -2.04 2.54 -16.04
N ASP C 129 -3.02 1.63 -16.05
CA ASP C 129 -4.02 1.40 -14.98
C ASP C 129 -4.88 2.66 -14.80
N HIS C 130 -5.14 3.42 -15.88
CA HIS C 130 -6.04 4.59 -15.86
C HIS C 130 -7.45 4.07 -15.63
N PRO C 131 -8.15 4.57 -14.59
CA PRO C 131 -9.51 4.10 -14.29
C PRO C 131 -10.60 4.79 -15.13
N GLY C 132 -10.25 5.75 -15.97
CA GLY C 132 -11.22 6.39 -16.88
C GLY C 132 -11.96 7.54 -16.20
N VAL C 133 -11.44 8.02 -15.07
CA VAL C 133 -11.96 9.21 -14.36
C VAL C 133 -10.76 10.11 -14.02
N SER C 134 -11.02 11.39 -13.78
CA SER C 134 -10.00 12.44 -13.58
C SER C 134 -9.42 12.39 -12.16
N ASN C 135 -8.28 13.04 -12.00
CA ASN C 135 -7.68 13.35 -10.69
C ASN C 135 -8.75 13.92 -9.75
N GLN C 136 -9.53 14.89 -10.23
CA GLN C 136 -10.50 15.60 -9.38
C GLN C 136 -11.53 14.59 -8.85
N PHE C 137 -11.99 13.67 -9.68
CA PHE C 137 -12.98 12.63 -9.27
C PHE C 137 -12.36 11.79 -8.14
N LEU C 138 -11.10 11.37 -8.30
CA LEU C 138 -10.43 10.52 -7.30
C LEU C 138 -10.23 11.32 -6.01
N ILE C 139 -10.02 12.63 -6.14
CA ILE C 139 -9.84 13.53 -4.95
C ILE C 139 -11.16 13.66 -4.22
N ASN C 140 -12.25 13.91 -4.96
CA ASN C 140 -13.57 14.25 -4.39
C ASN C 140 -14.18 13.03 -3.67
N THR C 141 -13.87 11.81 -4.11
CA THR C 141 -14.42 10.55 -3.55
C THR C 141 -13.55 10.10 -2.38
N ASN C 142 -12.44 10.77 -2.10
CA ASN C 142 -11.46 10.35 -1.07
C ASN C 142 -10.94 8.96 -1.39
N SER C 143 -10.58 8.72 -2.65
CA SER C 143 -9.97 7.42 -3.08
C SER C 143 -8.67 7.21 -2.32
N GLU C 144 -8.27 5.95 -2.16
CA GLU C 144 -6.98 5.56 -1.57
C GLU C 144 -5.85 6.21 -2.36
N LEU C 145 -5.94 6.24 -3.72
CA LEU C 145 -4.88 6.82 -4.57
C LEU C 145 -4.66 8.29 -4.18
N ALA C 146 -5.72 9.06 -4.08
CA ALA C 146 -5.64 10.50 -3.74
C ALA C 146 -5.05 10.65 -2.32
N LEU C 147 -5.37 9.75 -1.38
CA LEU C 147 -4.84 9.78 0.00
C LEU C 147 -3.33 9.54 -0.04
N MET C 148 -2.91 8.56 -0.82
CA MET C 148 -1.51 8.15 -0.96
C MET C 148 -0.67 9.28 -1.55
N TYR C 149 -1.19 10.00 -2.53
CA TYR C 149 -0.39 10.95 -3.34
C TYR C 149 -0.75 12.40 -2.96
N ASN C 150 -1.45 12.59 -1.85
CA ASN C 150 -1.73 13.94 -1.30
C ASN C 150 -2.36 14.80 -2.39
N ASP C 151 -3.30 14.22 -3.14
CA ASP C 151 -4.15 14.95 -4.13
C ASP C 151 -3.28 15.60 -5.23
N SER C 152 -2.03 15.18 -5.40
CA SER C 152 -1.05 15.86 -6.29
C SER C 152 -0.65 14.90 -7.39
N SER C 153 -1.01 15.22 -8.64
CA SER C 153 -0.70 14.38 -9.81
C SER C 153 -1.02 12.93 -9.47
N VAL C 154 -2.24 12.68 -8.99
CA VAL C 154 -2.60 11.36 -8.38
C VAL C 154 -2.44 10.28 -9.44
N LEU C 155 -3.11 10.43 -10.58
CA LEU C 155 -3.02 9.38 -11.64
C LEU C 155 -1.59 9.28 -12.18
N GLU C 156 -0.90 10.40 -12.36
CA GLU C 156 0.46 10.39 -13.00
C GLU C 156 1.45 9.69 -12.08
N ASN C 157 1.38 9.94 -10.76
CA ASN C 157 2.20 9.21 -9.75
C ASN C 157 1.89 7.72 -9.86
N HIS C 158 0.60 7.38 -9.98
CA HIS C 158 0.16 5.96 -10.02
C HIS C 158 0.66 5.29 -11.30
N HIS C 159 0.52 5.94 -12.47
CA HIS C 159 1.02 5.39 -13.77
C HIS C 159 2.50 5.01 -13.62
N LEU C 160 3.30 5.91 -13.08
CA LEU C 160 4.76 5.66 -12.86
C LEU C 160 4.92 4.45 -11.95
N ALA C 161 4.24 4.42 -10.80
CA ALA C 161 4.45 3.35 -9.79
C ALA C 161 4.13 2.01 -10.43
N VAL C 162 3.04 1.93 -11.18
CA VAL C 162 2.65 0.65 -11.84
C VAL C 162 3.64 0.29 -12.95
N GLY C 163 4.00 1.25 -13.81
CA GLY C 163 4.94 0.99 -14.91
C GLY C 163 6.23 0.36 -14.40
N PHE C 164 6.79 0.91 -13.32
CA PHE C 164 8.05 0.41 -12.71
C PHE C 164 7.79 -0.91 -11.97
N LYS C 165 6.70 -1.02 -11.21
CA LYS C 165 6.39 -2.22 -10.39
C LYS C 165 6.28 -3.42 -11.32
N LEU C 166 5.71 -3.27 -12.51
CA LEU C 166 5.51 -4.41 -13.43
C LEU C 166 6.86 -4.99 -13.92
N LEU C 167 7.96 -4.24 -13.83
CA LEU C 167 9.32 -4.78 -14.16
C LEU C 167 9.66 -5.98 -13.25
N GLN C 168 9.10 -6.04 -12.04
CA GLN C 168 9.45 -7.05 -11.01
C GLN C 168 8.66 -8.35 -11.20
N GLU C 169 7.72 -8.40 -12.15
CA GLU C 169 6.98 -9.67 -12.42
C GLU C 169 7.93 -10.64 -13.15
N GLU C 170 7.58 -11.92 -13.23
CA GLU C 170 8.50 -12.98 -13.71
C GLU C 170 8.87 -12.71 -15.17
N ASN C 171 10.19 -12.59 -15.41
CA ASN C 171 10.78 -12.40 -16.77
C ASN C 171 10.24 -11.12 -17.40
N CYS C 172 10.13 -10.03 -16.62
CA CYS C 172 9.59 -8.71 -17.05
C CYS C 172 10.64 -7.60 -16.94
N ASP C 173 11.82 -7.86 -16.38
CA ASP C 173 12.81 -6.76 -16.12
C ASP C 173 13.59 -6.49 -17.40
N ILE C 174 13.05 -5.63 -18.26
CA ILE C 174 13.66 -5.32 -19.57
C ILE C 174 14.96 -4.50 -19.38
N PHE C 175 15.20 -3.95 -18.19
CA PHE C 175 16.42 -3.18 -17.84
C PHE C 175 17.40 -4.03 -17.01
N GLN C 176 17.33 -5.37 -17.12
CA GLN C 176 18.14 -6.29 -16.26
C GLN C 176 19.63 -6.09 -16.58
N ASN C 177 19.98 -5.69 -17.80
CA ASN C 177 21.39 -5.62 -18.29
C ASN C 177 21.89 -4.18 -18.34
N LEU C 178 21.09 -3.21 -17.91
CA LEU C 178 21.53 -1.81 -17.74
C LEU C 178 22.36 -1.73 -16.45
N THR C 179 23.41 -0.93 -16.46
CA THR C 179 24.19 -0.64 -15.24
C THR C 179 23.31 0.15 -14.28
N LYS C 180 23.70 0.18 -13.00
CA LYS C 180 23.05 1.02 -11.97
C LYS C 180 22.99 2.48 -12.45
N LYS C 181 24.05 2.98 -13.08
CA LYS C 181 24.13 4.38 -13.52
C LYS C 181 23.06 4.64 -14.60
N GLN C 182 22.94 3.73 -15.55
CA GLN C 182 21.91 3.80 -16.61
C GLN C 182 20.51 3.77 -15.97
N ARG C 183 20.28 2.88 -15.00
CA ARG C 183 18.95 2.69 -14.38
C ARG C 183 18.59 3.94 -13.58
N GLN C 184 19.53 4.55 -12.85
CA GLN C 184 19.25 5.79 -12.07
C GLN C 184 18.87 6.93 -13.02
N SER C 185 19.60 7.08 -14.13
CA SER C 185 19.39 8.17 -15.10
C SER C 185 18.05 7.95 -15.83
N LEU C 186 17.79 6.74 -16.32
CA LEU C 186 16.53 6.36 -17.01
C LEU C 186 15.34 6.65 -16.09
N ARG C 187 15.42 6.20 -14.83
CA ARG C 187 14.34 6.37 -13.82
C ARG C 187 14.04 7.87 -13.65
N LYS C 188 15.07 8.69 -13.45
CA LYS C 188 14.82 10.12 -13.20
C LYS C 188 14.13 10.73 -14.43
N MET C 189 14.58 10.39 -15.63
CA MET C 189 14.02 11.01 -16.87
C MET C 189 12.57 10.54 -17.05
N VAL C 190 12.29 9.26 -16.83
CA VAL C 190 10.92 8.69 -17.03
C VAL C 190 9.98 9.37 -16.04
N ILE C 191 10.39 9.50 -14.78
CA ILE C 191 9.59 10.24 -13.76
C ILE C 191 9.31 11.66 -14.26
N ASP C 192 10.36 12.40 -14.66
CA ASP C 192 10.23 13.81 -15.10
C ASP C 192 9.26 13.89 -16.29
N ILE C 193 9.31 12.93 -17.21
CA ILE C 193 8.44 12.96 -18.43
C ILE C 193 6.99 12.66 -18.01
N VAL C 194 6.72 11.58 -17.28
CA VAL C 194 5.30 11.17 -16.98
C VAL C 194 4.62 12.23 -16.10
N LEU C 195 5.32 12.80 -15.11
CA LEU C 195 4.76 13.83 -14.22
C LEU C 195 4.39 15.07 -15.05
N ALA C 196 5.10 15.32 -16.15
CA ALA C 196 4.82 16.46 -17.06
C ALA C 196 3.56 16.21 -17.90
N THR C 197 2.99 14.99 -17.92
CA THR C 197 1.76 14.71 -18.71
C THR C 197 0.52 15.21 -17.97
N ASP C 198 0.64 15.57 -16.69
CA ASP C 198 -0.47 16.13 -15.89
C ASP C 198 -0.85 17.47 -16.51
N MET C 199 -2.09 17.65 -16.96
CA MET C 199 -2.53 18.90 -17.64
C MET C 199 -2.39 20.10 -16.71
N SER C 200 -2.35 19.92 -15.39
CA SER C 200 -2.15 21.05 -14.45
C SER C 200 -0.76 21.66 -14.68
N LYS C 201 0.15 20.95 -15.36
CA LYS C 201 1.54 21.42 -15.58
C LYS C 201 1.67 22.04 -16.99
N HIS C 202 0.61 22.02 -17.79
CA HIS C 202 0.62 22.43 -19.23
C HIS C 202 1.15 23.85 -19.41
N MET C 203 0.59 24.82 -18.67
CA MET C 203 0.88 26.26 -18.82
C MET C 203 2.36 26.50 -18.49
N ASN C 204 2.89 25.90 -17.41
CA ASN C 204 4.33 26.07 -17.05
C ASN C 204 5.21 25.43 -18.13
N LEU C 205 4.86 24.24 -18.63
CA LEU C 205 5.65 23.55 -19.68
C LEU C 205 5.71 24.44 -20.93
N LEU C 206 4.56 24.99 -21.33
CA LEU C 206 4.41 25.83 -22.54
C LEU C 206 5.22 27.12 -22.37
N ALA C 207 5.13 27.78 -21.21
CA ALA C 207 5.92 29.00 -20.91
C ALA C 207 7.41 28.68 -21.10
N ASP C 208 7.90 27.57 -20.53
CA ASP C 208 9.32 27.16 -20.61
C ASP C 208 9.70 26.83 -22.05
N LEU C 209 8.83 26.15 -22.81
CA LEU C 209 9.09 25.84 -24.24
C LEU C 209 9.24 27.15 -25.02
N LYS C 210 8.37 28.14 -24.78
CA LYS C 210 8.40 29.47 -25.43
C LYS C 210 9.73 30.17 -25.14
N THR C 211 10.13 30.20 -23.86
CA THR C 211 11.42 30.78 -23.40
C THR C 211 12.56 30.10 -24.17
N MET C 212 12.49 28.80 -24.37
CA MET C 212 13.54 28.05 -25.10
C MET C 212 13.55 28.46 -26.58
N VAL C 213 12.38 28.65 -27.19
CA VAL C 213 12.26 29.10 -28.62
C VAL C 213 12.87 30.51 -28.75
N GLU C 214 12.60 31.41 -27.80
CA GLU C 214 13.14 32.80 -27.76
C GLU C 214 14.68 32.79 -27.64
N THR C 215 15.28 31.84 -26.91
CA THR C 215 16.75 31.75 -26.65
C THR C 215 17.36 30.61 -27.46
N LYS C 216 16.66 30.14 -28.50
CA LYS C 216 17.00 28.95 -29.29
C LYS C 216 18.41 29.11 -29.89
N LYS C 217 19.26 28.10 -29.72
CA LYS C 217 20.60 28.01 -30.37
C LYS C 217 20.69 26.75 -31.22
N VAL C 218 21.33 26.84 -32.39
CA VAL C 218 21.57 25.69 -33.31
C VAL C 218 23.09 25.49 -33.44
N THR C 219 23.54 24.25 -33.59
CA THR C 219 24.94 23.88 -33.89
C THR C 219 25.28 24.32 -35.32
N SER C 220 26.54 24.13 -35.74
CA SER C 220 27.01 24.37 -37.13
C SER C 220 26.26 23.45 -38.12
N SER C 221 25.79 22.27 -37.66
CA SER C 221 25.05 21.27 -38.49
C SER C 221 23.55 21.57 -38.51
N GLY C 222 23.09 22.63 -37.83
CA GLY C 222 21.70 23.12 -37.90
C GLY C 222 20.72 22.36 -37.00
N VAL C 223 21.19 21.53 -36.06
CA VAL C 223 20.34 20.85 -35.05
C VAL C 223 20.36 21.65 -33.74
N LEU C 224 19.29 21.53 -32.95
CA LEU C 224 19.14 22.22 -31.64
C LEU C 224 20.34 21.91 -30.74
N LEU C 225 20.82 22.94 -30.05
CA LEU C 225 21.89 22.87 -29.04
C LEU C 225 21.23 22.77 -27.65
N LEU C 226 21.44 21.65 -26.95
CA LEU C 226 20.92 21.40 -25.58
C LEU C 226 22.07 20.87 -24.70
N ASP C 227 22.66 21.74 -23.88
CA ASP C 227 23.98 21.48 -23.23
C ASP C 227 23.84 21.34 -21.70
N ASN C 228 22.61 21.26 -21.17
CA ASN C 228 22.32 20.98 -19.73
C ASN C 228 21.08 20.08 -19.65
N TYR C 229 20.97 19.30 -18.56
CA TYR C 229 19.86 18.35 -18.29
C TYR C 229 18.53 19.12 -18.37
N SER C 230 18.45 20.28 -17.73
CA SER C 230 17.24 21.11 -17.62
C SER C 230 16.62 21.35 -19.02
N ASP C 231 17.43 21.69 -20.02
CA ASP C 231 16.94 22.00 -21.38
C ASP C 231 16.58 20.70 -22.11
N ARG C 232 17.39 19.66 -21.95
CA ARG C 232 17.20 18.36 -22.60
C ARG C 232 15.89 17.73 -22.11
N ILE C 233 15.66 17.69 -20.79
CA ILE C 233 14.45 17.03 -20.22
C ILE C 233 13.23 17.88 -20.57
N GLN C 234 13.34 19.21 -20.55
CA GLN C 234 12.23 20.12 -20.93
C GLN C 234 11.74 19.77 -22.35
N VAL C 235 12.66 19.52 -23.28
CA VAL C 235 12.30 19.17 -24.69
C VAL C 235 11.62 17.79 -24.71
N LEU C 236 12.15 16.81 -23.97
CA LEU C 236 11.55 15.45 -23.91
C LEU C 236 10.17 15.54 -23.27
N GLN C 237 10.02 16.36 -22.22
CA GLN C 237 8.73 16.54 -21.52
C GLN C 237 7.71 17.11 -22.50
N ASN C 238 8.07 18.16 -23.22
CA ASN C 238 7.14 18.83 -24.16
C ASN C 238 6.88 17.91 -25.35
N MET C 239 7.87 17.12 -25.75
CA MET C 239 7.72 16.16 -26.88
C MET C 239 6.64 15.14 -26.52
N VAL C 240 6.74 14.47 -25.36
CA VAL C 240 5.75 13.44 -24.94
C VAL C 240 4.40 14.12 -24.65
N HIS C 241 4.42 15.33 -24.13
CA HIS C 241 3.20 16.16 -23.93
C HIS C 241 2.51 16.41 -25.29
N CYS C 242 3.27 16.81 -26.32
CA CYS C 242 2.75 16.98 -27.70
C CYS C 242 2.19 15.66 -28.21
N ALA C 243 2.90 14.55 -27.99
CA ALA C 243 2.42 13.22 -28.43
C ALA C 243 1.08 12.93 -27.74
N ASP C 244 0.97 13.29 -26.45
CA ASP C 244 -0.26 13.03 -25.65
C ASP C 244 -1.40 13.90 -26.19
N LEU C 245 -1.09 15.10 -26.68
CA LEU C 245 -2.09 16.04 -27.22
C LEU C 245 -2.00 16.07 -28.75
N SER C 246 -1.74 14.94 -29.39
CA SER C 246 -1.47 14.86 -30.86
C SER C 246 -2.75 14.52 -31.64
N ASN C 247 -3.82 14.08 -30.98
CA ASN C 247 -5.03 13.54 -31.65
C ASN C 247 -5.52 14.52 -32.72
N PRO C 248 -5.73 15.82 -32.39
CA PRO C 248 -6.27 16.76 -33.37
C PRO C 248 -5.32 17.08 -34.53
N THR C 249 -4.05 16.66 -34.44
CA THR C 249 -3.03 16.87 -35.50
C THR C 249 -2.96 15.64 -36.43
N LYS C 250 -3.73 14.60 -36.18
CA LYS C 250 -3.70 13.38 -37.01
C LYS C 250 -4.68 13.51 -38.17
N PRO C 251 -4.53 12.71 -39.24
CA PRO C 251 -5.57 12.52 -40.22
C PRO C 251 -6.95 12.36 -39.57
N LEU C 252 -7.95 12.98 -40.19
CA LEU C 252 -9.29 13.21 -39.60
C LEU C 252 -9.95 11.87 -39.24
N GLN C 253 -9.76 10.81 -40.02
CA GLN C 253 -10.40 9.50 -39.68
C GLN C 253 -9.95 9.04 -38.29
N LEU C 254 -8.69 9.31 -37.91
CA LEU C 254 -8.12 8.93 -36.59
C LEU C 254 -8.66 9.89 -35.53
N TYR C 255 -8.52 11.20 -35.76
CA TYR C 255 -8.97 12.27 -34.83
C TYR C 255 -10.42 11.98 -34.42
N ARG C 256 -11.28 11.67 -35.38
CA ARG C 256 -12.72 11.44 -35.09
C ARG C 256 -12.90 10.24 -34.16
N GLN C 257 -12.07 9.21 -34.31
CA GLN C 257 -12.22 8.03 -33.43
C GLN C 257 -11.82 8.41 -32.01
N TRP C 258 -10.76 9.21 -31.86
CA TRP C 258 -10.27 9.68 -30.55
C TRP C 258 -11.31 10.57 -29.87
N THR C 259 -11.98 11.42 -30.65
CA THR C 259 -13.02 12.33 -30.13
C THR C 259 -14.19 11.46 -29.62
N ASP C 260 -14.64 10.49 -30.41
CA ASP C 260 -15.74 9.57 -29.98
C ASP C 260 -15.33 8.93 -28.64
N ARG C 261 -14.08 8.51 -28.53
CA ARG C 261 -13.58 7.74 -27.36
C ARG C 261 -13.49 8.68 -26.15
N ILE C 262 -12.91 9.87 -26.28
CA ILE C 262 -12.75 10.77 -25.10
C ILE C 262 -14.15 11.16 -24.63
N MET C 263 -15.08 11.36 -25.57
CA MET C 263 -16.44 11.81 -25.20
C MET C 263 -17.18 10.66 -24.51
N GLU C 264 -17.04 9.43 -24.98
CA GLU C 264 -17.61 8.26 -24.27
C GLU C 264 -17.04 8.21 -22.83
N GLU C 265 -15.74 8.47 -22.66
CA GLU C 265 -15.09 8.32 -21.33
C GLU C 265 -15.57 9.46 -20.43
N PHE C 266 -15.61 10.69 -20.94
CA PHE C 266 -16.09 11.87 -20.17
C PHE C 266 -17.57 11.68 -19.78
N PHE C 267 -18.41 11.24 -20.70
CA PHE C 267 -19.86 11.03 -20.45
C PHE C 267 -20.03 9.97 -19.36
N ARG C 268 -19.25 8.89 -19.40
CA ARG C 268 -19.26 7.83 -18.36
C ARG C 268 -18.87 8.47 -17.02
N GLN C 269 -17.86 9.35 -16.96
CA GLN C 269 -17.49 10.03 -15.69
C GLN C 269 -18.69 10.88 -15.24
N GLY C 270 -19.32 11.60 -16.16
CA GLY C 270 -20.51 12.42 -15.86
C GLY C 270 -21.65 11.59 -15.34
N ASP C 271 -21.89 10.41 -15.89
CA ASP C 271 -22.95 9.47 -15.41
C ASP C 271 -22.61 9.04 -13.98
N ARG C 272 -21.35 8.73 -13.69
CA ARG C 272 -20.92 8.33 -12.32
C ARG C 272 -21.11 9.52 -11.37
N GLU C 273 -20.77 10.74 -11.80
CA GLU C 273 -20.94 11.97 -10.99
C GLU C 273 -22.44 12.20 -10.71
N ARG C 274 -23.28 12.12 -11.74
CA ARG C 274 -24.75 12.34 -11.63
C ARG C 274 -25.38 11.31 -10.69
N GLU C 275 -24.98 10.05 -10.82
CA GLU C 275 -25.45 8.92 -9.99
C GLU C 275 -25.18 9.20 -8.51
N ARG C 276 -24.08 9.86 -8.22
CA ARG C 276 -23.55 10.07 -6.84
C ARG C 276 -23.97 11.43 -6.29
N GLY C 277 -24.71 12.24 -7.07
CA GLY C 277 -25.11 13.62 -6.69
C GLY C 277 -23.93 14.57 -6.64
N MET C 278 -22.84 14.28 -7.35
CA MET C 278 -21.66 15.18 -7.48
C MET C 278 -21.95 16.20 -8.58
N GLU C 279 -21.33 17.38 -8.50
CA GLU C 279 -21.28 18.32 -9.65
C GLU C 279 -20.68 17.56 -10.84
N ILE C 280 -21.31 17.65 -12.01
CA ILE C 280 -20.81 17.04 -13.26
C ILE C 280 -19.67 17.90 -13.81
N SER C 281 -18.55 17.28 -14.15
CA SER C 281 -17.30 17.96 -14.59
C SER C 281 -17.53 18.57 -15.98
N PRO C 282 -16.76 19.62 -16.37
CA PRO C 282 -16.87 20.19 -17.72
C PRO C 282 -16.82 19.12 -18.81
N MET C 283 -17.74 19.19 -19.77
CA MET C 283 -17.79 18.33 -21.00
C MET C 283 -18.17 16.89 -20.66
N CYS C 284 -18.55 16.60 -19.41
CA CYS C 284 -18.93 15.24 -18.96
C CYS C 284 -20.45 15.04 -18.92
N ASP C 285 -21.25 16.08 -19.20
CA ASP C 285 -22.73 16.01 -19.18
C ASP C 285 -23.24 15.69 -20.60
N LYS C 286 -23.62 14.44 -20.85
CA LYS C 286 -24.14 13.98 -22.15
C LYS C 286 -25.46 14.68 -22.52
N HIS C 287 -26.16 15.26 -21.55
CA HIS C 287 -27.46 15.96 -21.77
C HIS C 287 -27.21 17.43 -22.07
N ASN C 288 -25.97 17.92 -21.90
CA ASN C 288 -25.64 19.35 -22.04
C ASN C 288 -24.22 19.49 -22.62
N ALA C 289 -23.96 18.88 -23.77
CA ALA C 289 -22.62 18.75 -24.40
C ALA C 289 -22.58 19.44 -25.77
N SER C 290 -21.44 20.02 -26.13
CA SER C 290 -21.15 20.62 -27.46
C SER C 290 -19.85 20.04 -28.01
N VAL C 291 -19.89 18.78 -28.46
CA VAL C 291 -18.67 18.00 -28.82
C VAL C 291 -17.82 18.84 -29.80
N GLU C 292 -18.45 19.36 -30.86
CA GLU C 292 -17.76 20.09 -31.94
C GLU C 292 -17.19 21.41 -31.38
N LYS C 293 -17.99 22.15 -30.61
CA LYS C 293 -17.53 23.44 -30.03
C LYS C 293 -16.36 23.15 -29.06
N SER C 294 -16.43 22.05 -28.31
CA SER C 294 -15.40 21.67 -27.32
C SER C 294 -14.09 21.34 -28.05
N GLN C 295 -14.17 20.64 -29.19
CA GLN C 295 -12.94 20.31 -29.97
C GLN C 295 -12.29 21.61 -30.46
N VAL C 296 -13.08 22.51 -31.02
CA VAL C 296 -12.55 23.82 -31.52
C VAL C 296 -11.91 24.55 -30.34
N GLY C 297 -12.58 24.58 -29.19
CA GLY C 297 -12.04 25.22 -27.96
C GLY C 297 -10.75 24.58 -27.50
N PHE C 298 -10.68 23.25 -27.51
CA PHE C 298 -9.48 22.49 -27.09
C PHE C 298 -8.32 22.86 -28.02
N ILE C 299 -8.58 22.88 -29.33
CA ILE C 299 -7.54 23.22 -30.33
C ILE C 299 -7.08 24.67 -30.07
N ASP C 300 -8.02 25.61 -29.94
CA ASP C 300 -7.70 27.07 -29.87
C ASP C 300 -6.93 27.40 -28.59
N TYR C 301 -7.29 26.81 -27.44
CA TYR C 301 -6.74 27.22 -26.12
C TYR C 301 -5.58 26.34 -25.68
N ILE C 302 -5.51 25.08 -26.13
CA ILE C 302 -4.52 24.08 -25.63
C ILE C 302 -3.62 23.60 -26.77
N VAL C 303 -4.21 22.93 -27.75
CA VAL C 303 -3.42 22.09 -28.72
C VAL C 303 -2.64 23.01 -29.68
N HIS C 304 -3.28 24.03 -30.26
CA HIS C 304 -2.64 24.93 -31.27
C HIS C 304 -1.53 25.76 -30.62
N PRO C 305 -1.71 26.41 -29.46
CA PRO C 305 -0.59 27.12 -28.84
C PRO C 305 0.62 26.22 -28.57
N LEU C 306 0.38 24.97 -28.20
CA LEU C 306 1.48 24.02 -27.87
C LEU C 306 2.17 23.65 -29.18
N TRP C 307 1.43 23.15 -30.17
CA TRP C 307 2.02 22.65 -31.43
C TRP C 307 2.67 23.80 -32.23
N GLU C 308 2.11 25.01 -32.16
CA GLU C 308 2.68 26.21 -32.81
C GLU C 308 4.06 26.47 -32.18
N THR C 309 4.15 26.38 -30.87
CA THR C 309 5.45 26.62 -30.16
C THR C 309 6.42 25.48 -30.51
N TRP C 310 5.95 24.22 -30.52
CA TRP C 310 6.82 23.07 -30.92
C TRP C 310 7.31 23.32 -32.36
N ALA C 311 6.42 23.70 -33.28
CA ALA C 311 6.75 23.90 -34.71
C ALA C 311 7.86 24.94 -34.84
N ASP C 312 7.83 26.00 -34.03
CA ASP C 312 8.88 27.05 -33.98
C ASP C 312 10.20 26.44 -33.52
N LEU C 313 10.18 25.59 -32.50
CA LEU C 313 11.42 24.96 -31.97
C LEU C 313 12.10 24.15 -33.07
N VAL C 314 11.35 23.41 -33.89
CA VAL C 314 11.93 22.45 -34.87
C VAL C 314 11.69 22.94 -36.30
N HIS C 315 11.43 24.24 -36.47
CA HIS C 315 11.06 24.87 -37.77
C HIS C 315 12.04 24.43 -38.85
N PRO C 316 11.58 23.99 -40.04
CA PRO C 316 10.16 23.84 -40.39
C PRO C 316 9.57 22.42 -40.32
N ASP C 317 10.20 21.54 -39.53
CA ASP C 317 9.94 20.07 -39.57
C ASP C 317 8.46 19.75 -39.31
N ALA C 318 7.74 20.56 -38.52
CA ALA C 318 6.37 20.22 -38.06
C ALA C 318 5.30 20.93 -38.88
N GLN C 319 5.66 21.56 -40.01
CA GLN C 319 4.71 22.42 -40.76
C GLN C 319 3.49 21.59 -41.23
N ASP C 320 3.67 20.35 -41.70
CA ASP C 320 2.53 19.53 -42.21
C ASP C 320 1.63 19.08 -41.05
N ILE C 321 2.20 18.88 -39.86
CA ILE C 321 1.43 18.53 -38.63
C ILE C 321 0.57 19.76 -38.25
N LEU C 322 1.16 20.94 -38.20
CA LEU C 322 0.42 22.19 -37.89
C LEU C 322 -0.67 22.42 -38.96
N ASP C 323 -0.40 22.16 -40.25
CA ASP C 323 -1.40 22.33 -41.34
C ASP C 323 -2.57 21.38 -41.12
N THR C 324 -2.30 20.12 -40.79
CA THR C 324 -3.37 19.12 -40.52
C THR C 324 -4.22 19.61 -39.34
N LEU C 325 -3.58 20.19 -38.31
CA LEU C 325 -4.28 20.67 -37.09
C LEU C 325 -5.27 21.79 -37.48
N GLU C 326 -4.82 22.76 -38.28
CA GLU C 326 -5.65 23.90 -38.74
C GLU C 326 -6.78 23.38 -39.65
N ASP C 327 -6.52 22.40 -40.50
CA ASP C 327 -7.58 21.82 -41.37
C ASP C 327 -8.63 21.11 -40.49
N ASN C 328 -8.18 20.35 -39.49
CA ASN C 328 -9.08 19.59 -38.58
C ASN C 328 -9.93 20.58 -37.76
N ARG C 329 -9.32 21.66 -37.30
CA ARG C 329 -10.02 22.74 -36.56
C ARG C 329 -11.17 23.28 -37.41
N GLU C 330 -10.91 23.57 -38.70
CA GLU C 330 -11.92 24.14 -39.62
C GLU C 330 -13.01 23.10 -39.86
N TRP C 331 -12.62 21.84 -40.02
CA TRP C 331 -13.62 20.76 -40.24
C TRP C 331 -14.58 20.71 -39.06
N TYR C 332 -14.10 20.76 -37.81
CA TYR C 332 -14.98 20.68 -36.61
C TYR C 332 -15.84 21.96 -36.52
N GLN C 333 -15.25 23.14 -36.78
CA GLN C 333 -15.99 24.43 -36.81
C GLN C 333 -17.20 24.32 -37.77
N SER C 334 -16.99 23.72 -38.94
CA SER C 334 -18.01 23.62 -40.02
C SER C 334 -19.13 22.63 -39.64
N THR C 335 -18.99 21.87 -38.55
CA THR C 335 -20.01 20.87 -38.13
C THR C 335 -20.73 21.32 -36.86
N ILE C 336 -20.44 22.53 -36.36
CA ILE C 336 -21.14 23.15 -35.19
C ILE C 336 -22.55 23.53 -35.63
N PRO C 337 -23.64 22.90 -35.10
CA PRO C 337 -25.02 23.31 -35.41
C PRO C 337 -25.35 24.74 -34.98
N GLN D 14 3.98 16.17 38.95
CA GLN D 14 2.53 15.90 39.19
C GLN D 14 1.69 16.70 38.18
N GLU D 15 0.40 16.36 38.10
CA GLU D 15 -0.59 16.98 37.19
C GLU D 15 -0.63 18.50 37.44
N ASP D 16 -0.41 18.97 38.67
CA ASP D 16 -0.51 20.42 39.02
C ASP D 16 0.72 21.15 38.46
N VAL D 17 1.92 20.58 38.59
CA VAL D 17 3.18 21.18 38.04
C VAL D 17 3.07 21.21 36.50
N LEU D 18 2.48 20.19 35.88
CA LEU D 18 2.25 20.13 34.41
C LEU D 18 1.33 21.28 34.00
N ALA D 19 0.24 21.48 34.72
CA ALA D 19 -0.79 22.50 34.41
C ALA D 19 -0.15 23.89 34.55
N LYS D 20 0.74 24.08 35.52
CA LYS D 20 1.45 25.37 35.71
C LYS D 20 2.35 25.62 34.49
N GLU D 21 3.07 24.58 34.02
CA GLU D 21 3.98 24.72 32.85
C GLU D 21 3.15 25.03 31.59
N LEU D 22 1.92 24.52 31.49
CA LEU D 22 1.07 24.68 30.27
C LEU D 22 0.46 26.07 30.20
N GLU D 23 0.57 26.86 31.27
CA GLU D 23 0.10 28.27 31.28
C GLU D 23 1.04 29.12 30.42
N ASP D 24 2.26 28.64 30.12
CA ASP D 24 3.23 29.35 29.24
C ASP D 24 2.98 29.02 27.76
N VAL D 25 1.86 28.37 27.45
CA VAL D 25 1.56 27.83 26.10
C VAL D 25 1.50 28.97 25.07
N ASN D 26 1.26 30.21 25.49
CA ASN D 26 1.11 31.37 24.57
C ASN D 26 2.46 32.10 24.46
N LYS D 27 3.51 31.56 25.05
CA LYS D 27 4.83 32.23 25.15
C LYS D 27 5.89 31.49 24.35
N TRP D 28 6.70 32.25 23.62
CA TRP D 28 7.98 31.77 23.03
C TRP D 28 8.87 31.32 24.18
N GLY D 29 9.40 30.09 24.15
CA GLY D 29 10.30 29.64 25.22
C GLY D 29 9.61 28.74 26.24
N LEU D 30 8.43 28.22 25.91
CA LEU D 30 7.77 27.13 26.67
C LEU D 30 8.82 26.08 27.04
N HIS D 31 8.76 25.54 28.26
CA HIS D 31 9.65 24.46 28.75
C HIS D 31 9.14 23.14 28.20
N VAL D 32 9.31 22.92 26.89
CA VAL D 32 8.67 21.80 26.17
C VAL D 32 9.32 20.48 26.62
N PHE D 33 10.61 20.49 26.96
CA PHE D 33 11.28 19.26 27.47
C PHE D 33 10.72 18.89 28.84
N ARG D 34 10.44 19.89 29.68
CA ARG D 34 9.87 19.65 31.03
C ARG D 34 8.44 19.11 30.84
N ILE D 35 7.67 19.69 29.92
CA ILE D 35 6.30 19.18 29.62
C ILE D 35 6.37 17.73 29.12
N ALA D 36 7.40 17.38 28.32
CA ALA D 36 7.57 15.99 27.86
C ALA D 36 7.76 15.04 29.06
N GLU D 37 8.63 15.39 30.01
CA GLU D 37 8.88 14.55 31.22
C GLU D 37 7.59 14.42 32.03
N LEU D 38 6.95 15.55 32.34
CA LEU D 38 5.80 15.64 33.28
C LEU D 38 4.57 14.96 32.70
N SER D 39 4.40 14.94 31.37
CA SER D 39 3.23 14.35 30.71
C SER D 39 3.42 12.84 30.46
N GLY D 40 4.54 12.26 30.88
CA GLY D 40 4.87 10.85 30.55
C GLY D 40 5.11 10.65 29.06
N ASN D 41 5.91 11.53 28.45
CA ASN D 41 6.26 11.55 27.00
C ASN D 41 4.98 11.78 26.17
N ARG D 42 4.11 12.69 26.60
CA ARG D 42 2.90 13.07 25.82
C ARG D 42 2.87 14.57 25.59
N PRO D 43 4.00 15.21 25.24
CA PRO D 43 4.02 16.64 25.00
C PRO D 43 3.07 17.03 23.85
N LEU D 44 3.04 16.26 22.76
CA LEU D 44 2.22 16.65 21.58
C LEU D 44 0.75 16.58 21.97
N THR D 45 0.33 15.52 22.64
CA THR D 45 -1.08 15.34 23.08
C THR D 45 -1.49 16.47 24.02
N VAL D 46 -0.73 16.76 25.07
CA VAL D 46 -1.20 17.76 26.11
C VAL D 46 -1.12 19.16 25.50
N ILE D 47 -0.10 19.48 24.72
CA ILE D 47 0.05 20.84 24.11
C ILE D 47 -1.05 21.03 23.06
N MET D 48 -1.32 20.03 22.21
CA MET D 48 -2.40 20.15 21.21
C MET D 48 -3.74 20.33 21.93
N HIS D 49 -4.02 19.52 22.96
CA HIS D 49 -5.29 19.59 23.72
C HIS D 49 -5.42 21.00 24.32
N THR D 50 -4.36 21.52 24.96
CA THR D 50 -4.38 22.86 25.59
C THR D 50 -4.70 23.91 24.52
N ILE D 51 -4.06 23.84 23.35
CA ILE D 51 -4.25 24.85 22.28
C ILE D 51 -5.68 24.75 21.74
N PHE D 52 -6.18 23.55 21.48
CA PHE D 52 -7.57 23.36 20.98
C PHE D 52 -8.59 23.96 21.98
N GLN D 53 -8.42 23.73 23.29
CA GLN D 53 -9.30 24.32 24.33
C GLN D 53 -9.15 25.85 24.32
N GLU D 54 -7.91 26.36 24.43
CA GLU D 54 -7.62 27.82 24.42
C GLU D 54 -8.30 28.49 23.23
N ARG D 55 -8.24 27.89 22.02
CA ARG D 55 -8.76 28.55 20.78
C ARG D 55 -10.20 28.14 20.52
N ASP D 56 -10.80 27.36 21.42
CA ASP D 56 -12.23 26.92 21.36
C ASP D 56 -12.51 26.10 20.08
N LEU D 57 -11.54 25.32 19.61
CA LEU D 57 -11.67 24.59 18.32
C LEU D 57 -12.57 23.38 18.46
N LEU D 58 -12.70 22.79 19.65
CA LEU D 58 -13.58 21.60 19.86
C LEU D 58 -15.03 22.06 19.62
N LYS D 59 -15.42 23.17 20.22
CA LYS D 59 -16.79 23.73 20.07
C LYS D 59 -16.98 24.18 18.62
N THR D 60 -16.06 24.96 18.06
CA THR D 60 -16.22 25.53 16.69
C THR D 60 -16.43 24.41 15.67
N PHE D 61 -15.66 23.31 15.76
CA PHE D 61 -15.64 22.25 14.72
C PHE D 61 -16.32 20.98 15.23
N LYS D 62 -16.97 21.04 16.39
CA LYS D 62 -17.79 19.95 16.96
C LYS D 62 -16.94 18.68 17.02
N ILE D 63 -15.73 18.82 17.58
CA ILE D 63 -14.76 17.69 17.74
C ILE D 63 -15.05 17.04 19.07
N PRO D 64 -15.50 15.76 19.10
CA PRO D 64 -15.66 15.06 20.38
C PRO D 64 -14.31 15.05 21.09
N VAL D 65 -14.28 15.36 22.39
CA VAL D 65 -13.01 15.47 23.16
C VAL D 65 -12.30 14.11 23.19
N ASP D 66 -13.04 13.01 23.34
CA ASP D 66 -12.48 11.61 23.36
C ASP D 66 -11.84 11.32 21.99
N THR D 67 -12.48 11.72 20.89
CA THR D 67 -11.93 11.55 19.52
C THR D 67 -10.63 12.35 19.38
N LEU D 68 -10.59 13.58 19.88
CA LEU D 68 -9.39 14.43 19.77
C LEU D 68 -8.25 13.77 20.52
N ILE D 69 -8.48 13.34 21.76
CA ILE D 69 -7.41 12.72 22.58
C ILE D 69 -6.96 11.40 21.94
N THR D 70 -7.88 10.59 21.41
CA THR D 70 -7.53 9.30 20.77
C THR D 70 -6.64 9.59 19.55
N TYR D 71 -7.03 10.53 18.69
CA TYR D 71 -6.23 10.90 17.51
C TYR D 71 -4.87 11.43 17.97
N LEU D 72 -4.83 12.34 18.93
CA LEU D 72 -3.55 12.96 19.33
C LEU D 72 -2.61 11.88 19.86
N MET D 73 -3.10 10.97 20.67
CA MET D 73 -2.25 9.88 21.21
C MET D 73 -1.77 8.98 20.06
N THR D 74 -2.65 8.67 19.12
CA THR D 74 -2.31 7.84 17.93
C THR D 74 -1.22 8.56 17.11
N LEU D 75 -1.39 9.86 16.86
CA LEU D 75 -0.40 10.65 16.10
C LEU D 75 0.92 10.67 16.85
N GLU D 76 0.89 10.97 18.14
CA GLU D 76 2.13 11.00 18.95
C GLU D 76 2.84 9.63 18.90
N ASP D 77 2.09 8.54 18.92
CA ASP D 77 2.63 7.16 18.89
C ASP D 77 3.32 6.86 17.56
N HIS D 78 3.02 7.57 16.49
CA HIS D 78 3.64 7.34 15.15
C HIS D 78 4.83 8.25 14.91
N TYR D 79 5.21 9.05 15.91
CA TYR D 79 6.55 9.68 15.99
C TYR D 79 7.44 8.65 16.66
N HIS D 80 8.71 8.55 16.24
CA HIS D 80 9.65 7.48 16.68
C HIS D 80 10.38 7.95 17.93
N ALA D 81 10.22 7.20 19.02
CA ALA D 81 10.87 7.45 20.31
C ALA D 81 12.40 7.30 20.20
N ASP D 82 12.91 6.51 19.25
CA ASP D 82 14.37 6.25 19.05
C ASP D 82 15.02 7.35 18.21
N VAL D 83 14.27 8.30 17.67
CA VAL D 83 14.82 9.39 16.81
C VAL D 83 15.05 10.60 17.71
N ALA D 84 16.28 11.13 17.75
CA ALA D 84 16.69 12.11 18.78
C ALA D 84 16.09 13.49 18.52
N TYR D 85 15.87 13.86 17.25
CA TYR D 85 15.33 15.21 16.91
C TYR D 85 13.90 15.10 16.38
N HIS D 86 13.68 14.42 15.26
CA HIS D 86 12.38 14.40 14.53
C HIS D 86 11.41 13.46 15.24
N ASN D 87 11.01 13.86 16.45
CA ASN D 87 10.14 13.05 17.34
C ASN D 87 8.95 13.92 17.78
N ASN D 88 8.15 13.38 18.69
CA ASN D 88 6.93 14.01 19.23
C ASN D 88 7.28 15.33 19.94
N ILE D 89 8.48 15.46 20.48
CA ILE D 89 8.86 16.71 21.20
C ILE D 89 9.01 17.81 20.17
N HIS D 90 9.66 17.53 19.04
CA HIS D 90 9.81 18.50 17.94
C HIS D 90 8.42 18.85 17.40
N ALA D 91 7.55 17.87 17.21
CA ALA D 91 6.18 18.13 16.72
C ALA D 91 5.49 19.07 17.70
N ALA D 92 5.58 18.79 18.99
CA ALA D 92 4.93 19.60 20.04
C ALA D 92 5.49 21.02 19.95
N ASP D 93 6.80 21.15 19.78
CA ASP D 93 7.48 22.45 19.71
C ASP D 93 6.97 23.26 18.51
N VAL D 94 6.88 22.63 17.33
CA VAL D 94 6.47 23.36 16.09
C VAL D 94 5.01 23.76 16.23
N VAL D 95 4.18 22.88 16.78
CA VAL D 95 2.75 23.20 17.08
C VAL D 95 2.68 24.45 17.97
N GLN D 96 3.40 24.44 19.08
CA GLN D 96 3.28 25.53 20.07
C GLN D 96 3.83 26.81 19.44
N SER D 97 4.90 26.69 18.66
CA SER D 97 5.57 27.84 18.00
C SER D 97 4.62 28.41 16.95
N THR D 98 3.98 27.57 16.15
CA THR D 98 2.95 28.02 15.18
C THR D 98 1.84 28.74 15.93
N HIS D 99 1.38 28.17 17.04
CA HIS D 99 0.31 28.76 17.88
C HIS D 99 0.71 30.19 18.31
N VAL D 100 1.94 30.41 18.72
CA VAL D 100 2.40 31.77 19.14
C VAL D 100 2.43 32.68 17.91
N LEU D 101 2.99 32.24 16.79
CA LEU D 101 3.09 33.05 15.56
C LEU D 101 1.69 33.43 15.06
N LEU D 102 0.69 32.54 15.16
CA LEU D 102 -0.71 32.81 14.74
C LEU D 102 -1.31 33.93 15.59
N SER D 103 -0.90 34.06 16.85
CA SER D 103 -1.42 35.02 17.85
C SER D 103 -0.75 36.38 17.69
N THR D 104 0.22 36.54 16.80
CA THR D 104 0.95 37.82 16.62
C THR D 104 -0.04 38.94 16.31
N PRO D 105 0.10 40.12 16.97
CA PRO D 105 -0.79 41.26 16.74
C PRO D 105 -1.01 41.64 15.27
N ALA D 106 0.04 41.62 14.45
CA ALA D 106 -0.03 41.98 13.02
C ALA D 106 -0.94 41.01 12.25
N LEU D 107 -1.36 39.89 12.85
CA LEU D 107 -2.22 38.88 12.12
C LEU D 107 -3.57 38.73 12.79
N GLU D 108 -3.91 39.58 13.78
CA GLU D 108 -5.17 39.45 14.54
C GLU D 108 -6.37 39.50 13.58
N ALA D 109 -7.23 38.48 13.63
CA ALA D 109 -8.50 38.34 12.87
C ALA D 109 -8.25 38.27 11.36
N VAL D 110 -7.01 38.08 10.91
CA VAL D 110 -6.65 37.86 9.49
C VAL D 110 -7.11 36.45 9.02
N PHE D 111 -6.86 35.41 9.82
CA PHE D 111 -7.09 33.99 9.40
C PHE D 111 -8.42 33.49 9.99
N THR D 112 -9.19 32.74 9.20
CA THR D 112 -10.42 32.07 9.66
C THR D 112 -10.06 30.93 10.63
N ASP D 113 -11.06 30.42 11.33
CA ASP D 113 -10.98 29.26 12.25
C ASP D 113 -10.44 28.04 11.49
N LEU D 114 -10.88 27.84 10.24
CA LEU D 114 -10.48 26.70 9.40
C LEU D 114 -9.01 26.86 9.02
N GLU D 115 -8.56 28.06 8.70
CA GLU D 115 -7.13 28.30 8.39
C GLU D 115 -6.28 28.05 9.64
N ILE D 116 -6.74 28.45 10.82
CA ILE D 116 -6.02 28.27 12.12
C ILE D 116 -5.91 26.76 12.36
N LEU D 117 -7.01 26.05 12.17
CA LEU D 117 -7.09 24.59 12.35
C LEU D 117 -6.09 23.92 11.42
N ALA D 118 -6.05 24.33 10.15
CA ALA D 118 -5.11 23.81 9.14
C ALA D 118 -3.67 24.00 9.60
N ALA D 119 -3.29 25.20 10.02
CA ALA D 119 -1.88 25.51 10.35
C ALA D 119 -1.43 24.67 11.54
N ILE D 120 -2.32 24.49 12.53
CA ILE D 120 -1.98 23.76 13.78
C ILE D 120 -1.95 22.25 13.48
N PHE D 121 -2.95 21.73 12.77
CA PHE D 121 -2.99 20.31 12.38
C PHE D 121 -1.76 20.00 11.53
N ALA D 122 -1.46 20.85 10.55
CA ALA D 122 -0.25 20.70 9.70
C ALA D 122 1.01 20.61 10.56
N SER D 123 1.15 21.52 11.52
CA SER D 123 2.32 21.54 12.43
C SER D 123 2.43 20.21 13.16
N ALA D 124 1.29 19.70 13.65
CA ALA D 124 1.25 18.48 14.49
C ALA D 124 1.72 17.26 13.68
N ILE D 125 1.35 17.18 12.41
CA ILE D 125 1.59 15.97 11.57
C ILE D 125 2.88 16.13 10.75
N HIS D 126 3.51 17.30 10.77
CA HIS D 126 4.45 17.69 9.69
C HIS D 126 5.66 16.77 9.58
N ASP D 127 6.05 16.07 10.65
CA ASP D 127 7.20 15.13 10.61
C ASP D 127 6.77 13.72 11.06
N VAL D 128 5.49 13.36 11.02
CA VAL D 128 5.05 12.09 11.66
C VAL D 128 5.70 10.91 10.91
N ASP D 129 6.14 9.90 11.66
CA ASP D 129 6.79 8.65 11.15
C ASP D 129 8.12 9.00 10.46
N HIS D 130 8.81 10.03 10.93
CA HIS D 130 10.17 10.40 10.44
C HIS D 130 11.13 9.32 10.88
N PRO D 131 11.88 8.69 9.94
CA PRO D 131 12.82 7.64 10.29
C PRO D 131 14.19 8.12 10.80
N GLY D 132 14.42 9.43 10.82
CA GLY D 132 15.66 10.00 11.38
C GLY D 132 16.79 10.02 10.35
N VAL D 133 16.45 9.89 9.08
CA VAL D 133 17.39 10.01 7.92
C VAL D 133 16.73 10.91 6.88
N SER D 134 17.54 11.52 6.02
CA SER D 134 17.11 12.53 5.01
C SER D 134 16.46 11.90 3.79
N ASN D 135 15.76 12.72 3.01
CA ASN D 135 15.24 12.34 1.68
C ASN D 135 16.38 11.70 0.86
N GLN D 136 17.58 12.30 0.88
CA GLN D 136 18.69 11.86 0.01
C GLN D 136 19.07 10.44 0.43
N PHE D 137 19.11 10.13 1.72
CA PHE D 137 19.43 8.77 2.22
C PHE D 137 18.39 7.79 1.68
N LEU D 138 17.10 8.14 1.77
CA LEU D 138 16.02 7.24 1.33
C LEU D 138 16.10 7.05 -0.19
N ILE D 139 16.54 8.09 -0.91
CA ILE D 139 16.66 8.01 -2.40
C ILE D 139 17.85 7.11 -2.75
N ASN D 140 18.99 7.29 -2.09
CA ASN D 140 20.26 6.58 -2.43
C ASN D 140 20.14 5.08 -2.10
N THR D 141 19.34 4.70 -1.10
CA THR D 141 19.15 3.28 -0.68
C THR D 141 18.05 2.63 -1.51
N ASN D 142 17.40 3.39 -2.39
CA ASN D 142 16.29 2.85 -3.21
C ASN D 142 15.13 2.37 -2.31
N SER D 143 14.83 3.09 -1.24
CA SER D 143 13.77 2.73 -0.28
C SER D 143 12.42 2.68 -0.99
N GLU D 144 11.50 1.86 -0.47
CA GLU D 144 10.10 1.84 -0.95
C GLU D 144 9.47 3.25 -0.89
N LEU D 145 9.73 4.04 0.14
CA LEU D 145 9.16 5.43 0.26
C LEU D 145 9.60 6.27 -0.94
N ALA D 146 10.90 6.26 -1.27
CA ALA D 146 11.43 7.00 -2.44
C ALA D 146 10.76 6.51 -3.74
N LEU D 147 10.50 5.20 -3.85
CA LEU D 147 9.87 4.58 -5.06
C LEU D 147 8.44 5.10 -5.18
N MET D 148 7.73 5.11 -4.06
CA MET D 148 6.30 5.49 -3.99
C MET D 148 6.13 6.96 -4.38
N TYR D 149 7.05 7.83 -3.98
CA TYR D 149 6.89 9.30 -4.11
C TYR D 149 7.83 9.85 -5.19
N ASN D 150 8.36 8.98 -6.03
CA ASN D 150 9.14 9.39 -7.22
C ASN D 150 10.25 10.35 -6.81
N ASP D 151 10.93 10.06 -5.71
CA ASP D 151 12.11 10.81 -5.21
C ASP D 151 11.79 12.29 -4.90
N SER D 152 10.52 12.68 -4.81
CA SER D 152 10.10 14.12 -4.71
C SER D 152 9.44 14.36 -3.34
N SER D 153 10.07 15.16 -2.50
CA SER D 153 9.58 15.49 -1.13
C SER D 153 9.10 14.20 -0.45
N VAL D 154 9.96 13.18 -0.45
CA VAL D 154 9.60 11.79 -0.06
C VAL D 154 9.06 11.81 1.37
N LEU D 155 9.83 12.33 2.31
CA LEU D 155 9.40 12.33 3.73
C LEU D 155 8.15 13.18 3.92
N GLU D 156 8.11 14.34 3.26
CA GLU D 156 7.01 15.30 3.46
C GLU D 156 5.69 14.71 2.92
N ASN D 157 5.72 14.05 1.76
CA ASN D 157 4.55 13.32 1.21
C ASN D 157 4.12 12.26 2.22
N HIS D 158 5.08 11.54 2.80
CA HIS D 158 4.80 10.43 3.74
C HIS D 158 4.18 10.99 5.04
N HIS D 159 4.72 12.07 5.60
CA HIS D 159 4.16 12.74 6.82
C HIS D 159 2.67 13.03 6.61
N LEU D 160 2.35 13.62 5.47
CA LEU D 160 0.95 13.96 5.14
C LEU D 160 0.13 12.68 5.08
N ALA D 161 0.58 11.68 4.34
CA ALA D 161 -0.23 10.45 4.08
C ALA D 161 -0.50 9.78 5.42
N VAL D 162 0.49 9.72 6.31
CA VAL D 162 0.31 9.10 7.65
C VAL D 162 -0.62 9.96 8.52
N GLY D 163 -0.40 11.27 8.56
CA GLY D 163 -1.27 12.19 9.34
C GLY D 163 -2.73 11.99 9.00
N PHE D 164 -3.06 11.93 7.72
CA PHE D 164 -4.46 11.75 7.24
C PHE D 164 -4.92 10.31 7.44
N LYS D 165 -4.07 9.32 7.16
CA LYS D 165 -4.43 7.88 7.30
C LYS D 165 -4.82 7.59 8.74
N LEU D 166 -4.16 8.20 9.74
CA LEU D 166 -4.43 7.91 11.17
C LEU D 166 -5.83 8.40 11.55
N LEU D 167 -6.46 9.30 10.79
CA LEU D 167 -7.86 9.70 11.02
C LEU D 167 -8.82 8.49 10.91
N GLN D 168 -8.43 7.44 10.19
CA GLN D 168 -9.28 6.25 9.94
C GLN D 168 -9.18 5.22 11.06
N GLU D 169 -8.30 5.40 12.05
CA GLU D 169 -8.19 4.45 13.20
C GLU D 169 -9.41 4.65 14.12
N GLU D 170 -9.64 3.73 15.05
CA GLU D 170 -10.89 3.69 15.88
C GLU D 170 -11.00 4.99 16.68
N ASN D 171 -12.10 5.71 16.48
CA ASN D 171 -12.49 6.97 17.16
C ASN D 171 -11.39 8.03 17.00
N CYS D 172 -10.85 8.18 15.79
CA CYS D 172 -9.74 9.12 15.45
C CYS D 172 -10.16 10.22 14.47
N ASP D 173 -11.38 10.21 13.94
CA ASP D 173 -11.76 11.16 12.86
C ASP D 173 -12.19 12.48 13.50
N ILE D 174 -11.22 13.35 13.80
CA ILE D 174 -11.47 14.64 14.50
C ILE D 174 -12.20 15.61 13.56
N PHE D 175 -12.23 15.35 12.25
CA PHE D 175 -12.94 16.16 11.23
C PHE D 175 -14.31 15.56 10.86
N GLN D 176 -14.89 14.70 11.69
CA GLN D 176 -16.14 13.96 11.34
C GLN D 176 -17.29 14.94 11.14
N ASN D 177 -17.30 16.09 11.80
CA ASN D 177 -18.45 17.03 11.82
C ASN D 177 -18.18 18.27 10.97
N LEU D 178 -17.07 18.33 10.23
CA LEU D 178 -16.84 19.36 9.21
C LEU D 178 -17.65 19.01 7.94
N THR D 179 -18.20 19.99 7.26
CA THR D 179 -18.84 19.78 5.93
C THR D 179 -17.77 19.33 4.94
N LYS D 180 -18.20 18.77 3.81
CA LYS D 180 -17.32 18.38 2.69
C LYS D 180 -16.48 19.59 2.26
N LYS D 181 -17.09 20.77 2.19
CA LYS D 181 -16.41 22.01 1.70
C LYS D 181 -15.29 22.35 2.69
N GLN D 182 -15.56 22.31 3.99
CA GLN D 182 -14.55 22.56 5.05
C GLN D 182 -13.42 21.53 4.92
N ARG D 183 -13.75 20.25 4.74
CA ARG D 183 -12.73 19.16 4.71
C ARG D 183 -11.87 19.31 3.46
N GLN D 184 -12.43 19.67 2.31
CA GLN D 184 -11.63 19.84 1.07
C GLN D 184 -10.68 21.04 1.22
N SER D 185 -11.15 22.13 1.80
CA SER D 185 -10.33 23.36 2.00
C SER D 185 -9.23 23.08 3.03
N LEU D 186 -9.58 22.47 4.18
CA LEU D 186 -8.61 22.10 5.25
C LEU D 186 -7.53 21.23 4.67
N ARG D 187 -7.94 20.17 3.95
CA ARG D 187 -7.00 19.19 3.35
C ARG D 187 -6.03 19.90 2.40
N LYS D 188 -6.53 20.74 1.51
CA LYS D 188 -5.64 21.41 0.54
C LYS D 188 -4.65 22.30 1.31
N MET D 189 -5.09 23.02 2.32
CA MET D 189 -4.17 23.95 3.07
C MET D 189 -3.13 23.12 3.81
N VAL D 190 -3.54 22.02 4.45
CA VAL D 190 -2.59 21.17 5.22
C VAL D 190 -1.54 20.63 4.28
N ILE D 191 -1.96 20.09 3.14
CA ILE D 191 -1.01 19.57 2.11
C ILE D 191 -0.04 20.69 1.68
N ASP D 192 -0.56 21.85 1.31
CA ASP D 192 0.27 23.01 0.86
C ASP D 192 1.27 23.41 1.97
N ILE D 193 0.87 23.36 3.24
CA ILE D 193 1.77 23.75 4.37
C ILE D 193 2.86 22.70 4.53
N VAL D 194 2.51 21.41 4.66
CA VAL D 194 3.53 20.37 4.97
C VAL D 194 4.53 20.20 3.81
N LEU D 195 4.06 20.25 2.56
CA LEU D 195 4.97 20.13 1.39
C LEU D 195 5.98 21.30 1.39
N ALA D 196 5.59 22.46 1.93
CA ALA D 196 6.48 23.64 2.05
C ALA D 196 7.54 23.46 3.13
N THR D 197 7.47 22.42 3.99
CA THR D 197 8.48 22.22 5.07
C THR D 197 9.74 21.58 4.50
N ASP D 198 9.67 21.04 3.29
CA ASP D 198 10.86 20.49 2.59
C ASP D 198 11.87 21.62 2.38
N MET D 199 13.09 21.48 2.91
CA MET D 199 14.14 22.54 2.81
C MET D 199 14.45 22.87 1.35
N SER D 200 14.20 21.96 0.40
CA SER D 200 14.44 22.23 -1.03
C SER D 200 13.53 23.37 -1.49
N LYS D 201 12.47 23.69 -0.74
CA LYS D 201 11.50 24.74 -1.14
C LYS D 201 11.82 26.07 -0.45
N HIS D 202 12.81 26.09 0.44
CA HIS D 202 13.15 27.25 1.32
C HIS D 202 13.38 28.53 0.51
N MET D 203 14.25 28.49 -0.50
CA MET D 203 14.68 29.69 -1.26
C MET D 203 13.47 30.29 -1.98
N ASN D 204 12.62 29.48 -2.62
CA ASN D 204 11.40 30.03 -3.30
C ASN D 204 10.43 30.60 -2.27
N LEU D 205 10.23 29.94 -1.12
CA LEU D 205 9.33 30.44 -0.06
C LEU D 205 9.82 31.82 0.41
N LEU D 206 11.13 31.93 0.67
CA LEU D 206 11.79 33.15 1.19
C LEU D 206 11.68 34.27 0.15
N ALA D 207 11.93 33.98 -1.13
CA ALA D 207 11.79 34.97 -2.23
C ALA D 207 10.36 35.52 -2.21
N ASP D 208 9.35 34.65 -2.14
CA ASP D 208 7.91 35.04 -2.14
C ASP D 208 7.57 35.85 -0.87
N LEU D 209 8.10 35.46 0.30
CA LEU D 209 7.89 36.23 1.55
C LEU D 209 8.47 37.64 1.39
N LYS D 210 9.67 37.78 0.81
CA LYS D 210 10.37 39.07 0.57
C LYS D 210 9.49 39.95 -0.34
N THR D 211 9.01 39.40 -1.44
CA THR D 211 8.12 40.08 -2.40
C THR D 211 6.90 40.60 -1.65
N MET D 212 6.35 39.80 -0.74
CA MET D 212 5.16 40.21 0.05
C MET D 212 5.52 41.37 0.99
N VAL D 213 6.69 41.34 1.62
CA VAL D 213 7.16 42.43 2.52
C VAL D 213 7.34 43.73 1.71
N GLU D 214 7.91 43.65 0.51
CA GLU D 214 8.12 44.80 -0.42
C GLU D 214 6.78 45.42 -0.83
N THR D 215 5.71 44.63 -1.03
CA THR D 215 4.36 45.10 -1.47
C THR D 215 3.37 45.08 -0.30
N LYS D 216 3.87 45.05 0.93
CA LYS D 216 3.06 44.84 2.17
C LYS D 216 1.98 45.92 2.29
N LYS D 217 0.72 45.53 2.52
CA LYS D 217 -0.41 46.43 2.83
C LYS D 217 -1.03 46.04 4.19
N VAL D 218 -1.45 47.06 4.96
CA VAL D 218 -2.16 46.89 6.24
C VAL D 218 -3.56 47.49 6.11
N THR D 219 -4.55 46.89 6.78
CA THR D 219 -5.94 47.42 6.89
C THR D 219 -5.94 48.66 7.80
N SER D 220 -7.09 49.30 7.97
CA SER D 220 -7.31 50.44 8.90
C SER D 220 -7.03 50.01 10.36
N SER D 221 -7.21 48.72 10.67
CA SER D 221 -7.04 48.13 12.02
C SER D 221 -5.59 47.69 12.24
N GLY D 222 -4.70 47.91 11.25
CA GLY D 222 -3.24 47.76 11.40
C GLY D 222 -2.76 46.32 11.25
N VAL D 223 -3.60 45.44 10.71
CA VAL D 223 -3.28 44.01 10.49
C VAL D 223 -3.02 43.81 9.00
N LEU D 224 -2.26 42.77 8.67
CA LEU D 224 -1.89 42.41 7.28
C LEU D 224 -3.14 42.23 6.44
N LEU D 225 -3.12 42.78 5.23
CA LEU D 225 -4.15 42.59 4.18
C LEU D 225 -3.72 41.42 3.28
N LEU D 226 -4.49 40.33 3.27
CA LEU D 226 -4.27 39.12 2.44
C LEU D 226 -5.60 38.74 1.80
N ASP D 227 -5.81 39.13 0.53
CA ASP D 227 -7.17 39.08 -0.08
C ASP D 227 -7.28 37.97 -1.15
N ASN D 228 -6.29 37.08 -1.29
CA ASN D 228 -6.33 35.92 -2.21
C ASN D 228 -5.68 34.71 -1.54
N TYR D 229 -6.07 33.50 -1.98
CA TYR D 229 -5.59 32.21 -1.41
C TYR D 229 -4.07 32.18 -1.45
N SER D 230 -3.50 32.53 -2.60
CA SER D 230 -2.05 32.46 -2.88
C SER D 230 -1.26 33.20 -1.79
N ASP D 231 -1.70 34.39 -1.37
CA ASP D 231 -0.99 35.22 -0.36
C ASP D 231 -1.22 34.63 1.03
N ARG D 232 -2.45 34.20 1.31
CA ARG D 232 -2.85 33.63 2.61
C ARG D 232 -2.05 32.33 2.86
N ILE D 233 -1.98 31.43 1.89
CA ILE D 233 -1.30 30.13 2.07
C ILE D 233 0.20 30.37 2.15
N GLN D 234 0.74 31.30 1.36
CA GLN D 234 2.18 31.65 1.39
C GLN D 234 2.56 32.06 2.82
N VAL D 235 1.74 32.87 3.48
CA VAL D 235 2.02 33.33 4.88
C VAL D 235 1.93 32.14 5.84
N LEU D 236 0.94 31.27 5.69
CA LEU D 236 0.79 30.06 6.55
C LEU D 236 1.97 29.13 6.32
N GLN D 237 2.41 28.98 5.08
CA GLN D 237 3.55 28.11 4.72
C GLN D 237 4.80 28.66 5.40
N ASN D 238 5.06 29.96 5.27
CA ASN D 238 6.28 30.58 5.84
C ASN D 238 6.18 30.56 7.37
N MET D 239 4.98 30.73 7.90
CA MET D 239 4.75 30.70 9.37
C MET D 239 5.19 29.33 9.92
N VAL D 240 4.66 28.23 9.36
CA VAL D 240 4.99 26.86 9.86
C VAL D 240 6.48 26.56 9.57
N HIS D 241 6.99 27.04 8.43
CA HIS D 241 8.43 26.95 8.10
C HIS D 241 9.28 27.66 9.16
N CYS D 242 8.92 28.89 9.55
CA CYS D 242 9.58 29.62 10.66
C CYS D 242 9.51 28.81 11.96
N ALA D 243 8.34 28.25 12.27
CA ALA D 243 8.17 27.43 13.49
C ALA D 243 9.13 26.25 13.41
N ASP D 244 9.26 25.65 12.24
CA ASP D 244 10.15 24.48 12.03
C ASP D 244 11.62 24.89 12.18
N LEU D 245 11.95 26.12 11.81
CA LEU D 245 13.34 26.65 11.91
C LEU D 245 13.44 27.63 13.06
N SER D 246 12.73 27.39 14.17
CA SER D 246 12.63 28.32 15.31
C SER D 246 13.66 28.02 16.39
N ASN D 247 14.32 26.86 16.36
CA ASN D 247 15.18 26.40 17.49
C ASN D 247 16.21 27.49 17.83
N PRO D 248 16.96 28.06 16.87
CA PRO D 248 17.99 29.05 17.18
C PRO D 248 17.43 30.38 17.72
N THR D 249 16.10 30.58 17.65
CA THR D 249 15.42 31.80 18.15
C THR D 249 14.89 31.59 19.57
N LYS D 250 15.06 30.41 20.14
CA LYS D 250 14.54 30.13 21.51
C LYS D 250 15.60 30.52 22.53
N PRO D 251 15.23 30.70 23.81
CA PRO D 251 16.22 30.83 24.88
C PRO D 251 17.31 29.74 24.74
N LEU D 252 18.56 30.12 25.04
CA LEU D 252 19.77 29.33 24.72
C LEU D 252 19.68 27.93 25.34
N GLN D 253 19.18 27.78 26.56
CA GLN D 253 19.12 26.45 27.21
C GLN D 253 18.26 25.49 26.35
N LEU D 254 17.23 26.00 25.65
CA LEU D 254 16.39 25.17 24.73
C LEU D 254 17.16 24.90 23.44
N TYR D 255 17.67 25.97 22.81
CA TYR D 255 18.44 25.89 21.55
C TYR D 255 19.53 24.80 21.68
N ARG D 256 20.26 24.77 22.80
CA ARG D 256 21.39 23.85 23.01
C ARG D 256 20.88 22.40 23.08
N GLN D 257 19.71 22.18 23.66
CA GLN D 257 19.12 20.81 23.72
C GLN D 257 18.77 20.36 22.30
N TRP D 258 18.22 21.25 21.48
CA TRP D 258 17.85 20.95 20.08
C TRP D 258 19.09 20.66 19.26
N THR D 259 20.16 21.43 19.48
CA THR D 259 21.44 21.23 18.76
C THR D 259 22.00 19.85 19.13
N ASP D 260 22.02 19.49 20.41
CA ASP D 260 22.49 18.15 20.86
C ASP D 260 21.68 17.08 20.12
N ARG D 261 20.37 17.28 20.00
CA ARG D 261 19.46 16.27 19.41
C ARG D 261 19.70 16.19 17.90
N ILE D 262 19.76 17.30 17.18
CA ILE D 262 19.90 17.23 15.69
C ILE D 262 21.28 16.60 15.40
N MET D 263 22.28 16.90 16.22
CA MET D 263 23.65 16.42 15.93
C MET D 263 23.69 14.90 16.22
N GLU D 264 23.03 14.43 17.27
CA GLU D 264 22.91 12.98 17.52
C GLU D 264 22.26 12.31 16.30
N GLU D 265 21.21 12.92 15.74
CA GLU D 265 20.44 12.30 14.63
C GLU D 265 21.33 12.30 13.37
N PHE D 266 21.98 13.42 13.07
CA PHE D 266 22.88 13.56 11.89
C PHE D 266 24.05 12.56 11.99
N PHE D 267 24.67 12.45 13.17
CA PHE D 267 25.83 11.56 13.38
C PHE D 267 25.40 10.10 13.16
N ARG D 268 24.21 9.73 13.65
CA ARG D 268 23.64 8.37 13.41
C ARG D 268 23.47 8.16 11.91
N GLN D 269 22.97 9.15 11.15
CA GLN D 269 22.82 9.00 9.68
C GLN D 269 24.22 8.79 9.07
N GLY D 270 25.21 9.58 9.52
CA GLY D 270 26.59 9.48 9.04
C GLY D 270 27.18 8.11 9.31
N ASP D 271 26.90 7.53 10.49
CA ASP D 271 27.37 6.17 10.85
C ASP D 271 26.73 5.15 9.89
N ARG D 272 25.45 5.28 9.58
CA ARG D 272 24.76 4.36 8.65
C ARG D 272 25.36 4.52 7.26
N GLU D 273 25.65 5.74 6.82
CA GLU D 273 26.26 6.02 5.50
C GLU D 273 27.67 5.39 5.44
N ARG D 274 28.50 5.57 6.46
CA ARG D 274 29.89 5.05 6.52
C ARG D 274 29.87 3.51 6.46
N GLU D 275 29.07 2.86 7.31
CA GLU D 275 28.82 1.39 7.32
C GLU D 275 28.54 0.84 5.92
N ARG D 276 27.79 1.61 5.12
CA ARG D 276 27.27 1.14 3.80
C ARG D 276 28.20 1.58 2.66
N GLY D 277 29.29 2.28 2.96
CA GLY D 277 30.23 2.83 1.96
C GLY D 277 29.63 3.95 1.13
N MET D 278 28.61 4.63 1.65
CA MET D 278 27.99 5.82 0.99
C MET D 278 28.83 7.04 1.35
N GLU D 279 28.82 8.06 0.49
CA GLU D 279 29.31 9.41 0.84
C GLU D 279 28.58 9.86 2.11
N ILE D 280 29.31 10.36 3.11
CA ILE D 280 28.71 10.91 4.35
C ILE D 280 28.15 12.31 4.06
N SER D 281 26.90 12.56 4.46
CA SER D 281 26.16 13.80 4.19
C SER D 281 26.79 14.95 4.99
N PRO D 282 26.65 16.22 4.54
CA PRO D 282 27.13 17.38 5.30
C PRO D 282 26.69 17.34 6.77
N MET D 283 27.63 17.60 7.67
CA MET D 283 27.43 17.73 9.14
C MET D 283 27.08 16.38 9.78
N CYS D 284 27.14 15.27 9.04
CA CYS D 284 26.78 13.93 9.56
C CYS D 284 28.03 13.12 9.96
N ASP D 285 29.24 13.64 9.72
CA ASP D 285 30.51 12.94 10.06
C ASP D 285 30.96 13.37 11.45
N LYS D 286 30.75 12.53 12.47
CA LYS D 286 31.16 12.79 13.87
C LYS D 286 32.68 12.92 13.99
N HIS D 287 33.45 12.40 13.02
CA HIS D 287 34.94 12.43 13.02
C HIS D 287 35.44 13.71 12.34
N ASN D 288 34.55 14.47 11.68
CA ASN D 288 34.90 15.66 10.88
C ASN D 288 33.78 16.70 11.03
N ALA D 289 33.46 17.06 12.28
CA ALA D 289 32.30 17.91 12.65
C ALA D 289 32.76 19.23 13.27
N SER D 290 32.07 20.30 12.91
CA SER D 290 32.21 21.67 13.47
C SER D 290 30.83 22.15 13.92
N VAL D 291 30.30 21.57 14.99
CA VAL D 291 28.90 21.79 15.47
C VAL D 291 28.68 23.31 15.58
N GLU D 292 29.60 24.01 16.24
CA GLU D 292 29.48 25.45 16.52
C GLU D 292 29.53 26.24 15.22
N LYS D 293 30.50 25.93 14.35
CA LYS D 293 30.65 26.63 13.06
C LYS D 293 29.39 26.38 12.22
N SER D 294 28.86 25.16 12.28
CA SER D 294 27.66 24.75 11.49
C SER D 294 26.44 25.55 11.98
N GLN D 295 26.29 25.74 13.29
CA GLN D 295 25.16 26.52 13.84
C GLN D 295 25.27 27.97 13.34
N VAL D 296 26.45 28.57 13.43
CA VAL D 296 26.66 29.96 12.93
C VAL D 296 26.33 30.02 11.44
N GLY D 297 26.78 29.04 10.66
CA GLY D 297 26.47 28.94 9.22
C GLY D 297 24.98 28.81 8.96
N PHE D 298 24.30 27.95 9.71
CA PHE D 298 22.84 27.73 9.60
C PHE D 298 22.10 29.05 9.86
N ILE D 299 22.51 29.74 10.93
CA ILE D 299 21.87 31.03 11.31
C ILE D 299 22.11 32.03 10.18
N ASP D 300 23.35 32.17 9.72
CA ASP D 300 23.76 33.24 8.77
C ASP D 300 23.10 33.01 7.42
N TYR D 301 23.03 31.79 6.91
CA TYR D 301 22.58 31.51 5.52
C TYR D 301 21.09 31.15 5.45
N ILE D 302 20.49 30.62 6.52
CA ILE D 302 19.11 30.07 6.47
C ILE D 302 18.20 30.80 7.48
N VAL D 303 18.52 30.70 8.76
CA VAL D 303 17.55 31.03 9.85
C VAL D 303 17.38 32.55 9.93
N HIS D 304 18.48 33.32 9.97
CA HIS D 304 18.43 34.80 10.11
C HIS D 304 17.79 35.43 8.88
N PRO D 305 18.12 35.08 7.62
CA PRO D 305 17.42 35.67 6.47
C PRO D 305 15.90 35.42 6.53
N LEU D 306 15.49 34.25 7.00
CA LEU D 306 14.05 33.89 7.07
C LEU D 306 13.40 34.73 8.18
N TRP D 307 13.93 34.67 9.39
CA TRP D 307 13.33 35.37 10.55
C TRP D 307 13.38 36.89 10.40
N GLU D 308 14.42 37.41 9.77
CA GLU D 308 14.56 38.87 9.46
C GLU D 308 13.41 39.26 8.55
N THR D 309 13.13 38.44 7.54
CA THR D 309 12.04 38.75 6.59
C THR D 309 10.70 38.62 7.31
N TRP D 310 10.51 37.57 8.12
CA TRP D 310 9.25 37.40 8.89
C TRP D 310 9.07 38.63 9.82
N ALA D 311 10.13 39.05 10.52
CA ALA D 311 10.09 40.17 11.50
C ALA D 311 9.61 41.44 10.79
N ASP D 312 10.06 41.66 9.54
CA ASP D 312 9.63 42.79 8.69
C ASP D 312 8.14 42.67 8.39
N LEU D 313 7.64 41.48 8.06
CA LEU D 313 6.21 41.27 7.72
C LEU D 313 5.34 41.66 8.93
N VAL D 314 5.76 41.30 10.15
CA VAL D 314 4.88 41.49 11.34
C VAL D 314 5.45 42.60 12.25
N HIS D 315 6.31 43.46 11.71
CA HIS D 315 7.05 44.52 12.46
C HIS D 315 6.09 45.27 13.38
N PRO D 316 6.41 45.50 14.67
CA PRO D 316 7.61 44.99 15.34
C PRO D 316 7.43 43.76 16.22
N ASP D 317 6.39 42.96 15.94
CA ASP D 317 5.94 41.85 16.84
C ASP D 317 7.08 40.86 17.13
N ALA D 318 8.03 40.65 16.21
CA ALA D 318 9.04 39.56 16.32
C ALA D 318 10.40 40.10 16.78
N GLN D 319 10.48 41.34 17.25
CA GLN D 319 11.81 41.98 17.52
C GLN D 319 12.57 41.17 18.58
N ASP D 320 11.91 40.69 19.64
CA ASP D 320 12.60 39.97 20.75
C ASP D 320 13.09 38.60 20.26
N ILE D 321 12.36 37.98 19.33
CA ILE D 321 12.73 36.68 18.71
C ILE D 321 14.00 36.92 17.87
N LEU D 322 14.02 37.95 17.03
CA LEU D 322 15.22 38.29 16.22
C LEU D 322 16.40 38.60 17.14
N ASP D 323 16.19 39.33 18.24
CA ASP D 323 17.28 39.67 19.20
C ASP D 323 17.85 38.38 19.81
N THR D 324 16.98 37.45 20.21
CA THR D 324 17.41 36.18 20.83
C THR D 324 18.27 35.42 19.81
N LEU D 325 17.88 35.46 18.53
CA LEU D 325 18.59 34.73 17.46
C LEU D 325 20.02 35.29 17.32
N GLU D 326 20.16 36.61 17.30
CA GLU D 326 21.49 37.29 17.18
C GLU D 326 22.32 37.00 18.45
N ASP D 327 21.72 36.97 19.63
CA ASP D 327 22.46 36.63 20.89
C ASP D 327 22.97 35.18 20.80
N ASN D 328 22.11 34.27 20.32
CA ASN D 328 22.43 32.82 20.25
C ASN D 328 23.54 32.60 19.22
N ARG D 329 23.49 33.32 18.10
CA ARG D 329 24.51 33.28 17.04
C ARG D 329 25.88 33.65 17.66
N GLU D 330 25.93 34.72 18.47
CA GLU D 330 27.20 35.22 19.07
C GLU D 330 27.68 34.19 20.07
N TRP D 331 26.77 33.59 20.83
CA TRP D 331 27.18 32.56 21.82
C TRP D 331 27.86 31.40 21.10
N TYR D 332 27.32 30.90 20.00
CA TYR D 332 27.91 29.77 19.24
C TYR D 332 29.24 30.20 18.61
N GLN D 333 29.33 31.40 18.03
CA GLN D 333 30.58 31.99 17.46
C GLN D 333 31.70 31.92 18.52
N SER D 334 31.39 32.31 19.76
CA SER D 334 32.37 32.42 20.87
C SER D 334 32.83 31.03 21.35
N THR D 335 32.21 29.94 20.90
CA THR D 335 32.57 28.57 21.35
C THR D 335 33.22 27.76 20.21
N ILE D 336 33.38 28.36 19.04
CA ILE D 336 34.02 27.66 17.91
C ILE D 336 35.46 27.34 18.32
N PRO D 337 35.93 26.09 18.27
CA PRO D 337 37.28 25.78 18.69
C PRO D 337 38.38 26.48 17.89
N GLN D 338 39.49 26.69 18.57
CA GLN D 338 40.73 27.29 18.03
C GLN D 338 41.16 26.52 16.78
ZN ZN E . -17.17 -16.01 -6.63
MG MG F . -13.54 -15.95 -5.44
C1 EDO G . -8.54 -22.68 -13.76
O1 EDO G . -7.79 -23.87 -13.57
C2 EDO G . -7.95 -21.48 -13.12
O2 EDO G . -7.15 -21.80 -11.99
C1 EDO H . -19.33 -7.09 -17.48
O1 EDO H . -19.73 -8.27 -18.16
C2 EDO H . -20.34 -6.52 -16.53
O2 EDO H . -19.77 -5.51 -15.67
C1 EDO I . -23.98 -12.87 16.69
O1 EDO I . -24.84 -11.90 16.05
C2 EDO I . -22.62 -13.07 16.09
O2 EDO I . -22.33 -14.41 15.61
C1 EDO J . 0.93 -3.23 -9.15
O1 EDO J . 0.13 -2.07 -9.27
C2 EDO J . 1.05 -4.02 -10.38
O2 EDO J . 0.23 -5.16 -10.35
C1 EDO K . -31.27 -2.06 16.80
O1 EDO K . -32.01 -2.31 15.64
C2 EDO K . -31.32 -0.60 17.04
O2 EDO K . -30.94 0.12 15.87
C1 EDO L . -13.42 5.93 -6.71
O1 EDO L . -14.56 5.09 -6.53
C2 EDO L . -12.18 5.20 -7.10
O2 EDO L . -11.39 4.63 -6.03
C1 EDO M . -33.93 -22.60 -0.12
O1 EDO M . -34.85 -22.39 -1.17
C2 EDO M . -33.41 -23.98 -0.07
O2 EDO M . -32.23 -24.18 0.72
C1 EDO N . -10.32 -14.32 11.38
O1 EDO N . -11.25 -15.13 12.05
C2 EDO N . -10.58 -12.88 11.56
O2 EDO N . -10.27 -12.39 12.86
N1 EPE O . -30.80 -13.11 -21.74
C2 EPE O . -31.88 -12.14 -22.06
C3 EPE O . -31.75 -11.65 -23.51
N4 EPE O . -30.40 -11.09 -23.74
C5 EPE O . -29.39 -12.13 -23.43
C6 EPE O . -29.49 -12.46 -21.95
C7 EPE O . -30.24 -10.60 -25.12
C8 EPE O . -28.88 -9.90 -25.30
O8 EPE O . -29.05 -8.62 -25.91
C9 EPE O . -30.80 -13.76 -20.40
C10 EPE O . -31.96 -13.41 -19.46
S EPE O . -31.68 -13.94 -17.88
O1S EPE O . -31.36 -12.85 -17.00
O2S EPE O . -30.55 -14.89 -17.89
O3S EPE O . -32.92 -14.64 -17.43
C1 EDO P . -6.23 -2.82 -0.81
O1 EDO P . -7.08 -1.78 -1.25
C2 EDO P . -5.36 -2.42 0.30
O2 EDO P . -5.79 -1.26 1.00
ZN ZN Q . 10.00 -13.61 17.81
MG MG R . 6.71 -12.82 16.15
C1 EDO S . 0.17 -10.11 25.98
O1 EDO S . -1.17 -10.45 26.25
C2 EDO S . 0.27 -9.20 24.82
O2 EDO S . -0.30 -9.79 23.68
C1 EDO T . 12.42 -11.98 40.12
O1 EDO T . 12.04 -11.79 41.47
C2 EDO T . 11.34 -12.61 39.33
O2 EDO T . 10.72 -11.75 38.38
C1 EDO U . -5.99 -4.19 22.86
O1 EDO U . -5.70 -5.54 22.99
C2 EDO U . -7.14 -3.67 23.71
O2 EDO U . -7.89 -4.54 24.55
C1 EDO V . -0.05 3.58 9.97
O1 EDO V . -0.49 4.31 8.85
C2 EDO V . 1.36 3.09 9.85
O2 EDO V . 2.33 4.10 9.69
C1 EDO W . 19.51 -30.01 20.28
O1 EDO W . 18.92 -29.64 19.03
C2 EDO W . 20.55 -29.08 20.78
O2 EDO W . 21.85 -29.35 20.31
C1 R5Z X . 10.35 -14.45 28.24
O2 R5Z X . 3.29 -14.45 21.41
C3 R5Z X . 8.53 -14.62 26.08
C5 R5Z X . 6.24 -14.47 25.33
C6 R5Z X . 5.19 -14.34 24.32
C7 R5Z X . 1.77 -15.00 24.12
C8 R5Z X . 0.79 -13.82 23.99
C9 R5Z X . -0.43 -13.82 24.91
C10 R5Z X . -0.85 -15.15 25.54
C11 R5Z X . -1.05 -16.30 24.56
C12 R5Z X . 0.21 -17.08 24.24
C14 R5Z X . 3.79 -14.48 22.51
C15 R5Z X . 5.28 -14.32 22.81
C17 R5Z X . 6.10 -15.48 22.23
C18 R5Z X . 5.82 -14.50 26.66
C19 R5Z X . 6.72 -14.60 27.70
C16 R5Z X . 5.80 -12.98 22.25
C13 R5Z X . 1.28 -16.29 23.47
N1 R5Z X . 3.98 -14.18 24.74
C4 R5Z X . 7.60 -14.52 25.04
C2 R5Z X . 8.12 -14.67 27.41
O1 R5Z X . 8.98 -14.76 28.47
C20 R5Z X . 5.18 -15.68 29.28
C21 R5Z X . 3.73 -15.20 29.28
C22 R5Z X . 2.58 -16.22 29.33
C23 R5Z X . 2.06 -16.82 28.18
C24 R5Z X . 1.01 -17.73 28.23
C25 R5Z X . 0.41 -18.05 29.43
C26 R5Z X . 0.88 -17.46 30.58
C27 R5Z X . 1.94 -16.55 30.53
N2 R5Z X . 3.16 -14.60 23.73
O3 R5Z X . 6.19 -14.64 28.98
C1 EDO Y . -9.84 8.32 26.60
O1 EDO Y . -9.19 7.55 25.63
C2 EDO Y . -9.98 9.64 26.01
O2 EDO Y . -9.82 9.54 24.63
ZN ZN Z . -2.32 10.15 -22.10
MG MG AA . -2.44 10.84 -18.50
C1 EDO BA . -13.04 16.92 -17.98
O1 EDO BA . -13.53 18.02 -17.24
C2 EDO BA . -13.07 15.66 -17.21
O2 EDO BA . -12.03 15.60 -16.27
C1 EDO CA . 8.11 16.42 -37.40
O1 EDO CA . 8.59 15.08 -37.28
C2 EDO CA . 7.65 17.04 -36.10
O2 EDO CA . 8.66 17.33 -35.13
C1 EDO DA . -18.29 17.16 -5.69
O1 EDO DA . -19.42 17.70 -6.36
C2 EDO DA . -17.49 18.19 -4.97
O2 EDO DA . -17.24 17.84 -3.62
C1 EDO EA . -0.21 -9.43 -14.35
O1 EDO EA . 0.14 -10.41 -15.29
C2 EDO EA . -0.52 -9.90 -12.98
O2 EDO EA . -0.46 -8.84 -12.02
C1 EDO FA . -5.90 -5.33 -23.08
O1 EDO FA . -5.70 -3.98 -22.78
C2 EDO FA . -6.28 -6.02 -21.85
O2 EDO FA . -6.32 -5.13 -20.73
C1 EDO GA . -9.13 14.49 -17.96
O1 EDO GA . -8.46 14.98 -16.84
C2 EDO GA . -8.81 13.08 -18.24
O2 EDO GA . -8.93 12.28 -17.09
C1 R5Z HA . -9.79 14.46 -28.67
O2 R5Z HA . -6.21 15.67 -19.64
C3 R5Z HA . -8.62 14.64 -26.13
C5 R5Z HA . -8.58 15.66 -23.96
C6 R5Z HA . -8.05 15.83 -22.59
C7 R5Z HA . -8.06 18.10 -19.91
C8 R5Z HA . -9.41 17.97 -19.18
C9 R5Z HA . -10.19 19.24 -18.88
C10 R5Z HA . -9.38 20.38 -18.24
C11 R5Z HA . -8.70 21.30 -19.23
C12 R5Z HA . -7.58 20.65 -20.00
C14 R5Z HA . -6.89 15.91 -20.60
C15 R5Z HA . -6.88 15.14 -21.91
C17 R5Z HA . -5.56 15.40 -22.65
C18 R5Z HA . -9.66 16.47 -24.33
C19 R5Z HA . -10.23 16.39 -25.59
C16 R5Z HA . -7.08 13.64 -21.65
C13 R5Z HA . -7.94 19.38 -20.75
N1 R5Z HA . -8.62 16.71 -21.85
C4 R5Z HA . -8.07 14.74 -24.86
C2 R5Z HA . -9.69 15.45 -26.50
O1 R5Z HA . -10.28 15.43 -27.74
C20 R5Z HA . -11.94 18.17 -25.06
C21 R5Z HA . -10.98 19.12 -24.35
C22 R5Z HA . -11.25 20.60 -24.05
C23 R5Z HA . -10.40 21.31 -23.20
C24 R5Z HA . -10.61 22.65 -22.91
C25 R5Z HA . -11.67 23.33 -23.46
C26 R5Z HA . -12.53 22.66 -24.31
C27 R5Z HA . -12.32 21.30 -24.61
N2 R5Z HA . -7.83 16.91 -20.77
O3 R5Z HA . -11.29 17.20 -25.98
C1 EDO IA . -3.67 8.24 -43.10
O1 EDO IA . -4.13 7.75 -41.83
C2 EDO IA . -4.71 8.30 -44.15
O2 EDO IA . -5.29 7.03 -44.42
N1 EPE JA . -10.83 1.26 -39.19
C2 EPE JA . -10.88 -0.03 -39.92
C3 EPE JA . -12.25 -0.71 -39.85
N4 EPE JA . -12.78 -0.81 -38.47
C5 EPE JA . -12.67 0.49 -37.76
C6 EPE JA . -11.26 1.07 -37.80
C7 EPE JA . -14.17 -1.31 -38.50
C8 EPE JA . -14.93 -1.02 -37.21
O8 EPE JA . -16.17 -1.73 -37.18
C9 EPE JA . -9.43 1.74 -39.21
C10 EPE JA . -9.30 3.20 -38.81
S EPE JA . -7.71 3.72 -38.68
O1S EPE JA . -6.77 2.76 -37.98
O2S EPE JA . -7.84 4.95 -37.86
O3S EPE JA . -7.19 4.19 -39.99
ZN ZN KA . 10.21 19.51 11.38
MG MG LA . 10.46 17.78 8.11
C1 EDO MA . 2.90 44.76 18.88
O1 EDO MA . 4.00 43.87 18.71
C2 EDO MA . 2.66 45.16 20.29
O2 EDO MA . 1.96 44.15 21.02
C1 EDO NA . -10.76 50.71 12.57
O1 EDO NA . -10.42 49.68 11.63
C2 EDO NA . -10.10 52.01 12.33
O2 EDO NA . -10.68 52.84 11.34
C1 EDO OA . 21.51 15.74 6.83
O1 EDO OA . 20.66 15.37 5.79
C2 EDO OA . 22.26 16.99 6.55
O2 EDO OA . 23.47 16.80 5.82
C1 EDO PA . -10.29 16.16 6.36
O1 EDO PA . -11.34 15.20 6.38
C2 EDO PA . -9.08 15.63 5.73
O2 EDO PA . -9.39 14.80 4.61
C1 EDO QA . -3.64 19.77 -3.76
O1 EDO QA . -4.95 20.09 -3.30
C2 EDO QA . -2.55 20.60 -3.20
O2 EDO QA . -2.74 22.00 -3.42
C1 EDO RA . 10.54 10.55 22.09
O1 EDO RA . 9.24 9.96 22.23
C2 EDO RA . 11.01 11.36 23.23
O2 EDO RA . 12.32 11.81 23.00
C1 EDO SA . 5.75 36.55 16.50
O1 EDO SA . 5.35 37.34 15.40
C2 EDO SA . 5.87 37.29 17.77
O2 EDO SA . 5.16 36.70 18.84
C1 EDO TA . -5.36 14.06 28.57
O1 EDO TA . -4.15 13.56 29.13
C2 EDO TA . -5.11 15.14 27.60
O2 EDO TA . -5.11 16.44 28.17
C1 EDO UA . -8.25 43.31 20.58
O1 EDO UA . -9.21 42.38 20.12
C2 EDO UA . -7.00 42.62 20.91
O2 EDO UA . -5.92 43.09 20.16
C1 EDO VA . -1.03 1.41 15.35
O1 EDO VA . -1.15 1.81 13.94
C2 EDO VA . -2.12 1.83 16.30
O2 EDO VA . -2.12 3.23 16.69
C1 R5Z WA . 19.31 22.74 15.88
O2 R5Z WA . 15.79 20.21 7.03
C3 R5Z WA . 17.99 22.19 13.38
C5 R5Z WA . 18.28 21.60 11.07
C6 R5Z WA . 17.80 21.13 9.75
C7 R5Z WA . 18.63 21.02 6.30
C8 R5Z WA . 19.20 22.43 6.16
C9 R5Z WA . 20.18 22.68 4.99
C10 R5Z WA . 19.89 21.90 3.72
C11 R5Z WA . 20.52 20.50 3.69
C12 R5Z WA . 19.85 19.47 4.61
C14 R5Z WA . 16.63 20.56 7.84
C15 R5Z WA . 16.38 20.79 9.33
C17 R5Z WA . 15.43 21.99 9.52
C18 R5Z WA . 19.62 21.97 11.15
C19 R5Z WA . 20.18 22.43 12.34
C16 R5Z WA . 15.81 19.52 9.99
C13 R5Z WA . 19.67 19.91 6.06
N1 R5Z WA . 18.65 21.01 8.80
C4 R5Z WA . 17.47 21.72 12.19
C2 R5Z WA . 19.34 22.54 13.49
O1 R5Z WA . 19.92 23.03 14.63
C20 R5Z WA . 22.35 22.38 11.18
C21 R5Z WA . 23.34 23.44 10.77
C22 R5Z WA . 23.56 23.86 9.29
C23 R5Z WA . 22.55 23.80 8.33
C24 R5Z WA . 22.77 24.21 7.02
C25 R5Z WA . 24.00 24.72 6.64
C26 R5Z WA . 25.00 24.80 7.57
C27 R5Z WA . 24.79 24.38 8.88
N2 R5Z WA . 17.94 20.85 7.63
O3 R5Z WA . 21.51 22.77 12.35
C1 PEG XA . 5.40 36.02 22.45
O1 PEG XA . 5.77 35.28 23.62
C2 PEG XA . 6.44 37.09 22.07
O2 PEG XA . 7.59 36.53 21.42
C3 PEG XA . 8.85 37.15 21.77
C4 PEG XA . 9.55 36.41 22.94
O4 PEG XA . 10.96 36.10 22.70
C1 PEG YA . 5.43 8.95 21.74
O1 PEG YA . 4.30 8.11 21.94
C2 PEG YA . 6.62 8.23 21.15
O2 PEG YA . 6.18 7.29 20.18
C3 PEG YA . 6.86 6.04 20.25
C4 PEG YA . 6.75 5.28 18.93
O4 PEG YA . 8.01 4.77 18.47
C1 EDO ZA . -6.13 34.65 13.35
O1 EDO ZA . -5.44 35.38 12.34
C2 EDO ZA . -5.96 35.10 14.76
O2 EDO ZA . -6.90 36.08 15.28
N1 EPE AB . 15.12 20.39 32.08
C2 EPE AB . 14.60 19.43 33.09
C3 EPE AB . 15.67 18.43 33.50
N4 EPE AB . 16.04 17.57 32.36
C5 EPE AB . 16.25 18.34 31.09
C6 EPE AB . 16.29 19.86 31.31
C7 EPE AB . 17.21 16.71 32.71
C8 EPE AB . 16.72 15.30 33.05
O8 EPE AB . 15.75 15.35 34.11
C9 EPE AB . 13.97 20.85 31.25
C10 EPE AB . 14.40 21.76 30.08
S EPE AB . 13.29 22.91 29.57
O1S EPE AB . 12.98 23.84 30.70
O2S EPE AB . 14.01 23.66 28.50
O3S EPE AB . 12.05 22.40 29.05
#